data_4UOO
#
_entry.id   4UOO
#
_cell.length_a   119.760
_cell.length_b   119.760
_cell.length_c   473.910
_cell.angle_alpha   90.00
_cell.angle_beta   90.00
_cell.angle_gamma   90.00
#
_symmetry.space_group_name_H-M   'P 41 21 2'
#
loop_
_entity.id
_entity.type
_entity.pdbx_description
1 polymer 'LIPOTEICHOIC ACID SYNTHASE'
2 non-polymer 'MAGNESIUM ION'
#
_entity_poly.entity_id   1
_entity_poly.type   'polypeptide(L)'
_entity_poly.pdbx_seq_one_letter_code
;MSYYHHHHHHDYDIPTTENLYFQGAMGSGIQDSSDVTEVLNYTKSKYAAPNPEYFGKAKGKNVIYIHLESFQQFLVNYKL
NGEEVTPFINSFFKDQNTLSFTNFFHQTGQGK(TPO)ADSEMLLENSLYGLPQGSAFTTKGQNTYESASAILGQQGYTSA
VFHGNYKSFWNRDEIYKQFGYDNFFDASYYDMNEADVSNYGLKDKPFFKESEEYLSSLQQPFYTKFITLTNHFPYPIDEK
DASIAPATTGDSSVDTYFQTARYLDESVKSFVDYLKKSGLYDNSVIIMYGDHYGISDNHEEAMTKILGKDYNTFENAQAQ
RVPLMIHVPGVQGGVQEQYGGQVDLLPTLLHLLGVDNKEYLQFGTDLLSKDHKQLVPFRNGDYITPTYSMIGGNMYNQQT
GEPIATETKEMKETKEKVAKELELSDSVLQGDLLRFYAPDGFKKVDPSKYNYNKKKSTDSSDK
;
_entity_poly.pdbx_strand_id   A,B,C,D,E
#
# COMPACT_ATOMS: atom_id res chain seq x y z
N VAL A 36 -55.33 7.07 -14.98
CA VAL A 36 -54.32 7.91 -14.35
C VAL A 36 -54.16 7.53 -12.87
N THR A 37 -55.15 7.86 -12.05
CA THR A 37 -55.27 7.35 -10.69
C THR A 37 -56.39 6.33 -10.75
N GLU A 38 -56.98 6.25 -11.94
CA GLU A 38 -58.04 5.29 -12.26
C GLU A 38 -57.49 3.87 -12.26
N VAL A 39 -56.30 3.69 -12.84
CA VAL A 39 -55.64 2.40 -12.90
C VAL A 39 -55.36 1.85 -11.51
N LEU A 40 -54.93 2.73 -10.60
CA LEU A 40 -54.60 2.35 -9.24
C LEU A 40 -55.83 1.84 -8.49
N ASN A 41 -56.99 2.44 -8.77
CA ASN A 41 -58.23 2.05 -8.12
C ASN A 41 -58.71 0.68 -8.58
N TYR A 42 -58.48 0.37 -9.85
CA TYR A 42 -58.80 -0.94 -10.40
C TYR A 42 -57.88 -2.00 -9.81
N THR A 43 -56.60 -1.66 -9.70
CA THR A 43 -55.58 -2.54 -9.17
C THR A 43 -55.90 -3.02 -7.76
N LYS A 44 -56.17 -2.08 -6.86
CA LYS A 44 -56.41 -2.41 -5.46
C LYS A 44 -57.68 -3.21 -5.24
N SER A 45 -58.72 -2.90 -6.01
CA SER A 45 -59.99 -3.60 -5.89
C SER A 45 -59.84 -5.05 -6.35
N LYS A 46 -58.87 -5.28 -7.22
CA LYS A 46 -58.60 -6.61 -7.76
C LYS A 46 -57.62 -7.39 -6.88
N TYR A 47 -56.90 -6.66 -6.03
CA TYR A 47 -55.87 -7.23 -5.18
C TYR A 47 -56.34 -8.42 -4.35
N ALA A 48 -55.54 -9.48 -4.32
CA ALA A 48 -55.85 -10.68 -3.55
C ALA A 48 -54.92 -10.81 -2.35
N ALA A 49 -55.50 -10.88 -1.16
CA ALA A 49 -54.74 -10.99 0.07
C ALA A 49 -53.92 -12.27 0.11
N PRO A 50 -52.70 -12.21 0.69
CA PRO A 50 -51.79 -13.36 0.77
C PRO A 50 -52.39 -14.55 1.50
N ASN A 51 -51.93 -15.75 1.14
CA ASN A 51 -52.33 -16.97 1.83
C ASN A 51 -51.30 -17.32 2.89
N PRO A 52 -51.70 -17.26 4.17
CA PRO A 52 -50.84 -17.49 5.35
C PRO A 52 -49.95 -18.73 5.24
N GLU A 53 -50.43 -19.74 4.52
CA GLU A 53 -49.69 -20.99 4.36
C GLU A 53 -48.47 -20.82 3.44
N TYR A 54 -48.53 -19.84 2.55
CA TYR A 54 -47.47 -19.65 1.57
C TYR A 54 -46.77 -18.29 1.66
N PHE A 55 -47.30 -17.38 2.46
CA PHE A 55 -46.74 -16.04 2.55
C PHE A 55 -45.45 -16.01 3.37
N GLY A 56 -44.38 -15.54 2.73
CA GLY A 56 -43.10 -15.37 3.40
C GLY A 56 -42.32 -16.65 3.58
N LYS A 57 -42.80 -17.74 3.01
CA LYS A 57 -42.17 -19.05 3.16
C LYS A 57 -40.83 -19.13 2.46
N ALA A 58 -40.60 -18.20 1.53
CA ALA A 58 -39.36 -18.18 0.77
C ALA A 58 -38.65 -16.83 0.92
N LYS A 59 -38.94 -16.13 2.02
CA LYS A 59 -38.32 -14.84 2.27
C LYS A 59 -36.81 -14.97 2.44
N GLY A 60 -36.07 -14.16 1.70
CA GLY A 60 -34.62 -14.16 1.78
C GLY A 60 -33.95 -15.11 0.80
N LYS A 61 -34.75 -15.99 0.20
CA LYS A 61 -34.23 -16.97 -0.74
C LYS A 61 -33.85 -16.32 -2.07
N ASN A 62 -32.99 -17.00 -2.83
CA ASN A 62 -32.67 -16.57 -4.19
C ASN A 62 -33.84 -16.85 -5.13
N VAL A 63 -33.79 -16.27 -6.31
CA VAL A 63 -34.81 -16.52 -7.32
C VAL A 63 -34.17 -16.88 -8.65
N ILE A 64 -34.49 -18.06 -9.16
CA ILE A 64 -33.94 -18.53 -10.43
C ILE A 64 -35.04 -18.86 -11.42
N TYR A 65 -35.27 -17.97 -12.38
CA TYR A 65 -36.22 -18.23 -13.45
C TYR A 65 -35.57 -19.09 -14.54
N ILE A 66 -36.23 -20.20 -14.87
CA ILE A 66 -35.78 -21.03 -15.98
C ILE A 66 -36.77 -20.90 -17.13
N HIS A 67 -36.38 -20.09 -18.11
CA HIS A 67 -37.22 -19.79 -19.26
C HIS A 67 -37.26 -20.93 -20.26
N LEU A 68 -38.36 -21.68 -20.26
CA LEU A 68 -38.53 -22.78 -21.20
C LEU A 68 -39.08 -22.27 -22.53
N GLU A 69 -38.18 -22.01 -23.47
CA GLU A 69 -38.54 -21.40 -24.75
C GLU A 69 -39.53 -22.24 -25.54
N SER A 70 -40.66 -21.61 -25.90
CA SER A 70 -41.68 -22.23 -26.74
C SER A 70 -42.15 -23.59 -26.21
N PHE A 71 -42.20 -23.71 -24.88
CA PHE A 71 -42.53 -24.97 -24.24
C PHE A 71 -43.99 -25.02 -23.82
N GLN A 72 -44.79 -25.83 -24.50
CA GLN A 72 -46.20 -25.96 -24.17
C GLN A 72 -46.43 -27.05 -23.13
N GLN A 73 -47.49 -26.87 -22.33
CA GLN A 73 -47.78 -27.74 -21.20
C GLN A 73 -48.07 -29.20 -21.60
N PHE A 74 -48.64 -29.41 -22.79
CA PHE A 74 -49.02 -30.75 -23.21
C PHE A 74 -47.81 -31.68 -23.34
N LEU A 75 -46.62 -31.09 -23.43
CA LEU A 75 -45.39 -31.87 -23.49
C LEU A 75 -45.12 -32.61 -22.18
N VAL A 76 -45.62 -32.07 -21.09
CA VAL A 76 -45.43 -32.68 -19.77
C VAL A 76 -46.07 -34.07 -19.72
N ASN A 77 -45.27 -35.06 -19.32
CA ASN A 77 -45.69 -36.46 -19.25
C ASN A 77 -46.14 -37.03 -20.59
N TYR A 78 -45.83 -36.31 -21.67
CA TYR A 78 -46.15 -36.80 -23.01
C TYR A 78 -45.14 -37.86 -23.43
N LYS A 79 -45.64 -38.95 -23.99
CA LYS A 79 -44.78 -40.04 -24.42
C LYS A 79 -44.87 -40.23 -25.94
N LEU A 80 -43.75 -40.00 -26.62
CA LEU A 80 -43.68 -40.21 -28.06
C LEU A 80 -43.18 -41.60 -28.35
N ASN A 81 -44.09 -42.45 -28.84
CA ASN A 81 -43.77 -43.83 -29.20
C ASN A 81 -43.23 -44.63 -28.01
N GLY A 82 -43.88 -44.48 -26.86
CA GLY A 82 -43.54 -45.28 -25.69
C GLY A 82 -42.73 -44.57 -24.61
N GLU A 83 -41.79 -43.72 -25.02
CA GLU A 83 -40.89 -43.07 -24.07
C GLU A 83 -41.24 -41.60 -23.84
N GLU A 84 -40.96 -41.13 -22.63
CA GLU A 84 -41.21 -39.73 -22.25
C GLU A 84 -40.35 -38.77 -23.07
N VAL A 85 -40.96 -37.70 -23.56
CA VAL A 85 -40.24 -36.71 -24.36
C VAL A 85 -39.35 -35.83 -23.49
N THR A 86 -39.90 -35.35 -22.38
CA THR A 86 -39.16 -34.49 -21.46
C THR A 86 -39.13 -35.12 -20.06
N PRO A 87 -38.28 -36.14 -19.87
CA PRO A 87 -38.25 -36.97 -18.66
C PRO A 87 -37.94 -36.22 -17.38
N PHE A 88 -36.93 -35.36 -17.39
CA PHE A 88 -36.52 -34.66 -16.17
C PHE A 88 -37.57 -33.64 -15.73
N ILE A 89 -38.05 -32.85 -16.68
CA ILE A 89 -39.07 -31.85 -16.39
C ILE A 89 -40.31 -32.52 -15.80
N ASN A 90 -40.62 -33.73 -16.30
CA ASN A 90 -41.72 -34.51 -15.78
C ASN A 90 -41.53 -34.89 -14.31
N SER A 91 -40.29 -35.16 -13.92
CA SER A 91 -39.98 -35.51 -12.53
C SER A 91 -40.02 -34.27 -11.65
N PHE A 92 -39.51 -33.16 -12.19
CA PHE A 92 -39.56 -31.87 -11.51
C PHE A 92 -41.00 -31.47 -11.26
N PHE A 93 -41.88 -31.88 -12.18
CA PHE A 93 -43.31 -31.62 -12.09
C PHE A 93 -43.95 -32.37 -10.93
N LYS A 94 -43.42 -33.54 -10.61
CA LYS A 94 -44.01 -34.41 -9.60
C LYS A 94 -43.36 -34.26 -8.22
N ASP A 95 -42.28 -33.50 -8.15
CA ASP A 95 -41.47 -33.38 -6.94
C ASP A 95 -42.28 -32.93 -5.73
N GLN A 96 -41.80 -33.33 -4.54
CA GLN A 96 -42.45 -32.98 -3.28
C GLN A 96 -42.61 -31.47 -3.11
N ASN A 97 -41.54 -30.73 -3.36
CA ASN A 97 -41.52 -29.30 -3.10
C ASN A 97 -41.82 -28.45 -4.32
N THR A 98 -42.56 -29.00 -5.28
CA THR A 98 -42.86 -28.27 -6.50
C THR A 98 -44.35 -27.98 -6.65
N LEU A 99 -44.69 -26.70 -6.66
CA LEU A 99 -46.04 -26.26 -6.96
C LEU A 99 -46.23 -26.24 -8.48
N SER A 100 -46.97 -27.21 -8.99
CA SER A 100 -47.14 -27.37 -10.43
C SER A 100 -48.52 -26.91 -10.89
N PHE A 101 -48.55 -26.16 -11.99
CA PHE A 101 -49.80 -25.61 -12.50
C PHE A 101 -50.19 -26.25 -13.83
N THR A 102 -51.43 -26.74 -13.90
CA THR A 102 -51.90 -27.43 -15.09
C THR A 102 -52.86 -26.56 -15.89
N ASN A 103 -53.30 -25.46 -15.30
CA ASN A 103 -54.16 -24.51 -16.00
C ASN A 103 -53.51 -23.13 -16.05
N PHE A 104 -52.24 -23.11 -16.44
CA PHE A 104 -51.49 -21.89 -16.57
C PHE A 104 -51.37 -21.50 -18.05
N PHE A 105 -51.87 -20.32 -18.39
CA PHE A 105 -51.90 -19.88 -19.78
C PHE A 105 -50.94 -18.72 -20.05
N HIS A 106 -50.38 -18.69 -21.25
CA HIS A 106 -49.55 -17.56 -21.67
C HIS A 106 -50.45 -16.46 -22.21
N GLN A 107 -50.04 -15.21 -22.03
CA GLN A 107 -50.86 -14.08 -22.45
C GLN A 107 -50.05 -13.15 -23.35
N THR A 108 -49.23 -13.73 -24.22
CA THR A 108 -48.38 -12.96 -25.10
C THR A 108 -49.08 -12.60 -26.41
N GLY A 109 -48.52 -11.63 -27.11
CA GLY A 109 -49.03 -11.21 -28.40
C GLY A 109 -47.94 -11.21 -29.45
N GLN A 110 -47.90 -10.14 -30.24
CA GLN A 110 -46.91 -10.01 -31.31
C GLN A 110 -45.49 -9.81 -30.77
N GLY A 111 -45.38 -9.50 -29.48
CA GLY A 111 -44.09 -9.32 -28.85
C GLY A 111 -43.44 -10.66 -28.52
N LYS A 112 -44.23 -11.73 -28.60
CA LYS A 112 -43.74 -13.09 -28.39
C LYS A 112 -43.04 -13.24 -27.04
N ALA A 114 -40.71 -11.30 -25.76
CA ALA A 114 -40.60 -10.01 -25.09
C ALA A 114 -41.81 -9.71 -24.22
N ASP A 115 -43.00 -10.03 -24.73
CA ASP A 115 -44.24 -9.84 -23.99
C ASP A 115 -44.26 -10.67 -22.71
N SER A 116 -43.71 -11.88 -22.78
CA SER A 116 -43.65 -12.76 -21.62
C SER A 116 -42.79 -12.13 -20.52
N GLU A 117 -41.68 -11.53 -20.92
CA GLU A 117 -40.80 -10.85 -19.98
C GLU A 117 -41.52 -9.65 -19.37
N MET A 118 -42.28 -8.93 -20.19
CA MET A 118 -43.07 -7.80 -19.72
C MET A 118 -44.10 -8.24 -18.68
N LEU A 119 -44.70 -9.40 -18.91
CA LEU A 119 -45.71 -9.95 -18.00
C LEU A 119 -45.08 -10.42 -16.69
N LEU A 120 -43.87 -10.96 -16.77
CA LEU A 120 -43.19 -11.48 -15.58
C LEU A 120 -42.58 -10.39 -14.73
N GLU A 121 -42.02 -9.38 -15.38
CA GLU A 121 -41.26 -8.35 -14.68
C GLU A 121 -42.14 -7.26 -14.07
N ASN A 122 -43.20 -6.88 -14.77
CA ASN A 122 -44.00 -5.73 -14.36
C ASN A 122 -45.46 -6.07 -14.08
N SER A 123 -45.86 -7.31 -14.37
CA SER A 123 -47.26 -7.71 -14.31
C SER A 123 -48.11 -6.78 -15.20
N LEU A 124 -47.54 -6.44 -16.35
CA LEU A 124 -48.23 -5.65 -17.36
C LEU A 124 -48.37 -6.44 -18.66
N TYR A 125 -49.48 -6.26 -19.36
CA TYR A 125 -49.66 -6.88 -20.66
C TYR A 125 -48.83 -6.17 -21.71
N GLY A 126 -48.53 -6.88 -22.80
CA GLY A 126 -47.86 -6.25 -23.93
C GLY A 126 -48.84 -5.38 -24.70
N LEU A 127 -48.35 -4.75 -25.76
CA LEU A 127 -49.20 -3.91 -26.59
C LEU A 127 -50.16 -4.78 -27.41
N PRO A 128 -51.31 -4.21 -27.82
CA PRO A 128 -52.27 -4.95 -28.65
C PRO A 128 -51.65 -5.33 -29.98
N GLN A 129 -50.79 -4.45 -30.49
CA GLN A 129 -50.11 -4.64 -31.76
C GLN A 129 -48.62 -4.35 -31.57
N GLY A 130 -47.77 -5.13 -32.22
CA GLY A 130 -46.34 -4.91 -32.16
C GLY A 130 -45.71 -5.22 -30.82
N SER A 131 -44.43 -4.88 -30.68
CA SER A 131 -43.67 -5.20 -29.47
C SER A 131 -43.50 -3.98 -28.56
N ALA A 132 -43.82 -4.18 -27.28
CA ALA A 132 -43.68 -3.11 -26.30
C ALA A 132 -42.21 -2.83 -26.00
N PHE A 133 -41.38 -3.86 -26.06
CA PHE A 133 -39.96 -3.73 -25.78
C PHE A 133 -39.25 -2.77 -26.72
N THR A 134 -39.67 -2.77 -27.99
CA THR A 134 -39.01 -1.95 -28.99
C THR A 134 -39.47 -0.49 -28.96
N THR A 135 -40.74 -0.27 -28.64
CA THR A 135 -41.32 1.06 -28.72
C THR A 135 -41.45 1.76 -27.36
N LYS A 136 -41.33 0.99 -26.29
CA LYS A 136 -41.48 1.56 -24.94
C LYS A 136 -40.23 1.32 -24.09
N GLY A 137 -39.06 1.42 -24.72
CA GLY A 137 -37.80 1.24 -24.02
C GLY A 137 -37.43 2.44 -23.18
N GLN A 138 -38.15 3.54 -23.37
CA GLN A 138 -37.86 4.78 -22.65
C GLN A 138 -38.77 4.94 -21.44
N ASN A 139 -39.82 4.13 -21.37
CA ASN A 139 -40.80 4.20 -20.29
C ASN A 139 -40.18 3.98 -18.91
N THR A 140 -40.81 4.57 -17.90
CA THR A 140 -40.42 4.31 -16.52
C THR A 140 -41.11 3.05 -16.03
N TYR A 141 -40.34 2.14 -15.44
CA TYR A 141 -40.91 0.90 -14.91
C TYR A 141 -40.59 0.72 -13.44
N GLU A 142 -41.39 -0.09 -12.77
CA GLU A 142 -41.15 -0.46 -11.39
C GLU A 142 -41.20 -1.98 -11.27
N SER A 143 -40.26 -2.63 -11.95
CA SER A 143 -40.29 -4.08 -12.13
C SER A 143 -39.75 -4.85 -10.93
N ALA A 144 -39.72 -6.17 -11.07
CA ALA A 144 -39.30 -7.07 -10.00
C ALA A 144 -37.86 -6.81 -9.56
N SER A 145 -37.00 -6.45 -10.51
CA SER A 145 -35.61 -6.14 -10.21
C SER A 145 -35.53 -4.94 -9.27
N ALA A 146 -36.37 -3.94 -9.55
CA ALA A 146 -36.42 -2.73 -8.75
C ALA A 146 -37.03 -3.01 -7.38
N ILE A 147 -38.17 -3.68 -7.37
CA ILE A 147 -38.89 -3.98 -6.13
C ILE A 147 -38.04 -4.81 -5.17
N LEU A 148 -37.44 -5.89 -5.68
CA LEU A 148 -36.61 -6.76 -4.86
C LEU A 148 -35.26 -6.11 -4.56
N GLY A 149 -34.84 -5.21 -5.44
CA GLY A 149 -33.61 -4.47 -5.24
C GLY A 149 -33.70 -3.58 -4.01
N GLN A 150 -34.93 -3.21 -3.65
CA GLN A 150 -35.18 -2.41 -2.47
C GLN A 150 -34.80 -3.17 -1.20
N GLN A 151 -34.71 -4.50 -1.31
CA GLN A 151 -34.37 -5.34 -0.16
C GLN A 151 -32.92 -5.85 -0.25
N GLY A 152 -32.20 -5.40 -1.28
CA GLY A 152 -30.80 -5.74 -1.41
C GLY A 152 -30.52 -6.90 -2.35
N TYR A 153 -31.51 -7.27 -3.16
CA TYR A 153 -31.33 -8.32 -4.15
C TYR A 153 -30.47 -7.85 -5.31
N THR A 154 -29.73 -8.77 -5.91
CA THR A 154 -28.90 -8.45 -7.07
C THR A 154 -29.54 -9.03 -8.32
N SER A 155 -29.64 -8.23 -9.38
CA SER A 155 -30.34 -8.65 -10.58
C SER A 155 -29.39 -9.11 -11.68
N ALA A 156 -29.83 -10.10 -12.47
CA ALA A 156 -29.02 -10.62 -13.57
C ALA A 156 -29.87 -11.39 -14.58
N VAL A 157 -29.55 -11.21 -15.86
CA VAL A 157 -30.22 -11.94 -16.94
C VAL A 157 -29.18 -12.70 -17.77
N PHE A 158 -29.46 -13.97 -18.05
CA PHE A 158 -28.58 -14.78 -18.87
C PHE A 158 -29.27 -15.14 -20.18
N HIS A 159 -28.57 -14.93 -21.30
CA HIS A 159 -29.13 -15.19 -22.61
C HIS A 159 -28.04 -15.42 -23.64
N GLY A 160 -28.15 -16.52 -24.40
CA GLY A 160 -27.13 -16.88 -25.37
C GLY A 160 -27.19 -16.11 -26.67
N ASN A 161 -27.69 -14.88 -26.60
CA ASN A 161 -27.77 -14.02 -27.78
C ASN A 161 -27.41 -12.58 -27.41
N TYR A 162 -27.12 -11.76 -28.41
CA TYR A 162 -26.65 -10.40 -28.18
C TYR A 162 -27.75 -9.49 -27.65
N LYS A 163 -27.35 -8.51 -26.83
CA LYS A 163 -28.29 -7.69 -26.08
C LYS A 163 -29.13 -6.74 -26.93
N SER A 164 -28.71 -6.52 -28.18
CA SER A 164 -29.44 -5.63 -29.07
C SER A 164 -30.76 -6.26 -29.51
N PHE A 165 -30.82 -7.58 -29.53
CA PHE A 165 -32.01 -8.32 -29.93
C PHE A 165 -33.17 -8.01 -28.99
N TRP A 166 -34.33 -7.70 -29.58
CA TRP A 166 -35.54 -7.33 -28.85
C TRP A 166 -35.38 -6.06 -28.01
N ASN A 167 -34.37 -5.25 -28.35
CA ASN A 167 -34.09 -4.00 -27.64
C ASN A 167 -33.90 -4.20 -26.13
N ARG A 168 -33.44 -5.40 -25.76
CA ARG A 168 -33.27 -5.75 -24.35
C ARG A 168 -32.26 -4.84 -23.67
N ASP A 169 -31.23 -4.45 -24.42
CA ASP A 169 -30.13 -3.64 -23.90
C ASP A 169 -30.64 -2.34 -23.29
N GLU A 170 -31.64 -1.74 -23.92
CA GLU A 170 -32.16 -0.46 -23.47
C GLU A 170 -33.17 -0.61 -22.33
N ILE A 171 -34.17 -1.46 -22.53
CA ILE A 171 -35.28 -1.55 -21.59
C ILE A 171 -34.92 -2.25 -20.28
N TYR A 172 -33.88 -3.08 -20.31
CA TYR A 172 -33.44 -3.75 -19.09
C TYR A 172 -32.89 -2.75 -18.09
N LYS A 173 -32.36 -1.64 -18.60
CA LYS A 173 -31.86 -0.56 -17.75
C LYS A 173 -33.01 0.10 -17.02
N GLN A 174 -34.15 0.21 -17.69
CA GLN A 174 -35.35 0.80 -17.10
C GLN A 174 -35.95 -0.15 -16.06
N PHE A 175 -35.76 -1.45 -16.27
CA PHE A 175 -36.24 -2.46 -15.33
C PHE A 175 -35.42 -2.44 -14.06
N GLY A 176 -34.12 -2.17 -14.20
CA GLY A 176 -33.22 -2.12 -13.06
C GLY A 176 -32.38 -3.37 -12.91
N TYR A 177 -32.25 -4.14 -13.99
CA TYR A 177 -31.40 -5.31 -13.99
C TYR A 177 -29.93 -4.92 -13.85
N ASP A 178 -29.32 -5.36 -12.75
CA ASP A 178 -27.92 -5.01 -12.46
C ASP A 178 -26.96 -5.52 -13.52
N ASN A 179 -27.18 -6.76 -13.96
CA ASN A 179 -26.30 -7.38 -14.94
C ASN A 179 -27.07 -8.00 -16.10
N PHE A 180 -26.48 -7.95 -17.29
CA PHE A 180 -27.02 -8.64 -18.45
C PHE A 180 -25.90 -9.42 -19.12
N PHE A 181 -25.89 -10.73 -18.87
CA PHE A 181 -24.89 -11.61 -19.48
C PHE A 181 -25.38 -12.09 -20.84
N ASP A 182 -25.10 -11.30 -21.88
CA ASP A 182 -25.48 -11.66 -23.23
C ASP A 182 -24.41 -12.53 -23.89
N ALA A 183 -24.44 -12.60 -25.23
CA ALA A 183 -23.54 -13.48 -25.97
C ALA A 183 -22.07 -13.09 -25.82
N SER A 184 -21.80 -11.84 -25.48
CA SER A 184 -20.44 -11.36 -25.33
C SER A 184 -19.72 -12.03 -24.16
N TYR A 185 -20.50 -12.59 -23.23
CA TYR A 185 -19.94 -13.27 -22.07
C TYR A 185 -19.85 -14.78 -22.28
N TYR A 186 -20.05 -15.22 -23.52
CA TYR A 186 -20.01 -16.65 -23.83
C TYR A 186 -19.10 -16.94 -25.02
N ASP A 187 -18.72 -18.21 -25.15
CA ASP A 187 -17.90 -18.65 -26.27
C ASP A 187 -18.78 -18.97 -27.47
N MET A 188 -18.87 -18.01 -28.40
CA MET A 188 -19.76 -18.14 -29.54
C MET A 188 -19.05 -18.74 -30.76
N ASN A 189 -18.44 -19.91 -30.57
CA ASN A 189 -17.84 -20.62 -31.69
C ASN A 189 -18.91 -21.25 -32.57
N GLU A 190 -18.56 -21.55 -33.81
CA GLU A 190 -19.55 -21.98 -34.81
C GLU A 190 -20.23 -23.31 -34.46
N ALA A 191 -19.52 -24.16 -33.73
CA ALA A 191 -20.04 -25.48 -33.39
C ALA A 191 -21.05 -25.43 -32.24
N ASP A 192 -21.00 -24.37 -31.44
CA ASP A 192 -21.87 -24.24 -30.27
C ASP A 192 -23.06 -23.31 -30.54
N VAL A 193 -23.21 -22.88 -31.79
CA VAL A 193 -24.21 -21.87 -32.12
C VAL A 193 -25.20 -22.37 -33.18
N SER A 194 -26.49 -22.23 -32.88
CA SER A 194 -27.54 -22.53 -33.84
C SER A 194 -27.86 -21.30 -34.68
N ASN A 195 -29.11 -21.16 -35.10
CA ASN A 195 -29.50 -20.01 -35.91
C ASN A 195 -29.81 -18.77 -35.08
N TYR A 196 -30.25 -19.00 -33.85
CA TYR A 196 -30.70 -17.90 -33.00
C TYR A 196 -29.70 -17.56 -31.91
N GLY A 197 -28.59 -18.31 -31.87
CA GLY A 197 -27.55 -18.05 -30.91
C GLY A 197 -26.97 -19.29 -30.26
N LEU A 198 -26.43 -19.11 -29.07
CA LEU A 198 -25.76 -20.19 -28.35
C LEU A 198 -26.72 -21.31 -27.96
N LYS A 199 -26.33 -22.55 -28.23
CA LYS A 199 -27.12 -23.71 -27.85
C LYS A 199 -27.25 -23.77 -26.33
N ASP A 200 -28.32 -24.42 -25.86
CA ASP A 200 -28.67 -24.35 -24.44
C ASP A 200 -27.72 -25.14 -23.54
N LYS A 201 -27.21 -26.27 -24.01
CA LYS A 201 -26.28 -27.08 -23.22
C LYS A 201 -24.97 -26.33 -22.92
N PRO A 202 -24.35 -25.68 -23.94
CA PRO A 202 -23.20 -24.85 -23.56
C PRO A 202 -23.62 -23.65 -22.72
N PHE A 203 -24.78 -23.08 -23.03
CA PHE A 203 -25.28 -21.88 -22.35
C PHE A 203 -25.34 -22.03 -20.84
N PHE A 204 -25.94 -23.12 -20.36
CA PHE A 204 -26.02 -23.36 -18.93
C PHE A 204 -24.65 -23.69 -18.37
N LYS A 205 -23.93 -24.58 -19.05
CA LYS A 205 -22.61 -25.01 -18.65
C LYS A 205 -21.65 -23.83 -18.44
N GLU A 206 -21.67 -22.89 -19.37
CA GLU A 206 -20.73 -21.76 -19.34
C GLU A 206 -21.17 -20.65 -18.39
N SER A 207 -22.44 -20.66 -17.98
CA SER A 207 -22.97 -19.59 -17.13
C SER A 207 -22.84 -19.93 -15.65
N GLU A 208 -22.33 -21.12 -15.34
CA GLU A 208 -22.11 -21.53 -13.97
C GLU A 208 -21.05 -20.63 -13.31
N GLU A 209 -20.06 -20.24 -14.10
CA GLU A 209 -19.00 -19.35 -13.65
C GLU A 209 -19.54 -18.03 -13.11
N TYR A 210 -20.50 -17.46 -13.84
CA TYR A 210 -21.05 -16.15 -13.49
C TYR A 210 -22.02 -16.22 -12.32
N LEU A 211 -22.83 -17.28 -12.27
CA LEU A 211 -23.85 -17.42 -11.25
C LEU A 211 -23.25 -17.72 -9.87
N SER A 212 -22.16 -18.47 -9.85
CA SER A 212 -21.51 -18.84 -8.59
C SER A 212 -20.87 -17.63 -7.91
N SER A 213 -20.46 -16.65 -8.70
CA SER A 213 -19.79 -15.46 -8.18
C SER A 213 -20.73 -14.26 -8.11
N LEU A 214 -22.02 -14.50 -8.31
CA LEU A 214 -23.01 -13.44 -8.23
C LEU A 214 -23.48 -13.25 -6.79
N GLN A 215 -23.43 -12.01 -6.31
CA GLN A 215 -23.74 -11.68 -4.92
C GLN A 215 -25.14 -12.10 -4.50
N GLN A 216 -25.21 -12.89 -3.43
CA GLN A 216 -26.50 -13.34 -2.90
C GLN A 216 -26.99 -12.42 -1.79
N PRO A 217 -28.31 -12.25 -1.66
CA PRO A 217 -29.37 -12.88 -2.47
C PRO A 217 -29.52 -12.24 -3.84
N PHE A 218 -29.98 -13.01 -4.83
CA PHE A 218 -30.14 -12.46 -6.17
C PHE A 218 -31.48 -12.79 -6.83
N TYR A 219 -31.72 -12.16 -7.98
CA TYR A 219 -32.92 -12.37 -8.77
C TYR A 219 -32.51 -12.57 -10.23
N THR A 220 -32.55 -13.82 -10.70
CA THR A 220 -32.03 -14.14 -12.02
C THR A 220 -33.06 -14.76 -12.95
N LYS A 221 -32.78 -14.67 -14.25
CA LYS A 221 -33.62 -15.28 -15.27
C LYS A 221 -32.76 -15.80 -16.41
N PHE A 222 -32.90 -17.08 -16.72
CA PHE A 222 -32.13 -17.71 -17.78
C PHE A 222 -32.99 -17.93 -19.03
N ILE A 223 -32.79 -17.10 -20.05
CA ILE A 223 -33.53 -17.24 -21.30
C ILE A 223 -32.84 -18.25 -22.23
N THR A 224 -33.53 -19.35 -22.51
CA THR A 224 -33.00 -20.36 -23.42
C THR A 224 -33.30 -19.99 -24.87
N LEU A 225 -32.73 -20.74 -25.82
CA LEU A 225 -32.80 -20.36 -27.22
C LEU A 225 -33.09 -21.50 -28.19
N THR A 226 -32.57 -22.68 -27.88
CA THR A 226 -32.57 -23.79 -28.83
C THR A 226 -33.97 -24.22 -29.28
N ASN A 227 -34.90 -24.35 -28.35
CA ASN A 227 -36.26 -24.76 -28.69
C ASN A 227 -37.03 -23.63 -29.36
N HIS A 228 -36.63 -23.29 -30.59
CA HIS A 228 -37.21 -22.15 -31.29
C HIS A 228 -37.58 -22.53 -32.72
N PHE A 229 -38.78 -22.12 -33.15
CA PHE A 229 -39.28 -22.41 -34.50
C PHE A 229 -38.26 -22.03 -35.57
N PRO A 230 -38.07 -22.88 -36.59
CA PRO A 230 -38.81 -24.12 -36.85
C PRO A 230 -38.21 -25.35 -36.18
N TYR A 231 -37.53 -25.13 -35.06
CA TYR A 231 -36.95 -26.21 -34.26
C TYR A 231 -36.02 -27.12 -35.07
N PRO A 232 -34.91 -26.57 -35.59
CA PRO A 232 -33.95 -27.44 -36.27
C PRO A 232 -32.95 -28.01 -35.27
N ILE A 233 -32.69 -29.30 -35.38
CA ILE A 233 -31.65 -29.91 -34.56
C ILE A 233 -30.87 -30.92 -35.41
N ASP A 234 -29.54 -30.80 -35.42
CA ASP A 234 -28.70 -31.71 -36.17
C ASP A 234 -28.31 -32.90 -35.29
N GLU A 235 -28.27 -34.11 -35.84
CA GLU A 235 -28.00 -35.33 -35.05
C GLU A 235 -26.49 -35.59 -34.83
N LYS A 236 -26.06 -35.85 -33.58
CA LYS A 236 -26.99 -35.89 -32.46
C LYS A 236 -26.61 -35.13 -31.24
N ASP A 237 -27.08 -33.90 -31.30
CA ASP A 237 -27.44 -33.12 -30.17
C ASP A 237 -28.71 -33.79 -29.69
N ALA A 238 -29.47 -34.32 -30.66
CA ALA A 238 -30.74 -34.99 -30.39
C ALA A 238 -30.58 -36.40 -29.82
N SER A 239 -31.53 -36.81 -28.97
CA SER A 239 -31.49 -38.13 -28.35
C SER A 239 -32.87 -38.80 -28.36
N ILE A 240 -33.70 -38.41 -29.32
CA ILE A 240 -35.02 -38.99 -29.46
C ILE A 240 -35.44 -38.93 -30.93
N ALA A 241 -36.20 -39.94 -31.36
CA ALA A 241 -36.70 -39.99 -32.74
C ALA A 241 -37.79 -38.95 -32.93
N PRO A 242 -37.80 -38.28 -34.10
CA PRO A 242 -38.82 -37.27 -34.37
C PRO A 242 -40.21 -37.90 -34.49
N ALA A 243 -41.25 -37.10 -34.36
CA ALA A 243 -42.60 -37.59 -34.54
C ALA A 243 -42.83 -37.93 -36.01
N THR A 244 -43.93 -38.63 -36.29
CA THR A 244 -44.18 -39.13 -37.63
C THR A 244 -45.51 -38.64 -38.19
N THR A 245 -45.70 -37.33 -38.24
CA THR A 245 -46.96 -36.75 -38.66
C THR A 245 -46.94 -36.29 -40.12
N GLY A 246 -45.74 -36.05 -40.65
CA GLY A 246 -45.60 -35.54 -42.00
C GLY A 246 -45.37 -34.04 -42.00
N ASP A 247 -45.52 -33.43 -40.83
CA ASP A 247 -45.30 -32.00 -40.67
C ASP A 247 -43.94 -31.77 -39.99
N SER A 248 -42.98 -31.25 -40.75
CA SER A 248 -41.59 -31.16 -40.30
C SER A 248 -41.41 -30.36 -39.01
N SER A 249 -41.94 -29.14 -38.98
CA SER A 249 -41.77 -28.27 -37.81
C SER A 249 -42.40 -28.87 -36.56
N VAL A 250 -43.48 -29.60 -36.73
CA VAL A 250 -44.16 -30.25 -35.61
C VAL A 250 -43.40 -31.51 -35.17
N ASP A 251 -42.82 -32.22 -36.13
CA ASP A 251 -42.14 -33.48 -35.87
C ASP A 251 -40.82 -33.29 -35.12
N THR A 252 -40.06 -32.25 -35.48
CA THR A 252 -38.77 -32.01 -34.85
C THR A 252 -38.90 -31.16 -33.59
N TYR A 253 -40.12 -30.75 -33.27
CA TYR A 253 -40.39 -30.00 -32.05
C TYR A 253 -40.06 -30.82 -30.83
N PHE A 254 -40.41 -32.10 -30.87
CA PHE A 254 -40.21 -33.00 -29.74
C PHE A 254 -38.72 -33.29 -29.51
N GLN A 255 -37.93 -33.16 -30.57
CA GLN A 255 -36.49 -33.38 -30.48
C GLN A 255 -35.80 -32.24 -29.75
N THR A 256 -36.13 -31.01 -30.13
CA THR A 256 -35.55 -29.84 -29.49
C THR A 256 -36.08 -29.67 -28.08
N ALA A 257 -37.27 -30.21 -27.82
CA ALA A 257 -37.86 -30.18 -26.49
C ALA A 257 -37.05 -31.05 -25.53
N ARG A 258 -36.61 -32.21 -26.00
CA ARG A 258 -35.80 -33.10 -25.17
C ARG A 258 -34.40 -32.54 -24.97
N TYR A 259 -33.85 -31.92 -26.02
CA TYR A 259 -32.55 -31.26 -25.91
C TYR A 259 -32.59 -30.22 -24.81
N LEU A 260 -33.69 -29.49 -24.74
CA LEU A 260 -33.91 -28.51 -23.68
C LEU A 260 -34.04 -29.22 -22.33
N ASP A 261 -34.79 -30.31 -22.30
CA ASP A 261 -35.00 -31.07 -21.08
C ASP A 261 -33.67 -31.58 -20.51
N GLU A 262 -32.82 -32.09 -21.38
CA GLU A 262 -31.53 -32.64 -20.96
C GLU A 262 -30.60 -31.56 -20.41
N SER A 263 -30.58 -30.41 -21.08
CA SER A 263 -29.73 -29.30 -20.65
C SER A 263 -30.18 -28.75 -19.30
N VAL A 264 -31.49 -28.63 -19.14
CA VAL A 264 -32.05 -28.14 -17.87
C VAL A 264 -31.66 -29.05 -16.71
N LYS A 265 -31.74 -30.36 -16.94
CA LYS A 265 -31.33 -31.32 -15.92
C LYS A 265 -29.87 -31.13 -15.52
N SER A 266 -29.03 -30.91 -16.52
CA SER A 266 -27.61 -30.64 -16.30
C SER A 266 -27.43 -29.39 -15.46
N PHE A 267 -28.26 -28.39 -15.71
CA PHE A 267 -28.20 -27.13 -14.99
C PHE A 267 -28.66 -27.29 -13.54
N VAL A 268 -29.75 -28.04 -13.35
CA VAL A 268 -30.28 -28.28 -12.01
C VAL A 268 -29.30 -29.10 -11.18
N ASP A 269 -28.64 -30.06 -11.83
CA ASP A 269 -27.60 -30.86 -11.18
C ASP A 269 -26.48 -29.96 -10.63
N TYR A 270 -26.16 -28.91 -11.38
CA TYR A 270 -25.19 -27.93 -10.92
C TYR A 270 -25.71 -27.17 -9.70
N LEU A 271 -27.00 -26.83 -9.74
CA LEU A 271 -27.62 -26.08 -8.66
C LEU A 271 -27.62 -26.89 -7.36
N LYS A 272 -27.72 -28.21 -7.48
CA LYS A 272 -27.73 -29.09 -6.32
C LYS A 272 -26.32 -29.25 -5.73
N LYS A 273 -25.32 -29.34 -6.60
CA LYS A 273 -23.94 -29.47 -6.16
C LYS A 273 -23.45 -28.20 -5.47
N SER A 274 -23.78 -27.05 -6.05
CA SER A 274 -23.33 -25.77 -5.52
C SER A 274 -24.15 -25.33 -4.31
N GLY A 275 -25.26 -26.02 -4.06
CA GLY A 275 -26.09 -25.73 -2.91
C GLY A 275 -27.16 -24.68 -3.17
N LEU A 276 -27.14 -24.11 -4.37
CA LEU A 276 -28.12 -23.10 -4.76
C LEU A 276 -29.54 -23.66 -4.77
N TYR A 277 -29.64 -24.98 -4.94
CA TYR A 277 -30.94 -25.64 -5.07
C TYR A 277 -31.79 -25.53 -3.81
N ASP A 278 -31.15 -25.39 -2.66
CA ASP A 278 -31.86 -25.35 -1.38
C ASP A 278 -32.01 -23.91 -0.90
N ASN A 279 -31.29 -23.00 -1.55
CA ASN A 279 -31.17 -21.62 -1.12
C ASN A 279 -31.93 -20.72 -2.09
N SER A 280 -32.52 -21.34 -3.12
CA SER A 280 -33.24 -20.58 -4.14
C SER A 280 -34.65 -21.09 -4.40
N VAL A 281 -35.46 -20.22 -5.01
CA VAL A 281 -36.75 -20.63 -5.53
C VAL A 281 -36.63 -20.82 -7.04
N ILE A 282 -36.69 -22.08 -7.48
CA ILE A 282 -36.54 -22.38 -8.90
C ILE A 282 -37.91 -22.36 -9.57
N ILE A 283 -38.04 -21.54 -10.61
CA ILE A 283 -39.30 -21.40 -11.32
C ILE A 283 -39.14 -21.66 -12.81
N MET A 284 -39.67 -22.80 -13.27
CA MET A 284 -39.69 -23.12 -14.69
C MET A 284 -41.01 -22.70 -15.30
N TYR A 285 -40.94 -21.97 -16.40
CA TYR A 285 -42.15 -21.49 -17.07
C TYR A 285 -41.97 -21.46 -18.57
N GLY A 286 -43.07 -21.56 -19.31
CA GLY A 286 -43.06 -21.38 -20.75
C GLY A 286 -43.45 -19.95 -21.08
N ASP A 287 -42.93 -19.42 -22.19
CA ASP A 287 -43.22 -18.05 -22.56
C ASP A 287 -44.45 -17.95 -23.47
N HIS A 288 -44.52 -18.82 -24.47
CA HIS A 288 -45.66 -18.85 -25.37
C HIS A 288 -45.78 -20.20 -26.07
N TYR A 289 -46.70 -20.31 -27.00
CA TYR A 289 -46.95 -21.57 -27.69
C TYR A 289 -45.74 -21.98 -28.53
N GLY A 290 -45.67 -23.27 -28.85
CA GLY A 290 -44.61 -23.78 -29.69
C GLY A 290 -45.12 -24.17 -31.06
N ILE A 291 -46.35 -24.69 -31.10
CA ILE A 291 -46.99 -25.07 -32.35
C ILE A 291 -48.18 -24.17 -32.65
N SER A 292 -48.10 -23.39 -33.70
CA SER A 292 -49.20 -22.52 -34.10
C SER A 292 -50.40 -23.35 -34.56
N ASP A 293 -51.50 -22.68 -34.86
CA ASP A 293 -52.73 -23.37 -35.21
C ASP A 293 -52.79 -23.66 -36.71
N ASN A 294 -51.65 -23.51 -37.39
CA ASN A 294 -51.59 -23.85 -38.81
C ASN A 294 -51.08 -25.27 -39.03
N HIS A 295 -51.28 -26.12 -38.01
CA HIS A 295 -50.89 -27.53 -38.08
C HIS A 295 -51.98 -28.41 -37.50
N GLU A 296 -53.21 -28.24 -37.98
CA GLU A 296 -54.37 -28.94 -37.44
C GLU A 296 -54.26 -30.47 -37.58
N GLU A 297 -53.85 -30.92 -38.75
CA GLU A 297 -53.74 -32.34 -39.04
C GLU A 297 -52.73 -33.04 -38.14
N ALA A 298 -51.55 -32.47 -38.04
CA ALA A 298 -50.47 -33.03 -37.23
C ALA A 298 -50.84 -33.02 -35.74
N MET A 299 -51.41 -31.92 -35.28
CA MET A 299 -51.78 -31.78 -33.88
C MET A 299 -52.93 -32.70 -33.50
N THR A 300 -53.76 -33.06 -34.49
CA THR A 300 -54.85 -34.00 -34.26
C THR A 300 -54.27 -35.38 -33.94
N LYS A 301 -53.19 -35.73 -34.59
CA LYS A 301 -52.51 -37.00 -34.35
C LYS A 301 -51.77 -36.98 -33.01
N ILE A 302 -51.20 -35.82 -32.68
CA ILE A 302 -50.42 -35.67 -31.47
C ILE A 302 -51.28 -35.75 -30.20
N LEU A 303 -52.35 -34.98 -30.18
CA LEU A 303 -53.20 -34.89 -28.99
C LEU A 303 -54.27 -35.98 -28.96
N GLY A 304 -54.52 -36.59 -30.12
CA GLY A 304 -55.48 -37.68 -30.22
C GLY A 304 -56.87 -37.23 -30.63
N LYS A 305 -57.33 -36.12 -30.06
CA LYS A 305 -58.63 -35.56 -30.39
C LYS A 305 -58.52 -34.61 -31.58
N ASP A 306 -59.66 -34.19 -32.11
CA ASP A 306 -59.68 -33.23 -33.20
C ASP A 306 -59.15 -31.89 -32.72
N TYR A 307 -58.26 -31.29 -33.51
CA TYR A 307 -57.65 -30.02 -33.13
C TYR A 307 -58.42 -28.84 -33.72
N ASN A 308 -59.59 -28.56 -33.14
CA ASN A 308 -60.40 -27.43 -33.57
C ASN A 308 -59.98 -26.14 -32.89
N THR A 309 -60.76 -25.08 -33.08
CA THR A 309 -60.45 -23.77 -32.50
C THR A 309 -60.42 -23.85 -30.98
N PHE A 310 -61.29 -24.65 -30.41
CA PHE A 310 -61.35 -24.81 -28.96
C PHE A 310 -60.09 -25.45 -28.41
N GLU A 311 -59.73 -26.61 -28.97
CA GLU A 311 -58.58 -27.36 -28.48
C GLU A 311 -57.28 -26.60 -28.67
N ASN A 312 -57.26 -25.69 -29.63
CA ASN A 312 -56.08 -24.86 -29.86
C ASN A 312 -55.89 -23.84 -28.74
N ALA A 313 -57.00 -23.28 -28.26
CA ALA A 313 -56.96 -22.33 -27.16
C ALA A 313 -56.53 -23.04 -25.88
N GLN A 314 -56.91 -24.30 -25.75
CA GLN A 314 -56.53 -25.10 -24.59
C GLN A 314 -55.04 -25.45 -24.67
N ALA A 315 -54.52 -25.51 -25.89
CA ALA A 315 -53.12 -25.83 -26.12
C ALA A 315 -52.21 -24.67 -25.76
N GLN A 316 -52.81 -23.52 -25.46
CA GLN A 316 -52.06 -22.32 -25.09
C GLN A 316 -51.55 -22.42 -23.65
N ARG A 317 -51.83 -23.55 -23.01
CA ARG A 317 -51.29 -23.83 -21.69
C ARG A 317 -49.78 -23.97 -21.75
N VAL A 318 -49.09 -23.33 -20.81
CA VAL A 318 -47.65 -23.48 -20.67
C VAL A 318 -47.33 -23.86 -19.22
N PRO A 319 -46.22 -24.57 -19.01
CA PRO A 319 -45.92 -25.03 -17.64
C PRO A 319 -45.57 -23.91 -16.68
N LEU A 320 -45.94 -24.11 -15.42
CA LEU A 320 -45.46 -23.27 -14.34
C LEU A 320 -45.14 -24.16 -13.15
N MET A 321 -43.85 -24.27 -12.83
CA MET A 321 -43.42 -25.12 -11.74
C MET A 321 -42.54 -24.34 -10.78
N ILE A 322 -43.03 -24.16 -9.55
CA ILE A 322 -42.35 -23.37 -8.56
C ILE A 322 -41.81 -24.24 -7.43
N HIS A 323 -40.51 -24.45 -7.43
CA HIS A 323 -39.88 -25.23 -6.38
C HIS A 323 -39.44 -24.36 -5.22
N VAL A 324 -40.21 -24.40 -4.13
CA VAL A 324 -39.86 -23.69 -2.92
C VAL A 324 -39.36 -24.67 -1.86
N PRO A 325 -38.07 -24.58 -1.50
CA PRO A 325 -37.43 -25.52 -0.58
C PRO A 325 -38.08 -25.50 0.80
N GLY A 326 -38.38 -26.68 1.33
CA GLY A 326 -38.98 -26.81 2.63
C GLY A 326 -40.45 -26.44 2.66
N VAL A 327 -41.11 -26.58 1.51
CA VAL A 327 -42.52 -26.26 1.41
C VAL A 327 -43.27 -27.38 0.68
N GLN A 328 -44.37 -27.83 1.28
CA GLN A 328 -45.17 -28.90 0.68
C GLN A 328 -45.85 -28.44 -0.60
N GLY A 329 -45.44 -29.04 -1.71
CA GLY A 329 -46.00 -28.68 -3.00
C GLY A 329 -47.14 -29.59 -3.42
N GLY A 330 -47.42 -29.62 -4.72
CA GLY A 330 -48.50 -30.43 -5.25
C GLY A 330 -49.08 -29.79 -6.50
N VAL A 331 -49.94 -30.51 -7.19
CA VAL A 331 -50.56 -29.99 -8.41
C VAL A 331 -51.57 -28.89 -8.08
N GLN A 332 -51.40 -27.75 -8.74
CA GLN A 332 -52.32 -26.61 -8.61
C GLN A 332 -53.14 -26.47 -9.87
N GLU A 333 -54.46 -26.66 -9.76
CA GLU A 333 -55.32 -26.66 -10.94
C GLU A 333 -56.14 -25.38 -11.09
N GLN A 334 -55.93 -24.43 -10.18
CA GLN A 334 -56.58 -23.13 -10.31
C GLN A 334 -56.10 -22.46 -11.60
N TYR A 335 -57.02 -21.81 -12.31
CA TYR A 335 -56.68 -21.17 -13.57
C TYR A 335 -55.90 -19.89 -13.34
N GLY A 336 -54.97 -19.59 -14.25
CA GLY A 336 -54.12 -18.41 -14.10
C GLY A 336 -53.35 -18.06 -15.37
N GLY A 337 -52.67 -16.91 -15.31
CA GLY A 337 -51.88 -16.45 -16.45
C GLY A 337 -50.55 -15.88 -16.00
N GLN A 338 -49.69 -15.56 -16.97
CA GLN A 338 -48.36 -15.03 -16.68
C GLN A 338 -48.41 -13.69 -15.95
N VAL A 339 -49.50 -12.96 -16.11
CA VAL A 339 -49.68 -11.69 -15.43
C VAL A 339 -49.74 -11.90 -13.92
N ASP A 340 -50.16 -13.09 -13.52
CA ASP A 340 -50.32 -13.43 -12.10
C ASP A 340 -49.02 -13.93 -11.47
N LEU A 341 -47.96 -14.00 -12.27
CA LEU A 341 -46.73 -14.64 -11.82
C LEU A 341 -45.96 -13.79 -10.82
N LEU A 342 -45.78 -12.51 -11.14
CA LEU A 342 -45.02 -11.62 -10.27
C LEU A 342 -45.66 -11.45 -8.87
N PRO A 343 -46.96 -11.14 -8.80
CA PRO A 343 -47.52 -11.02 -7.44
C PRO A 343 -47.52 -12.34 -6.67
N THR A 344 -47.48 -13.45 -7.39
CA THR A 344 -47.39 -14.76 -6.75
C THR A 344 -46.02 -14.96 -6.13
N LEU A 345 -44.99 -14.55 -6.87
CA LEU A 345 -43.61 -14.64 -6.40
C LEU A 345 -43.36 -13.71 -5.23
N LEU A 346 -43.92 -12.50 -5.29
CA LEU A 346 -43.70 -11.50 -4.26
C LEU A 346 -44.24 -11.95 -2.90
N HIS A 347 -45.41 -12.59 -2.92
CA HIS A 347 -46.01 -13.07 -1.69
C HIS A 347 -45.21 -14.22 -1.07
N LEU A 348 -44.61 -15.03 -1.94
CA LEU A 348 -43.74 -16.11 -1.48
C LEU A 348 -42.49 -15.55 -0.80
N LEU A 349 -42.05 -14.38 -1.27
CA LEU A 349 -40.86 -13.73 -0.75
C LEU A 349 -41.18 -12.85 0.45
N GLY A 350 -42.45 -12.82 0.84
CA GLY A 350 -42.89 -12.05 1.99
C GLY A 350 -42.99 -10.56 1.73
N VAL A 351 -43.19 -10.20 0.45
CA VAL A 351 -43.29 -8.80 0.06
C VAL A 351 -44.72 -8.45 -0.32
N ASP A 352 -45.31 -7.50 0.41
CA ASP A 352 -46.69 -7.07 0.15
C ASP A 352 -46.72 -6.06 -0.99
N ASN A 353 -47.48 -6.40 -2.04
CA ASN A 353 -47.51 -5.58 -3.25
C ASN A 353 -48.84 -4.88 -3.48
N LYS A 354 -49.47 -4.44 -2.40
CA LYS A 354 -50.81 -3.89 -2.53
C LYS A 354 -50.79 -2.61 -3.30
N GLU A 355 -49.68 -1.90 -3.18
CA GLU A 355 -49.60 -0.55 -3.66
C GLU A 355 -48.96 -0.38 -4.99
N TYR A 356 -48.67 -1.46 -5.68
CA TYR A 356 -47.98 -1.36 -6.94
C TYR A 356 -48.97 -1.52 -8.02
N LEU A 357 -48.67 -0.98 -9.17
CA LEU A 357 -49.56 -1.08 -10.32
C LEU A 357 -49.37 -2.40 -11.05
N GLN A 358 -50.10 -3.42 -10.60
CA GLN A 358 -49.97 -4.76 -11.17
C GLN A 358 -51.35 -5.37 -11.39
N PHE A 359 -51.56 -5.93 -12.57
CA PHE A 359 -52.87 -6.45 -12.95
C PHE A 359 -53.04 -7.92 -12.59
N GLY A 360 -51.97 -8.53 -12.09
CA GLY A 360 -52.03 -9.93 -11.69
C GLY A 360 -52.36 -10.08 -10.22
N THR A 361 -52.76 -11.28 -9.82
CA THR A 361 -53.03 -11.59 -8.43
C THR A 361 -52.30 -12.86 -8.00
N ASP A 362 -52.10 -13.01 -6.69
CA ASP A 362 -51.40 -14.16 -6.15
C ASP A 362 -52.13 -15.46 -6.47
N LEU A 363 -51.42 -16.41 -7.09
CA LEU A 363 -52.02 -17.67 -7.51
C LEU A 363 -52.33 -18.59 -6.34
N LEU A 364 -51.61 -18.41 -5.23
CA LEU A 364 -51.81 -19.25 -4.06
C LEU A 364 -52.84 -18.63 -3.11
N SER A 365 -53.28 -17.42 -3.43
CA SER A 365 -54.32 -16.76 -2.65
C SER A 365 -55.67 -17.41 -2.89
N LYS A 366 -56.49 -17.49 -1.85
CA LYS A 366 -57.82 -18.06 -1.97
C LYS A 366 -58.77 -17.07 -2.60
N ASP A 367 -58.34 -15.81 -2.69
CA ASP A 367 -59.16 -14.74 -3.26
C ASP A 367 -58.84 -14.54 -4.73
N HIS A 368 -57.88 -15.31 -5.25
CA HIS A 368 -57.56 -15.28 -6.67
C HIS A 368 -58.73 -15.77 -7.50
N LYS A 369 -59.18 -14.95 -8.45
CA LYS A 369 -60.31 -15.32 -9.28
C LYS A 369 -59.87 -15.93 -10.61
N GLN A 370 -60.31 -17.16 -10.84
CA GLN A 370 -59.90 -17.94 -12.01
C GLN A 370 -60.45 -17.35 -13.31
N LEU A 371 -59.76 -16.33 -13.82
CA LEU A 371 -60.10 -15.70 -15.08
C LEU A 371 -58.81 -15.34 -15.83
N VAL A 372 -58.65 -15.91 -17.01
CA VAL A 372 -57.41 -15.70 -17.77
C VAL A 372 -57.66 -15.00 -19.10
N PRO A 373 -57.39 -13.69 -19.14
CA PRO A 373 -57.55 -12.91 -20.38
C PRO A 373 -56.49 -13.24 -21.41
N PHE A 374 -56.89 -13.29 -22.68
CA PHE A 374 -55.93 -13.38 -23.78
C PHE A 374 -55.73 -11.98 -24.32
N ARG A 375 -54.66 -11.76 -25.08
CA ARG A 375 -54.34 -10.41 -25.54
C ARG A 375 -55.38 -9.87 -26.51
N ASN A 376 -55.98 -10.75 -27.30
CA ASN A 376 -56.92 -10.32 -28.35
C ASN A 376 -58.33 -10.10 -27.82
N GLY A 377 -58.52 -10.24 -26.51
CA GLY A 377 -59.82 -10.00 -25.91
C GLY A 377 -60.49 -11.26 -25.39
N ASP A 378 -60.08 -12.41 -25.93
CA ASP A 378 -60.60 -13.70 -25.49
C ASP A 378 -60.27 -13.96 -24.02
N TYR A 379 -60.88 -14.98 -23.44
CA TYR A 379 -60.59 -15.35 -22.05
C TYR A 379 -60.97 -16.77 -21.71
N ILE A 380 -60.38 -17.30 -20.63
CA ILE A 380 -60.64 -18.64 -20.16
C ILE A 380 -61.10 -18.64 -18.70
N THR A 381 -62.29 -19.19 -18.46
CA THR A 381 -62.78 -19.43 -17.10
C THR A 381 -63.10 -20.91 -16.97
N PRO A 382 -63.10 -21.45 -15.74
CA PRO A 382 -63.39 -22.87 -15.53
C PRO A 382 -64.71 -23.34 -16.16
N THR A 383 -65.70 -22.47 -16.20
CA THR A 383 -67.03 -22.83 -16.70
C THR A 383 -67.23 -22.46 -18.18
N TYR A 384 -67.14 -21.17 -18.48
CA TYR A 384 -67.30 -20.70 -19.86
C TYR A 384 -66.02 -20.03 -20.36
N SER A 385 -65.86 -19.98 -21.68
CA SER A 385 -64.68 -19.34 -22.27
C SER A 385 -65.04 -18.73 -23.62
N MET A 386 -64.48 -17.55 -23.89
CA MET A 386 -64.64 -16.92 -25.20
C MET A 386 -63.40 -17.17 -26.04
N ILE A 387 -63.60 -17.75 -27.22
CA ILE A 387 -62.49 -18.08 -28.11
C ILE A 387 -62.83 -17.66 -29.54
N GLY A 388 -62.10 -16.69 -30.05
CA GLY A 388 -62.37 -16.16 -31.38
C GLY A 388 -63.65 -15.34 -31.39
N GLY A 389 -63.99 -14.77 -30.23
CA GLY A 389 -65.16 -13.93 -30.10
C GLY A 389 -66.44 -14.72 -29.90
N ASN A 390 -66.32 -16.06 -29.88
CA ASN A 390 -67.47 -16.92 -29.71
C ASN A 390 -67.42 -17.66 -28.37
N MET A 391 -68.57 -18.11 -27.89
CA MET A 391 -68.65 -18.72 -26.57
C MET A 391 -68.56 -20.24 -26.59
N TYR A 392 -67.82 -20.79 -25.63
CA TYR A 392 -67.62 -22.23 -25.53
C TYR A 392 -67.76 -22.71 -24.09
N ASN A 393 -68.29 -23.91 -23.92
CA ASN A 393 -68.23 -24.59 -22.63
C ASN A 393 -66.80 -25.07 -22.40
N GLN A 394 -66.16 -24.52 -21.39
CA GLN A 394 -64.76 -24.85 -21.10
C GLN A 394 -64.59 -26.32 -20.77
N GLN A 395 -65.61 -26.92 -20.17
CA GLN A 395 -65.51 -28.28 -19.66
C GLN A 395 -65.84 -29.35 -20.70
N THR A 396 -66.65 -28.99 -21.69
CA THR A 396 -67.08 -29.97 -22.69
C THR A 396 -66.63 -29.60 -24.12
N GLY A 397 -66.27 -28.35 -24.32
CA GLY A 397 -65.79 -27.90 -25.61
C GLY A 397 -66.88 -27.57 -26.60
N GLU A 398 -68.13 -27.78 -26.18
CA GLU A 398 -69.28 -27.52 -27.06
C GLU A 398 -69.65 -26.05 -27.07
N PRO A 399 -69.93 -25.51 -28.27
CA PRO A 399 -70.27 -24.10 -28.47
C PRO A 399 -71.55 -23.68 -27.74
N ILE A 400 -71.52 -22.48 -27.16
CA ILE A 400 -72.72 -21.91 -26.56
C ILE A 400 -73.30 -20.89 -27.53
N ALA A 401 -74.50 -21.18 -28.03
CA ALA A 401 -75.13 -20.37 -29.06
C ALA A 401 -75.38 -18.94 -28.58
N THR A 402 -76.17 -18.81 -27.52
CA THR A 402 -76.50 -17.49 -26.98
C THR A 402 -75.55 -17.10 -25.85
N GLU A 403 -75.36 -15.80 -25.68
CA GLU A 403 -74.42 -15.28 -24.69
C GLU A 403 -75.17 -14.66 -23.52
N THR A 404 -74.91 -15.14 -22.30
CA THR A 404 -75.61 -14.64 -21.12
C THR A 404 -74.98 -13.34 -20.62
N LYS A 405 -75.51 -12.83 -19.50
CA LYS A 405 -75.02 -11.60 -18.89
C LYS A 405 -73.60 -11.77 -18.35
N GLU A 406 -73.40 -12.83 -17.57
CA GLU A 406 -72.13 -13.09 -16.92
C GLU A 406 -71.03 -13.34 -17.95
N MET A 407 -71.41 -13.91 -19.08
CA MET A 407 -70.47 -14.13 -20.18
C MET A 407 -70.13 -12.80 -20.84
N LYS A 408 -71.10 -11.88 -20.82
CA LYS A 408 -70.92 -10.54 -21.36
C LYS A 408 -70.21 -9.65 -20.35
N GLU A 409 -70.48 -9.89 -19.07
CA GLU A 409 -69.91 -9.09 -18.00
C GLU A 409 -68.40 -9.29 -17.88
N THR A 410 -67.96 -10.54 -17.89
CA THR A 410 -66.54 -10.84 -17.77
C THR A 410 -65.79 -10.45 -19.04
N LYS A 411 -66.50 -10.45 -20.17
CA LYS A 411 -65.93 -10.00 -21.43
C LYS A 411 -65.50 -8.55 -21.35
N GLU A 412 -66.29 -7.74 -20.66
CA GLU A 412 -66.02 -6.33 -20.51
C GLU A 412 -65.04 -6.05 -19.38
N LYS A 413 -65.03 -6.92 -18.37
CA LYS A 413 -64.03 -6.83 -17.32
C LYS A 413 -62.65 -7.07 -17.92
N VAL A 414 -62.58 -8.03 -18.83
CA VAL A 414 -61.33 -8.39 -19.51
C VAL A 414 -60.83 -7.25 -20.39
N ALA A 415 -61.73 -6.67 -21.17
CA ALA A 415 -61.38 -5.57 -22.06
C ALA A 415 -60.91 -4.35 -21.28
N LYS A 416 -61.52 -4.13 -20.12
CA LYS A 416 -61.16 -3.01 -19.26
C LYS A 416 -59.74 -3.18 -18.73
N GLU A 417 -59.43 -4.40 -18.27
CA GLU A 417 -58.11 -4.70 -17.74
C GLU A 417 -57.03 -4.51 -18.80
N LEU A 418 -57.32 -4.95 -20.03
CA LEU A 418 -56.37 -4.82 -21.13
C LEU A 418 -56.17 -3.36 -21.50
N GLU A 419 -57.23 -2.58 -21.40
CA GLU A 419 -57.17 -1.15 -21.75
C GLU A 419 -56.39 -0.36 -20.71
N LEU A 420 -56.65 -0.64 -19.43
CA LEU A 420 -55.94 0.03 -18.35
C LEU A 420 -54.46 -0.30 -18.36
N SER A 421 -54.12 -1.49 -18.85
CA SER A 421 -52.73 -1.90 -18.98
C SER A 421 -52.04 -1.12 -20.10
N ASP A 422 -52.75 -0.91 -21.19
CA ASP A 422 -52.23 -0.12 -22.29
C ASP A 422 -52.10 1.34 -21.88
N SER A 423 -53.00 1.78 -21.01
CA SER A 423 -52.98 3.14 -20.49
C SER A 423 -51.64 3.45 -19.81
N VAL A 424 -51.10 2.45 -19.13
CA VAL A 424 -49.81 2.59 -18.46
C VAL A 424 -48.69 2.72 -19.48
N LEU A 425 -48.68 1.84 -20.47
CA LEU A 425 -47.61 1.83 -21.47
C LEU A 425 -47.69 3.03 -22.41
N GLN A 426 -48.88 3.30 -22.93
CA GLN A 426 -49.06 4.38 -23.90
C GLN A 426 -48.85 5.76 -23.27
N GLY A 427 -49.24 5.90 -22.02
CA GLY A 427 -49.16 7.18 -21.34
C GLY A 427 -47.96 7.31 -20.41
N ASP A 428 -47.20 6.23 -20.28
CA ASP A 428 -46.02 6.18 -19.41
C ASP A 428 -46.36 6.67 -18.00
N LEU A 429 -47.40 6.08 -17.43
CA LEU A 429 -48.00 6.58 -16.19
C LEU A 429 -47.15 6.36 -14.94
N LEU A 430 -46.08 5.58 -15.07
CA LEU A 430 -45.25 5.28 -13.90
C LEU A 430 -44.29 6.43 -13.58
N ARG A 431 -44.29 7.46 -14.41
CA ARG A 431 -43.52 8.67 -14.12
C ARG A 431 -44.19 9.47 -13.01
N PHE A 432 -45.51 9.33 -12.92
CA PHE A 432 -46.30 10.16 -12.03
C PHE A 432 -46.71 9.42 -10.76
N TYR A 433 -46.30 8.17 -10.64
CA TYR A 433 -46.68 7.37 -9.48
C TYR A 433 -45.57 6.45 -8.98
N ALA A 434 -45.57 6.21 -7.67
CA ALA A 434 -44.74 5.21 -7.02
C ALA A 434 -45.23 5.04 -5.59
N PRO A 435 -45.17 3.79 -5.07
CA PRO A 435 -45.43 3.58 -3.64
C PRO A 435 -44.52 4.43 -2.77
N ASP A 436 -44.92 4.73 -1.54
CA ASP A 436 -44.21 5.68 -0.70
C ASP A 436 -42.76 5.30 -0.45
N GLY A 437 -42.53 4.10 0.04
CA GLY A 437 -41.18 3.67 0.36
C GLY A 437 -40.31 3.42 -0.87
N PHE A 438 -40.94 3.37 -2.03
CA PHE A 438 -40.26 2.97 -3.26
C PHE A 438 -39.34 4.05 -3.83
N LYS A 439 -38.23 3.61 -4.41
CA LYS A 439 -37.27 4.50 -5.05
C LYS A 439 -37.12 4.16 -6.53
N LYS A 440 -37.10 5.17 -7.38
CA LYS A 440 -37.09 4.94 -8.83
C LYS A 440 -35.71 4.59 -9.37
N VAL A 441 -35.68 4.06 -10.59
CA VAL A 441 -34.46 3.56 -11.20
C VAL A 441 -33.78 4.64 -12.05
N ASP A 442 -32.46 4.70 -11.95
CA ASP A 442 -31.66 5.58 -12.80
C ASP A 442 -30.98 4.75 -13.88
N PRO A 443 -31.60 4.66 -15.07
CA PRO A 443 -31.12 3.79 -16.14
C PRO A 443 -29.75 4.18 -16.70
N SER A 444 -29.29 5.40 -16.40
CA SER A 444 -28.01 5.88 -16.90
C SER A 444 -26.84 5.26 -16.13
N LYS A 445 -27.15 4.63 -14.99
CA LYS A 445 -26.11 4.05 -14.14
C LYS A 445 -25.84 2.59 -14.45
N TYR A 446 -26.31 2.12 -15.60
CA TYR A 446 -26.15 0.72 -15.97
C TYR A 446 -25.30 0.57 -17.24
N ASN A 447 -24.39 -0.40 -17.20
CA ASN A 447 -23.57 -0.72 -18.36
C ASN A 447 -23.33 -2.22 -18.45
N TYR A 448 -23.77 -2.83 -19.55
CA TYR A 448 -23.73 -4.27 -19.70
C TYR A 448 -22.55 -4.74 -20.56
N ASN A 449 -21.70 -3.80 -20.95
CA ASN A 449 -20.50 -4.13 -21.71
C ASN A 449 -19.40 -4.71 -20.81
N LYS A 450 -18.51 -5.49 -21.39
CA LYS A 450 -17.36 -6.01 -20.66
C LYS A 450 -16.06 -5.39 -21.15
N VAL B 36 -20.45 -1.32 58.92
CA VAL B 36 -21.64 -2.07 59.28
C VAL B 36 -22.53 -1.20 60.20
N THR B 37 -21.95 -0.69 61.27
CA THR B 37 -22.56 0.27 62.17
C THR B 37 -21.48 1.32 62.36
N GLU B 38 -20.32 1.00 61.81
CA GLU B 38 -19.19 1.91 61.73
C GLU B 38 -19.59 3.12 60.91
N VAL B 39 -20.27 2.87 59.80
CA VAL B 39 -20.77 3.93 58.93
C VAL B 39 -21.72 4.83 59.70
N LEU B 40 -22.58 4.22 60.52
CA LEU B 40 -23.50 4.98 61.35
C LEU B 40 -22.74 5.83 62.37
N ASN B 41 -21.69 5.25 62.94
CA ASN B 41 -20.90 5.94 63.96
C ASN B 41 -20.02 7.04 63.37
N TYR B 42 -19.59 6.86 62.13
CA TYR B 42 -18.89 7.92 61.42
C TYR B 42 -19.87 9.05 61.09
N THR B 43 -21.07 8.65 60.67
CA THR B 43 -22.12 9.60 60.31
C THR B 43 -22.52 10.48 61.48
N LYS B 44 -22.75 9.86 62.63
CA LYS B 44 -23.25 10.59 63.80
C LYS B 44 -22.21 11.55 64.38
N SER B 45 -20.94 11.23 64.22
CA SER B 45 -19.87 12.07 64.73
C SER B 45 -19.63 13.29 63.84
N LYS B 46 -20.03 13.16 62.57
CA LYS B 46 -19.82 14.22 61.59
C LYS B 46 -21.03 15.16 61.54
N TYR B 47 -22.14 14.71 62.14
CA TYR B 47 -23.40 15.44 62.08
C TYR B 47 -23.27 16.90 62.51
N ALA B 48 -23.92 17.79 61.76
CA ALA B 48 -23.91 19.21 62.07
C ALA B 48 -25.29 19.69 62.48
N ALA B 49 -25.38 20.24 63.69
CA ALA B 49 -26.64 20.71 64.24
C ALA B 49 -27.25 21.83 63.39
N PRO B 50 -28.59 21.85 63.29
CA PRO B 50 -29.31 22.84 62.48
C PRO B 50 -29.12 24.28 62.96
N ASN B 51 -29.12 25.22 62.02
CA ASN B 51 -29.02 26.63 62.34
C ASN B 51 -30.41 27.21 62.58
N PRO B 52 -30.70 27.64 63.82
CA PRO B 52 -31.99 28.19 64.24
C PRO B 52 -32.54 29.25 63.30
N GLU B 53 -31.65 30.02 62.67
CA GLU B 53 -32.06 31.06 61.73
C GLU B 53 -32.72 30.48 60.49
N TYR B 54 -32.34 29.27 60.12
CA TYR B 54 -32.82 28.66 58.88
C TYR B 54 -33.64 27.38 59.08
N PHE B 55 -33.61 26.81 60.28
CA PHE B 55 -34.26 25.53 60.52
C PHE B 55 -35.80 25.63 60.57
N GLY B 56 -36.46 24.61 60.01
CA GLY B 56 -37.90 24.49 60.09
C GLY B 56 -38.63 25.61 59.39
N LYS B 57 -37.93 26.31 58.52
CA LYS B 57 -38.45 27.58 58.05
C LYS B 57 -39.18 27.46 56.72
N ALA B 58 -38.70 26.60 55.83
CA ALA B 58 -39.44 26.29 54.61
C ALA B 58 -40.29 25.06 54.83
N LYS B 59 -40.79 24.92 56.06
CA LYS B 59 -41.59 23.75 56.44
C LYS B 59 -42.93 23.72 55.71
N GLY B 60 -43.25 22.58 55.12
CA GLY B 60 -44.50 22.41 54.41
C GLY B 60 -44.50 22.99 53.01
N LYS B 61 -43.37 23.57 52.62
CA LYS B 61 -43.23 24.17 51.29
C LYS B 61 -43.01 23.10 50.22
N ASN B 62 -43.21 23.46 48.96
CA ASN B 62 -42.89 22.59 47.84
C ASN B 62 -41.41 22.62 47.53
N VAL B 63 -40.91 21.61 46.81
CA VAL B 63 -39.52 21.58 46.42
C VAL B 63 -39.39 21.38 44.91
N ILE B 64 -38.71 22.32 44.25
CA ILE B 64 -38.49 22.24 42.82
C ILE B 64 -37.00 22.32 42.46
N TYR B 65 -36.39 21.17 42.21
CA TYR B 65 -35.01 21.11 41.75
C TYR B 65 -34.93 21.46 40.28
N ILE B 66 -34.08 22.42 39.93
CA ILE B 66 -33.82 22.74 38.54
C ILE B 66 -32.42 22.28 38.15
N HIS B 67 -32.36 21.15 37.46
CA HIS B 67 -31.10 20.52 37.07
C HIS B 67 -30.47 21.26 35.89
N LEU B 68 -29.43 22.03 36.18
CA LEU B 68 -28.69 22.74 35.13
C LEU B 68 -27.60 21.85 34.57
N GLU B 69 -27.93 21.13 33.50
CA GLU B 69 -27.02 20.18 32.87
C GLU B 69 -25.69 20.81 32.44
N SER B 70 -24.59 20.20 32.88
CA SER B 70 -23.24 20.60 32.49
C SER B 70 -22.97 22.09 32.70
N PHE B 71 -23.53 22.64 33.78
CA PHE B 71 -23.44 24.07 34.04
C PHE B 71 -22.38 24.36 35.10
N GLN B 72 -21.36 25.12 34.73
CA GLN B 72 -20.29 25.47 35.67
C GLN B 72 -20.51 26.86 36.24
N GLN B 73 -19.89 27.12 37.40
CA GLN B 73 -20.12 28.36 38.15
C GLN B 73 -19.50 29.58 37.47
N PHE B 74 -18.48 29.37 36.65
CA PHE B 74 -17.80 30.51 36.02
C PHE B 74 -18.68 31.19 34.98
N LEU B 75 -19.77 30.53 34.60
CA LEU B 75 -20.74 31.12 33.67
C LEU B 75 -21.55 32.23 34.34
N VAL B 76 -21.65 32.18 35.66
CA VAL B 76 -22.42 33.16 36.41
C VAL B 76 -21.77 34.55 36.31
N ASN B 77 -22.55 35.51 35.84
CA ASN B 77 -22.11 36.89 35.62
C ASN B 77 -20.97 37.00 34.60
N TYR B 78 -20.78 35.95 33.81
CA TYR B 78 -19.76 35.97 32.77
C TYR B 78 -20.27 36.70 31.54
N LYS B 79 -19.45 37.60 30.99
CA LYS B 79 -19.82 38.37 29.82
C LYS B 79 -19.00 37.97 28.60
N LEU B 80 -19.68 37.48 27.58
CA LEU B 80 -19.05 37.12 26.32
C LEU B 80 -19.15 38.28 25.33
N ASN B 81 -18.03 38.94 25.09
CA ASN B 81 -17.95 40.09 24.20
C ASN B 81 -18.90 41.21 24.61
N GLY B 82 -18.96 41.50 25.91
CA GLY B 82 -19.71 42.64 26.40
C GLY B 82 -21.08 42.35 26.98
N GLU B 83 -21.70 41.26 26.55
CA GLU B 83 -23.05 40.91 27.01
C GLU B 83 -23.08 39.65 27.85
N GLU B 84 -23.99 39.61 28.83
CA GLU B 84 -24.13 38.48 29.72
C GLU B 84 -24.54 37.22 28.95
N VAL B 85 -23.96 36.08 29.32
CA VAL B 85 -24.28 34.82 28.68
C VAL B 85 -25.56 34.22 29.26
N THR B 86 -25.66 34.23 30.58
CA THR B 86 -26.84 33.71 31.26
C THR B 86 -27.49 34.77 32.14
N PRO B 87 -28.21 35.71 31.50
CA PRO B 87 -28.80 36.88 32.16
C PRO B 87 -29.76 36.54 33.31
N PHE B 88 -30.74 35.68 33.05
CA PHE B 88 -31.76 35.37 34.05
C PHE B 88 -31.16 34.67 35.26
N ILE B 89 -30.27 33.71 35.01
CA ILE B 89 -29.61 32.98 36.09
C ILE B 89 -28.78 33.94 36.93
N ASN B 90 -28.15 34.92 36.27
CA ASN B 90 -27.37 35.93 36.96
C ASN B 90 -28.23 36.78 37.91
N SER B 91 -29.48 37.03 37.52
CA SER B 91 -30.38 37.83 38.33
C SER B 91 -30.93 37.02 39.50
N PHE B 92 -31.25 35.76 39.24
CA PHE B 92 -31.72 34.84 40.27
C PHE B 92 -30.65 34.66 41.34
N PHE B 93 -29.40 34.73 40.91
CA PHE B 93 -28.24 34.66 41.79
C PHE B 93 -28.20 35.85 42.74
N LYS B 94 -28.68 36.99 42.26
CA LYS B 94 -28.63 38.24 43.03
C LYS B 94 -29.90 38.48 43.85
N ASP B 95 -30.88 37.60 43.72
CA ASP B 95 -32.20 37.84 44.30
C ASP B 95 -32.19 37.91 45.83
N GLN B 96 -33.13 38.69 46.36
CA GLN B 96 -33.26 38.94 47.79
C GLN B 96 -33.42 37.67 48.62
N ASN B 97 -34.22 36.73 48.11
CA ASN B 97 -34.55 35.52 48.85
C ASN B 97 -33.75 34.30 48.39
N THR B 98 -32.62 34.55 47.73
CA THR B 98 -31.83 33.45 47.17
C THR B 98 -30.50 33.25 47.88
N LEU B 99 -30.31 32.06 48.44
CA LEU B 99 -29.04 31.66 49.02
C LEU B 99 -28.12 31.14 47.93
N SER B 100 -27.17 31.97 47.51
CA SER B 100 -26.26 31.61 46.42
C SER B 100 -24.90 31.17 46.93
N PHE B 101 -24.38 30.10 46.36
CA PHE B 101 -23.10 29.55 46.77
C PHE B 101 -22.04 29.72 45.69
N THR B 102 -20.88 30.24 46.07
CA THR B 102 -19.81 30.52 45.11
C THR B 102 -18.70 29.48 45.20
N ASN B 103 -18.65 28.75 46.32
CA ASN B 103 -17.63 27.72 46.52
C ASN B 103 -18.25 26.35 46.66
N PHE B 104 -19.19 26.04 45.75
CA PHE B 104 -19.91 24.77 45.75
C PHE B 104 -19.38 23.88 44.63
N PHE B 105 -18.84 22.72 44.99
CA PHE B 105 -18.22 21.82 44.02
C PHE B 105 -19.07 20.59 43.73
N HIS B 106 -18.96 20.07 42.51
CA HIS B 106 -19.61 18.82 42.16
C HIS B 106 -18.69 17.67 42.56
N GLN B 107 -19.28 16.53 42.92
CA GLN B 107 -18.51 15.40 43.40
C GLN B 107 -18.82 14.14 42.61
N THR B 108 -19.02 14.29 41.31
CA THR B 108 -19.39 13.19 40.43
C THR B 108 -18.18 12.42 39.91
N GLY B 109 -18.42 11.21 39.42
CA GLY B 109 -17.37 10.39 38.86
C GLY B 109 -17.68 9.98 37.44
N GLN B 110 -17.56 8.69 37.15
CA GLN B 110 -17.84 8.18 35.81
C GLN B 110 -19.33 8.06 35.55
N GLY B 111 -20.12 8.13 36.63
CA GLY B 111 -21.56 8.07 36.51
C GLY B 111 -22.16 9.37 36.02
N LYS B 112 -21.33 10.42 35.98
CA LYS B 112 -21.71 11.72 35.45
C LYS B 112 -22.98 12.28 36.11
N ALA B 114 -25.76 10.65 36.68
CA ALA B 114 -26.31 9.65 37.58
C ALA B 114 -25.71 9.77 38.98
N ASP B 115 -24.42 10.13 39.04
CA ASP B 115 -23.75 10.32 40.32
C ASP B 115 -24.31 11.52 41.08
N SER B 116 -24.65 12.58 40.35
CA SER B 116 -25.19 13.78 40.97
C SER B 116 -26.56 13.51 41.57
N GLU B 117 -27.35 12.68 40.91
CA GLU B 117 -28.66 12.30 41.43
C GLU B 117 -28.49 11.45 42.70
N MET B 118 -27.52 10.56 42.67
CA MET B 118 -27.19 9.73 43.83
C MET B 118 -26.83 10.60 45.03
N LEU B 119 -26.00 11.61 44.78
CA LEU B 119 -25.56 12.53 45.81
C LEU B 119 -26.73 13.36 46.36
N LEU B 120 -27.61 13.79 45.47
CA LEU B 120 -28.73 14.65 45.86
C LEU B 120 -29.85 13.91 46.58
N GLU B 121 -30.02 12.64 46.24
CA GLU B 121 -31.14 11.88 46.78
C GLU B 121 -30.79 11.13 48.06
N ASN B 122 -29.56 10.65 48.16
CA ASN B 122 -29.18 9.78 49.28
C ASN B 122 -28.01 10.31 50.09
N SER B 123 -27.41 11.41 49.63
CA SER B 123 -26.19 11.94 50.23
C SER B 123 -25.11 10.86 50.28
N LEU B 124 -25.04 10.07 49.22
CA LEU B 124 -24.01 9.05 49.06
C LEU B 124 -23.20 9.34 47.81
N TYR B 125 -21.89 9.08 47.87
CA TYR B 125 -21.05 9.25 46.70
C TYR B 125 -21.30 8.12 45.70
N GLY B 126 -20.91 8.34 44.45
CA GLY B 126 -20.99 7.29 43.45
C GLY B 126 -19.90 6.26 43.66
N LEU B 127 -19.79 5.32 42.72
CA LEU B 127 -18.76 4.30 42.79
C LEU B 127 -17.42 4.84 42.31
N PRO B 128 -16.31 4.21 42.74
CA PRO B 128 -14.98 4.61 42.25
C PRO B 128 -14.88 4.50 40.73
N GLN B 129 -15.33 3.37 40.20
CA GLN B 129 -15.37 3.15 38.77
C GLN B 129 -16.79 2.79 38.32
N GLY B 130 -17.19 3.27 37.15
CA GLY B 130 -18.49 2.92 36.61
C GLY B 130 -19.67 3.62 37.26
N SER B 131 -20.86 3.37 36.74
CA SER B 131 -22.08 4.01 37.22
C SER B 131 -22.75 3.20 38.33
N ALA B 132 -23.04 3.88 39.44
CA ALA B 132 -23.73 3.24 40.56
C ALA B 132 -25.19 2.98 40.23
N PHE B 133 -25.74 3.75 39.28
CA PHE B 133 -27.13 3.60 38.90
C PHE B 133 -27.38 2.30 38.14
N THR B 134 -26.43 1.93 37.28
CA THR B 134 -26.59 0.77 36.42
C THR B 134 -26.39 -0.55 37.18
N THR B 135 -25.46 -0.54 38.13
CA THR B 135 -25.09 -1.77 38.82
C THR B 135 -25.78 -1.94 40.19
N LYS B 136 -26.18 -0.83 40.79
CA LYS B 136 -26.82 -0.88 42.11
C LYS B 136 -28.28 -0.44 42.02
N GLY B 137 -28.98 -0.89 40.98
CA GLY B 137 -30.34 -0.47 40.73
C GLY B 137 -31.39 -1.15 41.59
N GLN B 138 -31.00 -2.22 42.27
CA GLN B 138 -31.91 -2.96 43.16
C GLN B 138 -31.44 -2.91 44.61
N ASN B 139 -30.46 -2.05 44.87
CA ASN B 139 -30.01 -1.78 46.23
C ASN B 139 -31.11 -1.13 47.07
N THR B 140 -31.02 -1.31 48.38
CA THR B 140 -31.95 -0.68 49.31
C THR B 140 -31.56 0.77 49.54
N TYR B 141 -32.51 1.69 49.35
CA TYR B 141 -32.24 3.10 49.57
C TYR B 141 -33.26 3.78 50.48
N GLU B 142 -32.81 4.83 51.15
CA GLU B 142 -33.67 5.64 52.00
C GLU B 142 -33.55 7.10 51.57
N SER B 143 -33.89 7.36 50.31
CA SER B 143 -33.65 8.66 49.69
C SER B 143 -34.64 9.73 50.14
N ALA B 144 -34.51 10.91 49.54
CA ALA B 144 -35.33 12.07 49.88
C ALA B 144 -36.81 11.84 49.56
N SER B 145 -37.06 11.14 48.45
CA SER B 145 -38.42 10.82 48.04
C SER B 145 -39.14 10.04 49.13
N ALA B 146 -38.41 9.12 49.75
CA ALA B 146 -38.95 8.33 50.85
C ALA B 146 -39.07 9.16 52.12
N ILE B 147 -37.97 9.81 52.49
CA ILE B 147 -37.89 10.60 53.73
C ILE B 147 -39.00 11.66 53.81
N LEU B 148 -39.37 12.23 52.68
CA LEU B 148 -40.42 13.24 52.65
C LEU B 148 -41.79 12.60 52.43
N GLY B 149 -41.77 11.32 52.07
CA GLY B 149 -43.00 10.56 51.90
C GLY B 149 -43.91 10.44 53.12
N GLN B 150 -43.37 10.47 54.34
CA GLN B 150 -44.22 10.23 55.51
C GLN B 150 -45.11 11.43 55.72
N GLN B 151 -44.53 12.60 55.50
CA GLN B 151 -45.17 13.82 55.91
C GLN B 151 -46.11 14.29 54.79
N GLY B 152 -46.34 13.39 53.84
CA GLY B 152 -47.37 13.58 52.83
C GLY B 152 -46.89 14.22 51.55
N TYR B 153 -45.60 14.11 51.26
CA TYR B 153 -45.08 14.66 50.01
C TYR B 153 -45.34 13.74 48.84
N THR B 154 -45.37 14.31 47.64
CA THR B 154 -45.56 13.55 46.42
C THR B 154 -44.34 13.69 45.52
N SER B 155 -43.79 12.57 45.07
CA SER B 155 -42.54 12.58 44.32
C SER B 155 -42.77 12.55 42.81
N ALA B 156 -41.91 13.23 42.06
CA ALA B 156 -42.01 13.27 40.61
C ALA B 156 -40.71 13.73 39.95
N VAL B 157 -40.34 13.06 38.86
CA VAL B 157 -39.17 13.44 38.08
C VAL B 157 -39.57 13.78 36.64
N PHE B 158 -39.06 14.90 36.14
CA PHE B 158 -39.32 15.31 34.76
C PHE B 158 -38.03 15.23 33.94
N HIS B 159 -38.06 14.46 32.86
CA HIS B 159 -36.90 14.30 32.00
C HIS B 159 -37.31 14.14 30.55
N GLY B 160 -36.62 14.85 29.65
CA GLY B 160 -36.95 14.82 28.25
C GLY B 160 -36.34 13.65 27.49
N ASN B 161 -36.17 12.53 28.18
CA ASN B 161 -35.62 11.33 27.57
C ASN B 161 -36.25 10.08 28.19
N TYR B 162 -36.07 8.93 27.54
CA TYR B 162 -36.78 7.72 27.94
C TYR B 162 -36.25 7.11 29.25
N LYS B 163 -37.15 6.44 29.95
CA LYS B 163 -36.90 5.89 31.29
C LYS B 163 -35.76 4.88 31.37
N SER B 164 -35.39 4.31 30.24
CA SER B 164 -34.37 3.24 30.23
C SER B 164 -32.96 3.79 30.36
N PHE B 165 -32.77 5.04 30.00
CA PHE B 165 -31.45 5.67 30.02
C PHE B 165 -30.98 5.88 31.46
N TRP B 166 -29.71 5.53 31.72
CA TRP B 166 -29.12 5.53 33.07
C TRP B 166 -29.85 4.64 34.06
N ASN B 167 -30.62 3.66 33.55
CA ASN B 167 -31.33 2.72 34.39
C ASN B 167 -32.27 3.40 35.40
N ARG B 168 -32.70 4.60 35.06
CA ARG B 168 -33.54 5.40 35.96
C ARG B 168 -34.85 4.69 36.30
N ASP B 169 -35.41 4.00 35.32
CA ASP B 169 -36.69 3.30 35.48
C ASP B 169 -36.66 2.33 36.67
N GLU B 170 -35.56 1.63 36.84
CA GLU B 170 -35.44 0.61 37.88
C GLU B 170 -35.12 1.21 39.24
N ILE B 171 -34.10 2.06 39.30
CA ILE B 171 -33.57 2.54 40.57
C ILE B 171 -34.46 3.61 41.20
N TYR B 172 -35.24 4.33 40.39
CA TYR B 172 -36.14 5.35 40.91
C TYR B 172 -37.24 4.72 41.78
N LYS B 173 -37.56 3.47 41.49
CA LYS B 173 -38.54 2.73 42.29
C LYS B 173 -37.95 2.42 43.66
N GLN B 174 -36.64 2.23 43.71
CA GLN B 174 -35.95 1.98 44.97
C GLN B 174 -35.84 3.27 45.79
N PHE B 175 -35.76 4.40 45.10
CA PHE B 175 -35.70 5.70 45.77
C PHE B 175 -37.03 6.05 46.40
N GLY B 176 -38.12 5.76 45.68
CA GLY B 176 -39.45 6.04 46.17
C GLY B 176 -40.17 7.11 45.36
N TYR B 177 -39.64 7.42 44.19
CA TYR B 177 -40.26 8.41 43.30
C TYR B 177 -41.63 7.93 42.83
N ASP B 178 -42.66 8.67 43.21
CA ASP B 178 -44.04 8.31 42.90
C ASP B 178 -44.33 8.38 41.40
N ASN B 179 -43.78 9.40 40.74
CA ASN B 179 -44.00 9.58 39.31
C ASN B 179 -42.72 9.82 38.54
N PHE B 180 -42.68 9.32 37.31
CA PHE B 180 -41.58 9.59 36.41
C PHE B 180 -42.14 10.01 35.05
N PHE B 181 -42.04 11.30 34.76
CA PHE B 181 -42.51 11.84 33.48
C PHE B 181 -41.37 11.85 32.46
N ASP B 182 -41.18 10.73 31.76
CA ASP B 182 -40.12 10.62 30.76
C ASP B 182 -40.62 11.04 29.38
N ALA B 183 -39.84 10.70 28.35
CA ALA B 183 -40.10 11.15 26.98
C ALA B 183 -41.45 10.67 26.44
N SER B 184 -42.00 9.63 27.05
CA SER B 184 -43.33 9.15 26.66
C SER B 184 -44.38 10.17 27.05
N TYR B 185 -44.09 10.97 28.06
CA TYR B 185 -45.05 11.96 28.50
C TYR B 185 -44.95 13.25 27.69
N TYR B 186 -44.19 13.23 26.60
CA TYR B 186 -43.95 14.44 25.80
C TYR B 186 -44.11 14.19 24.29
N ASP B 187 -44.27 15.28 23.53
CA ASP B 187 -44.35 15.20 22.08
C ASP B 187 -42.95 15.22 21.47
N MET B 188 -42.46 14.04 21.12
CA MET B 188 -41.09 13.89 20.64
C MET B 188 -41.00 13.97 19.12
N ASN B 189 -41.48 15.08 18.56
CA ASN B 189 -41.32 15.32 17.13
C ASN B 189 -39.90 15.77 16.80
N GLU B 190 -39.52 15.58 15.55
CA GLU B 190 -38.15 15.76 15.06
C GLU B 190 -37.62 17.20 15.17
N ALA B 191 -38.54 18.16 15.26
CA ALA B 191 -38.17 19.56 15.38
C ALA B 191 -37.88 19.95 16.83
N ASP B 192 -38.46 19.23 17.78
CA ASP B 192 -38.28 19.53 19.19
C ASP B 192 -37.26 18.63 19.86
N VAL B 193 -36.60 17.79 19.06
CA VAL B 193 -35.69 16.79 19.60
C VAL B 193 -34.27 16.92 19.04
N SER B 194 -33.30 17.09 19.92
CA SER B 194 -31.89 17.11 19.54
C SER B 194 -31.33 15.69 19.54
N ASN B 195 -30.04 15.55 19.80
CA ASN B 195 -29.40 14.25 19.78
C ASN B 195 -29.68 13.43 21.05
N TYR B 196 -29.81 14.11 22.18
CA TYR B 196 -29.98 13.44 23.46
C TYR B 196 -31.43 13.35 23.92
N GLY B 197 -32.31 14.09 23.25
CA GLY B 197 -33.72 14.06 23.59
C GLY B 197 -34.42 15.39 23.41
N LEU B 198 -35.56 15.55 24.08
CA LEU B 198 -36.38 16.74 23.95
C LEU B 198 -35.63 18.01 24.36
N LYS B 199 -35.71 19.03 23.51
CA LYS B 199 -35.11 20.33 23.81
C LYS B 199 -35.76 20.93 25.05
N ASP B 200 -35.04 21.82 25.73
CA ASP B 200 -35.47 22.32 27.04
C ASP B 200 -36.67 23.25 26.98
N LYS B 201 -36.74 24.10 25.97
CA LYS B 201 -37.86 25.03 25.83
C LYS B 201 -39.19 24.29 25.64
N PRO B 202 -39.25 23.26 24.77
CA PRO B 202 -40.49 22.50 24.76
C PRO B 202 -40.67 21.67 26.02
N PHE B 203 -39.57 21.19 26.60
CA PHE B 203 -39.61 20.34 27.79
C PHE B 203 -40.29 21.02 28.97
N PHE B 204 -39.98 22.29 29.20
CA PHE B 204 -40.54 23.04 30.32
C PHE B 204 -41.99 23.41 30.07
N LYS B 205 -42.30 23.79 28.83
CA LYS B 205 -43.65 24.19 28.47
C LYS B 205 -44.63 23.02 28.53
N GLU B 206 -44.20 21.88 28.00
CA GLU B 206 -45.07 20.70 27.94
C GLU B 206 -45.26 20.06 29.32
N SER B 207 -44.38 20.38 30.26
CA SER B 207 -44.44 19.78 31.59
C SER B 207 -45.25 20.61 32.57
N GLU B 208 -45.65 21.81 32.15
CA GLU B 208 -46.51 22.67 32.96
C GLU B 208 -47.82 21.96 33.28
N GLU B 209 -48.31 21.20 32.30
CA GLU B 209 -49.56 20.46 32.42
C GLU B 209 -49.55 19.45 33.57
N TYR B 210 -48.41 18.79 33.76
CA TYR B 210 -48.30 17.73 34.76
C TYR B 210 -48.06 18.28 36.17
N LEU B 211 -47.22 19.30 36.26
CA LEU B 211 -46.84 19.87 37.56
C LEU B 211 -48.03 20.56 38.24
N SER B 212 -48.89 21.16 37.44
CA SER B 212 -50.05 21.87 37.97
C SER B 212 -51.04 20.91 38.62
N SER B 213 -51.25 19.77 37.99
CA SER B 213 -52.20 18.78 38.49
C SER B 213 -51.52 17.78 39.43
N LEU B 214 -50.32 18.10 39.87
CA LEU B 214 -49.60 17.25 40.80
C LEU B 214 -49.99 17.59 42.24
N GLN B 215 -50.20 16.55 43.05
CA GLN B 215 -50.68 16.73 44.41
C GLN B 215 -49.67 17.44 45.30
N GLN B 216 -50.12 18.49 45.98
CA GLN B 216 -49.26 19.25 46.90
C GLN B 216 -49.46 18.79 48.34
N PRO B 217 -48.39 18.79 49.15
CA PRO B 217 -47.03 19.23 48.80
C PRO B 217 -46.26 18.18 48.00
N PHE B 218 -45.37 18.63 47.12
CA PHE B 218 -44.62 17.70 46.27
C PHE B 218 -43.11 17.95 46.29
N TYR B 219 -42.37 16.91 45.91
CA TYR B 219 -40.92 16.97 45.79
C TYR B 219 -40.54 16.58 44.36
N THR B 220 -40.06 17.56 43.59
CA THR B 220 -39.81 17.35 42.16
C THR B 220 -38.41 17.73 41.71
N LYS B 221 -38.01 17.18 40.57
CA LYS B 221 -36.70 17.47 39.97
C LYS B 221 -36.81 17.49 38.46
N PHE B 222 -36.33 18.56 37.84
CA PHE B 222 -36.42 18.73 36.39
C PHE B 222 -35.06 18.59 35.71
N ILE B 223 -34.79 17.41 35.16
CA ILE B 223 -33.51 17.16 34.49
C ILE B 223 -33.52 17.70 33.06
N THR B 224 -32.64 18.67 32.79
CA THR B 224 -32.54 19.25 31.45
C THR B 224 -31.57 18.45 30.58
N LEU B 225 -31.54 18.74 29.30
CA LEU B 225 -30.80 17.90 28.34
C LEU B 225 -29.98 18.67 27.31
N THR B 226 -30.50 19.82 26.87
CA THR B 226 -29.92 20.53 25.74
C THR B 226 -28.45 20.91 25.93
N ASN B 227 -28.12 21.42 27.10
CA ASN B 227 -26.73 21.81 27.39
C ASN B 227 -25.86 20.58 27.64
N HIS B 228 -25.60 19.82 26.59
CA HIS B 228 -24.88 18.55 26.70
C HIS B 228 -23.80 18.43 25.63
N PHE B 229 -22.63 17.94 26.02
CA PHE B 229 -21.49 17.78 25.11
C PHE B 229 -21.89 17.01 23.85
N PRO B 230 -21.43 17.48 22.67
CA PRO B 230 -20.54 18.62 22.45
C PRO B 230 -21.24 19.95 22.24
N TYR B 231 -22.40 20.11 22.85
CA TYR B 231 -23.17 21.36 22.82
C TYR B 231 -23.43 21.87 21.41
N PRO B 232 -24.23 21.13 20.63
CA PRO B 232 -24.61 21.61 19.30
C PRO B 232 -25.90 22.42 19.37
N ILE B 233 -26.03 23.43 18.52
CA ILE B 233 -27.27 24.18 18.47
C ILE B 233 -27.47 24.80 17.08
N ASP B 234 -28.63 24.52 16.50
CA ASP B 234 -28.98 25.04 15.18
C ASP B 234 -29.27 26.52 15.29
N GLU B 235 -29.14 27.25 14.19
CA GLU B 235 -29.39 28.69 14.25
C GLU B 235 -30.77 29.04 13.66
N LYS B 236 -31.60 29.71 14.47
CA LYS B 236 -31.23 30.00 15.85
C LYS B 236 -32.27 29.57 16.87
N ASP B 237 -32.02 28.43 17.50
CA ASP B 237 -32.57 28.18 18.82
C ASP B 237 -31.70 28.99 19.76
N ALA B 238 -30.50 29.29 19.28
CA ALA B 238 -29.54 30.14 19.98
C ALA B 238 -29.91 31.60 19.84
N SER B 239 -29.27 32.45 20.64
CA SER B 239 -29.51 33.88 20.57
C SER B 239 -28.28 34.64 21.05
N ILE B 240 -27.10 34.08 20.77
CA ILE B 240 -25.84 34.71 21.12
C ILE B 240 -24.71 34.17 20.25
N ALA B 241 -23.79 35.06 19.87
CA ALA B 241 -22.65 34.67 19.04
C ALA B 241 -21.72 33.72 19.79
N PRO B 242 -21.21 32.70 19.11
CA PRO B 242 -20.31 31.73 19.73
C PRO B 242 -18.97 32.36 20.10
N ALA B 243 -18.29 31.79 21.08
CA ALA B 243 -16.98 32.29 21.48
C ALA B 243 -15.98 32.14 20.35
N THR B 244 -14.85 32.81 20.46
CA THR B 244 -13.86 32.83 19.37
C THR B 244 -12.51 32.31 19.82
N THR B 245 -12.48 31.05 20.27
CA THR B 245 -11.25 30.46 20.78
C THR B 245 -10.60 29.51 19.78
N GLY B 246 -11.39 29.01 18.84
CA GLY B 246 -10.90 28.05 17.87
C GLY B 246 -11.25 26.63 18.26
N ASP B 247 -11.85 26.49 19.44
CA ASP B 247 -12.28 25.18 19.95
C ASP B 247 -13.80 25.11 19.90
N SER B 248 -14.33 24.32 18.97
CA SER B 248 -15.76 24.27 18.70
C SER B 248 -16.62 23.90 19.90
N SER B 249 -16.24 22.85 20.61
CA SER B 249 -17.02 22.39 21.77
C SER B 249 -17.05 23.43 22.88
N VAL B 250 -15.99 24.22 22.98
CA VAL B 250 -15.91 25.28 23.98
C VAL B 250 -16.68 26.51 23.52
N ASP B 251 -16.56 26.84 22.25
CA ASP B 251 -17.18 28.04 21.69
C ASP B 251 -18.70 27.99 21.69
N THR B 252 -19.26 26.84 21.34
CA THR B 252 -20.71 26.68 21.27
C THR B 252 -21.30 26.32 22.63
N TYR B 253 -20.45 26.20 23.64
CA TYR B 253 -20.89 25.88 24.99
C TYR B 253 -21.71 27.02 25.58
N PHE B 254 -21.31 28.25 25.27
CA PHE B 254 -22.01 29.43 25.76
C PHE B 254 -23.38 29.57 25.11
N GLN B 255 -23.49 29.10 23.87
CA GLN B 255 -24.75 29.18 23.13
C GLN B 255 -25.82 28.30 23.75
N THR B 256 -25.48 27.03 23.97
CA THR B 256 -26.40 26.09 24.60
C THR B 256 -26.69 26.51 26.04
N ALA B 257 -25.73 27.21 26.65
CA ALA B 257 -25.89 27.72 28.00
C ALA B 257 -27.00 28.77 28.05
N ARG B 258 -26.95 29.72 27.12
CA ARG B 258 -27.97 30.77 27.04
C ARG B 258 -29.35 30.16 26.72
N TYR B 259 -29.36 29.18 25.82
CA TYR B 259 -30.60 28.47 25.50
C TYR B 259 -31.23 27.93 26.77
N LEU B 260 -30.39 27.33 27.61
CA LEU B 260 -30.84 26.79 28.89
C LEU B 260 -31.32 27.93 29.80
N ASP B 261 -30.55 29.01 29.82
CA ASP B 261 -30.88 30.18 30.63
C ASP B 261 -32.24 30.76 30.27
N GLU B 262 -32.51 30.86 28.97
CA GLU B 262 -33.77 31.42 28.48
C GLU B 262 -34.95 30.52 28.81
N SER B 263 -34.75 29.21 28.69
CA SER B 263 -35.81 28.24 28.94
C SER B 263 -36.16 28.15 30.42
N VAL B 264 -35.16 28.32 31.28
CA VAL B 264 -35.40 28.33 32.71
C VAL B 264 -36.23 29.54 33.08
N LYS B 265 -35.89 30.69 32.51
CA LYS B 265 -36.64 31.93 32.70
C LYS B 265 -38.11 31.74 32.36
N SER B 266 -38.38 31.12 31.21
CA SER B 266 -39.73 30.84 30.77
C SER B 266 -40.45 29.88 31.74
N PHE B 267 -39.66 29.01 32.36
CA PHE B 267 -40.21 28.05 33.33
C PHE B 267 -40.50 28.74 34.67
N VAL B 268 -39.60 29.63 35.07
CA VAL B 268 -39.78 30.37 36.32
C VAL B 268 -40.92 31.38 36.19
N ASP B 269 -41.10 31.92 34.98
CA ASP B 269 -42.24 32.80 34.70
C ASP B 269 -43.56 32.06 34.93
N TYR B 270 -43.61 30.80 34.51
CA TYR B 270 -44.78 29.97 34.72
C TYR B 270 -45.03 29.71 36.20
N LEU B 271 -43.94 29.59 36.96
CA LEU B 271 -44.02 29.29 38.39
C LEU B 271 -44.65 30.43 39.17
N LYS B 272 -44.38 31.66 38.75
CA LYS B 272 -44.89 32.84 39.44
C LYS B 272 -46.37 33.07 39.18
N LYS B 273 -46.77 32.87 37.92
CA LYS B 273 -48.15 33.05 37.51
C LYS B 273 -49.08 32.05 38.21
N SER B 274 -48.61 30.82 38.34
CA SER B 274 -49.43 29.75 38.91
C SER B 274 -49.38 29.78 40.43
N GLY B 275 -48.52 30.64 40.98
CA GLY B 275 -48.43 30.81 42.42
C GLY B 275 -47.50 29.82 43.10
N LEU B 276 -46.85 28.98 42.30
CA LEU B 276 -45.94 27.97 42.82
C LEU B 276 -44.63 28.59 43.31
N TYR B 277 -44.30 29.76 42.77
CA TYR B 277 -43.05 30.43 43.09
C TYR B 277 -42.95 30.86 44.56
N ASP B 278 -44.10 30.94 45.24
CA ASP B 278 -44.14 31.44 46.60
C ASP B 278 -44.34 30.33 47.64
N ASN B 279 -44.71 29.14 47.19
CA ASN B 279 -44.88 27.99 48.08
C ASN B 279 -43.70 27.03 47.86
N SER B 280 -42.98 27.20 46.77
CA SER B 280 -41.90 26.27 46.46
C SER B 280 -40.51 26.80 46.81
N VAL B 281 -39.67 25.90 47.30
CA VAL B 281 -38.25 26.16 47.42
C VAL B 281 -37.60 25.78 46.09
N ILE B 282 -37.21 26.79 45.31
CA ILE B 282 -36.62 26.55 44.01
C ILE B 282 -35.10 26.43 44.13
N ILE B 283 -34.58 25.27 43.78
CA ILE B 283 -33.14 25.01 43.88
C ILE B 283 -32.53 24.75 42.51
N MET B 284 -31.68 25.67 42.06
CA MET B 284 -30.95 25.48 40.82
C MET B 284 -29.52 25.02 41.11
N TYR B 285 -29.10 23.96 40.43
CA TYR B 285 -27.78 23.39 40.67
C TYR B 285 -27.18 22.81 39.40
N GLY B 286 -25.85 22.77 39.35
CA GLY B 286 -25.14 22.11 38.27
C GLY B 286 -24.73 20.71 38.71
N ASP B 287 -24.80 19.75 37.79
CA ASP B 287 -24.49 18.36 38.14
C ASP B 287 -23.00 18.06 38.06
N HIS B 288 -22.36 18.51 36.98
CA HIS B 288 -20.92 18.31 36.81
C HIS B 288 -20.32 19.35 35.87
N TYR B 289 -19.04 19.21 35.57
CA TYR B 289 -18.36 20.15 34.70
C TYR B 289 -18.91 20.09 33.28
N GLY B 290 -18.73 21.18 32.54
CA GLY B 290 -19.13 21.23 31.15
C GLY B 290 -17.94 21.13 30.22
N ILE B 291 -16.83 21.74 30.63
CA ILE B 291 -15.60 21.73 29.85
C ILE B 291 -14.51 20.92 30.54
N SER B 292 -14.08 19.84 29.91
CA SER B 292 -13.08 18.96 30.48
C SER B 292 -11.70 19.61 30.55
N ASP B 293 -10.72 18.85 31.02
CA ASP B 293 -9.36 19.36 31.19
C ASP B 293 -8.58 19.35 29.88
N ASN B 294 -9.24 18.95 28.80
CA ASN B 294 -8.57 18.81 27.51
C ASN B 294 -8.79 20.01 26.59
N HIS B 295 -8.94 21.19 27.18
CA HIS B 295 -9.09 22.41 26.41
C HIS B 295 -8.35 23.56 27.09
N GLU B 296 -7.06 23.34 27.38
CA GLU B 296 -6.26 24.31 28.12
C GLU B 296 -6.14 25.65 27.41
N GLU B 297 -5.86 25.60 26.10
CA GLU B 297 -5.68 26.81 25.32
C GLU B 297 -6.94 27.66 25.27
N ALA B 298 -8.08 27.00 25.06
CA ALA B 298 -9.35 27.70 24.97
C ALA B 298 -9.74 28.30 26.31
N MET B 299 -9.58 27.54 27.38
CA MET B 299 -9.96 27.99 28.72
C MET B 299 -9.02 29.08 29.25
N THR B 300 -7.78 29.07 28.77
CA THR B 300 -6.82 30.10 29.13
C THR B 300 -7.31 31.45 28.63
N LYS B 301 -7.96 31.44 27.47
CA LYS B 301 -8.54 32.66 26.90
C LYS B 301 -9.85 33.02 27.59
N ILE B 302 -10.61 32.01 27.98
CA ILE B 302 -11.93 32.23 28.58
C ILE B 302 -11.83 32.78 30.01
N LEU B 303 -10.95 32.20 30.81
CA LEU B 303 -10.85 32.59 32.21
C LEU B 303 -9.83 33.70 32.45
N GLY B 304 -9.07 34.04 31.42
CA GLY B 304 -8.12 35.14 31.50
C GLY B 304 -6.75 34.75 32.00
N LYS B 305 -6.70 33.83 32.96
CA LYS B 305 -5.44 33.37 33.51
C LYS B 305 -5.05 32.04 32.89
N ASP B 306 -3.82 31.58 33.15
CA ASP B 306 -3.36 30.31 32.62
C ASP B 306 -4.15 29.16 33.24
N TYR B 307 -4.65 28.28 32.38
CA TYR B 307 -5.49 27.17 32.83
C TYR B 307 -4.66 25.93 33.14
N ASN B 308 -3.99 25.94 34.29
CA ASN B 308 -3.19 24.79 34.72
C ASN B 308 -4.04 23.79 35.49
N THR B 309 -3.38 22.82 36.12
CA THR B 309 -4.07 21.77 36.87
C THR B 309 -4.86 22.37 38.03
N PHE B 310 -4.30 23.38 38.67
CA PHE B 310 -4.94 24.04 39.80
C PHE B 310 -6.24 24.70 39.39
N GLU B 311 -6.17 25.55 38.36
CA GLU B 311 -7.33 26.31 37.91
C GLU B 311 -8.44 25.40 37.39
N ASN B 312 -8.04 24.22 36.90
CA ASN B 312 -9.00 23.24 36.43
C ASN B 312 -9.83 22.68 37.58
N ALA B 313 -9.18 22.51 38.73
CA ALA B 313 -9.88 22.04 39.92
C ALA B 313 -10.86 23.10 40.41
N GLN B 314 -10.46 24.37 40.27
CA GLN B 314 -11.30 25.48 40.68
C GLN B 314 -12.48 25.64 39.73
N ALA B 315 -12.30 25.16 38.50
CA ALA B 315 -13.36 25.22 37.50
C ALA B 315 -14.45 24.18 37.76
N GLN B 316 -14.23 23.33 38.75
CA GLN B 316 -15.19 22.29 39.08
C GLN B 316 -16.31 22.83 39.96
N ARG B 317 -16.30 24.13 40.20
CA ARG B 317 -17.38 24.79 40.91
C ARG B 317 -18.66 24.79 40.07
N VAL B 318 -19.74 24.29 40.66
CA VAL B 318 -21.04 24.35 40.00
C VAL B 318 -21.99 25.21 40.82
N PRO B 319 -22.94 25.88 40.16
CA PRO B 319 -23.83 26.79 40.89
C PRO B 319 -24.77 26.08 41.85
N LEU B 320 -25.00 26.68 43.00
CA LEU B 320 -26.06 26.24 43.90
C LEU B 320 -26.82 27.47 44.38
N MET B 321 -28.07 27.58 43.95
CA MET B 321 -28.90 28.72 44.31
C MET B 321 -30.21 28.25 44.92
N ILE B 322 -30.43 28.61 46.18
CA ILE B 322 -31.62 28.18 46.89
C ILE B 322 -32.53 29.36 47.21
N HIS B 323 -33.68 29.41 46.53
CA HIS B 323 -34.66 30.46 46.76
C HIS B 323 -35.75 29.99 47.72
N VAL B 324 -35.67 30.47 48.96
CA VAL B 324 -36.71 30.18 49.94
C VAL B 324 -37.59 31.40 50.12
N PRO B 325 -38.89 31.27 49.84
CA PRO B 325 -39.81 32.40 49.94
C PRO B 325 -39.94 32.90 51.38
N GLY B 326 -39.56 34.15 51.62
CA GLY B 326 -39.67 34.74 52.95
C GLY B 326 -38.36 34.74 53.74
N VAL B 327 -37.25 34.57 53.03
CA VAL B 327 -35.93 34.64 53.65
C VAL B 327 -35.14 35.86 53.19
N GLN B 328 -34.22 36.30 54.04
CA GLN B 328 -33.10 37.10 53.57
C GLN B 328 -32.00 36.13 53.13
N GLY B 329 -31.82 36.01 51.82
CA GLY B 329 -30.78 35.15 51.28
C GLY B 329 -29.43 35.83 51.26
N GLY B 330 -28.68 35.66 50.17
CA GLY B 330 -27.38 36.28 50.04
C GLY B 330 -26.29 35.32 49.62
N VAL B 331 -25.13 35.86 49.27
CA VAL B 331 -23.99 35.06 48.82
C VAL B 331 -23.41 34.22 49.96
N GLN B 332 -23.34 32.91 49.74
CA GLN B 332 -22.76 31.99 50.72
C GLN B 332 -21.39 31.53 50.27
N GLU B 333 -20.35 31.98 50.98
CA GLU B 333 -18.98 31.72 50.55
C GLU B 333 -18.35 30.52 51.24
N GLN B 334 -19.11 29.80 52.05
CA GLN B 334 -18.59 28.60 52.70
C GLN B 334 -18.42 27.47 51.69
N TYR B 335 -17.40 26.64 51.90
CA TYR B 335 -17.11 25.55 50.98
C TYR B 335 -18.01 24.35 51.23
N GLY B 336 -18.52 23.77 50.15
CA GLY B 336 -19.40 22.61 50.25
C GLY B 336 -19.44 21.79 48.98
N GLY B 337 -20.12 20.65 49.03
CA GLY B 337 -20.26 19.78 47.88
C GLY B 337 -21.68 19.28 47.72
N GLN B 338 -21.94 18.60 46.61
CA GLN B 338 -23.28 18.08 46.32
C GLN B 338 -23.77 17.11 47.39
N VAL B 339 -22.84 16.48 48.08
CA VAL B 339 -23.17 15.55 49.15
C VAL B 339 -23.83 16.28 50.32
N ASP B 340 -23.59 17.60 50.39
CA ASP B 340 -24.12 18.41 51.48
C ASP B 340 -25.49 18.99 51.16
N LEU B 341 -26.01 18.70 49.98
CA LEU B 341 -27.25 19.36 49.53
C LEU B 341 -28.50 18.78 50.17
N LEU B 342 -28.56 17.45 50.28
CA LEU B 342 -29.72 16.80 50.89
C LEU B 342 -29.93 17.17 52.37
N PRO B 343 -28.87 17.07 53.21
CA PRO B 343 -29.13 17.45 54.60
C PRO B 343 -29.41 18.95 54.78
N THR B 344 -28.96 19.76 53.83
CA THR B 344 -29.23 21.19 53.87
C THR B 344 -30.71 21.44 53.60
N LEU B 345 -31.28 20.68 52.67
CA LEU B 345 -32.68 20.82 52.30
C LEU B 345 -33.61 20.35 53.41
N LEU B 346 -33.27 19.22 54.03
CA LEU B 346 -34.10 18.65 55.09
C LEU B 346 -34.23 19.58 56.28
N HIS B 347 -33.16 20.31 56.59
CA HIS B 347 -33.18 21.26 57.70
C HIS B 347 -34.02 22.48 57.38
N LEU B 348 -34.03 22.87 56.11
CA LEU B 348 -34.88 23.97 55.67
C LEU B 348 -36.36 23.58 55.74
N LEU B 349 -36.63 22.29 55.54
CA LEU B 349 -37.99 21.79 55.55
C LEU B 349 -38.47 21.43 56.96
N GLY B 350 -37.57 21.48 57.93
CA GLY B 350 -37.91 21.20 59.30
C GLY B 350 -37.79 19.74 59.67
N VAL B 351 -36.97 19.01 58.92
CA VAL B 351 -36.77 17.59 59.16
C VAL B 351 -35.37 17.32 59.68
N ASP B 352 -35.28 16.77 60.89
CA ASP B 352 -33.99 16.41 61.46
C ASP B 352 -33.55 15.05 60.94
N ASN B 353 -32.32 14.98 60.43
CA ASN B 353 -31.83 13.77 59.79
C ASN B 353 -30.66 13.13 60.53
N LYS B 354 -30.64 13.29 61.85
CA LYS B 354 -29.52 12.81 62.66
C LYS B 354 -29.35 11.29 62.56
N GLU B 355 -30.46 10.58 62.38
CA GLU B 355 -30.45 9.12 62.46
C GLU B 355 -30.20 8.44 61.11
N TYR B 356 -30.21 9.21 60.03
CA TYR B 356 -30.04 8.64 58.69
C TYR B 356 -28.57 8.46 58.31
N LEU B 357 -28.30 7.56 57.37
CA LEU B 357 -26.95 7.36 56.85
C LEU B 357 -26.63 8.34 55.74
N GLN B 358 -26.18 9.53 56.10
CA GLN B 358 -25.84 10.56 55.12
C GLN B 358 -24.47 11.17 55.44
N PHE B 359 -23.63 11.25 54.42
CA PHE B 359 -22.25 11.70 54.61
C PHE B 359 -22.11 13.21 54.52
N GLY B 360 -23.20 13.88 54.17
CA GLY B 360 -23.19 15.33 54.03
C GLY B 360 -23.62 16.04 55.30
N THR B 361 -23.33 17.35 55.36
CA THR B 361 -23.72 18.17 56.49
C THR B 361 -24.40 19.45 56.02
N ASP B 362 -25.31 19.96 56.84
CA ASP B 362 -26.06 21.17 56.52
C ASP B 362 -25.12 22.33 56.20
N LEU B 363 -25.25 22.88 55.00
CA LEU B 363 -24.41 23.98 54.55
C LEU B 363 -24.64 25.25 55.37
N LEU B 364 -25.86 25.40 55.87
CA LEU B 364 -26.23 26.59 56.64
C LEU B 364 -25.88 26.43 58.11
N SER B 365 -25.44 25.23 58.50
CA SER B 365 -25.02 24.98 59.87
C SER B 365 -23.68 25.65 60.15
N LYS B 366 -23.50 26.09 61.39
CA LYS B 366 -22.26 26.76 61.77
C LYS B 366 -21.19 25.76 62.14
N ASP B 367 -21.59 24.49 62.20
CA ASP B 367 -20.66 23.41 62.50
C ASP B 367 -20.33 22.60 61.24
N HIS B 368 -20.67 23.17 60.09
CA HIS B 368 -20.39 22.55 58.80
C HIS B 368 -18.90 22.64 58.47
N LYS B 369 -18.26 21.48 58.32
CA LYS B 369 -16.84 21.43 57.98
C LYS B 369 -16.61 21.83 56.52
N GLN B 370 -15.81 22.87 56.32
CA GLN B 370 -15.47 23.32 54.97
C GLN B 370 -14.42 22.40 54.35
N LEU B 371 -14.85 21.19 53.97
CA LEU B 371 -13.96 20.21 53.36
C LEU B 371 -14.70 19.47 52.26
N VAL B 372 -14.26 19.64 51.02
CA VAL B 372 -14.96 19.08 49.87
C VAL B 372 -14.15 18.02 49.14
N PRO B 373 -14.47 16.75 49.38
CA PRO B 373 -13.77 15.64 48.72
C PRO B 373 -14.15 15.50 47.24
N PHE B 374 -13.17 15.17 46.41
CA PHE B 374 -13.46 14.77 45.04
C PHE B 374 -13.48 13.24 45.01
N ARG B 375 -14.05 12.66 43.95
CA ARG B 375 -14.23 11.20 43.92
C ARG B 375 -12.90 10.46 43.84
N ASN B 376 -11.91 11.08 43.21
CA ASN B 376 -10.62 10.42 43.02
C ASN B 376 -9.71 10.53 44.24
N GLY B 377 -10.23 11.11 45.32
CA GLY B 377 -9.47 11.23 46.55
C GLY B 377 -8.97 12.64 46.82
N ASP B 378 -8.98 13.48 45.79
CA ASP B 378 -8.61 14.88 45.93
C ASP B 378 -9.60 15.61 46.83
N TYR B 379 -9.21 16.77 47.34
CA TYR B 379 -10.11 17.55 48.17
C TYR B 379 -9.80 19.05 48.14
N ILE B 380 -10.77 19.85 48.57
CA ILE B 380 -10.62 21.30 48.60
C ILE B 380 -10.96 21.87 49.98
N THR B 381 -10.01 22.58 50.59
CA THR B 381 -10.25 23.32 51.82
C THR B 381 -9.91 24.79 51.57
N PRO B 382 -10.49 25.71 52.35
CA PRO B 382 -10.21 27.14 52.19
C PRO B 382 -8.72 27.49 52.26
N THR B 383 -7.94 26.67 52.95
CA THR B 383 -6.51 26.95 53.11
C THR B 383 -5.64 26.13 52.15
N TYR B 384 -5.60 24.82 52.36
CA TYR B 384 -4.81 23.94 51.49
C TYR B 384 -5.70 22.96 50.73
N SER B 385 -5.23 22.51 49.57
CA SER B 385 -5.99 21.58 48.75
C SER B 385 -5.09 20.60 48.02
N MET B 386 -5.54 19.35 47.90
CA MET B 386 -4.83 18.35 47.13
C MET B 386 -5.46 18.19 45.74
N ILE B 387 -4.65 18.40 44.71
CA ILE B 387 -5.11 18.27 43.34
C ILE B 387 -4.16 17.39 42.54
N GLY B 388 -4.66 16.23 42.13
CA GLY B 388 -3.82 15.26 41.42
C GLY B 388 -2.80 14.66 42.34
N GLY B 389 -3.17 14.49 43.62
CA GLY B 389 -2.31 13.90 44.61
C GLY B 389 -1.23 14.84 45.12
N ASN B 390 -1.22 16.06 44.58
CA ASN B 390 -0.21 17.05 44.94
C ASN B 390 -0.84 18.23 45.69
N MET B 391 -0.06 18.85 46.56
CA MET B 391 -0.57 19.90 47.45
C MET B 391 -0.46 21.29 46.86
N TYR B 392 -1.52 22.07 47.05
CA TYR B 392 -1.58 23.46 46.57
C TYR B 392 -2.10 24.40 47.64
N ASN B 393 -1.63 25.65 47.61
CA ASN B 393 -2.25 26.71 48.39
C ASN B 393 -3.54 27.12 47.70
N GLN B 394 -4.67 26.88 48.36
CA GLN B 394 -5.97 27.15 47.76
C GLN B 394 -6.14 28.64 47.45
N GLN B 395 -5.53 29.48 48.26
CA GLN B 395 -5.72 30.92 48.16
C GLN B 395 -4.81 31.59 47.14
N THR B 396 -3.69 30.95 46.81
CA THR B 396 -2.73 31.55 45.90
C THR B 396 -2.43 30.67 44.68
N GLY B 397 -2.69 29.37 44.81
CA GLY B 397 -2.45 28.46 43.70
C GLY B 397 -1.01 27.99 43.62
N GLU B 398 -0.20 28.43 44.57
CA GLU B 398 1.21 28.03 44.61
C GLU B 398 1.34 26.62 45.18
N PRO B 399 2.13 25.78 44.50
CA PRO B 399 2.37 24.40 44.96
C PRO B 399 3.05 24.36 46.32
N ILE B 400 2.63 23.44 47.16
CA ILE B 400 3.26 23.25 48.44
C ILE B 400 4.24 22.12 48.31
N ALA B 401 5.45 22.36 48.74
CA ALA B 401 6.52 21.45 48.49
C ALA B 401 6.40 20.20 49.30
N THR B 402 6.24 20.35 50.61
CA THR B 402 6.18 19.22 51.49
C THR B 402 4.90 19.24 52.29
N GLU B 403 4.30 18.06 52.42
CA GLU B 403 3.01 17.80 53.04
C GLU B 403 3.17 17.68 54.52
N THR B 404 2.28 18.29 55.28
CA THR B 404 2.36 18.26 56.71
C THR B 404 1.35 17.33 57.28
N LYS B 405 1.25 17.25 58.58
CA LYS B 405 0.37 16.29 59.20
C LYS B 405 -1.08 16.54 58.96
N GLU B 406 -1.50 17.79 59.01
CA GLU B 406 -2.91 18.11 58.81
C GLU B 406 -3.33 17.90 57.36
N MET B 407 -2.40 18.14 56.45
CA MET B 407 -2.63 17.89 55.02
C MET B 407 -2.73 16.39 54.79
N LYS B 408 -2.00 15.62 55.58
CA LYS B 408 -2.01 14.17 55.52
C LYS B 408 -3.23 13.61 56.24
N GLU B 409 -3.60 14.26 57.35
CA GLU B 409 -4.70 13.81 58.18
C GLU B 409 -6.05 13.94 57.46
N THR B 410 -6.27 15.09 56.83
CA THR B 410 -7.53 15.33 56.13
C THR B 410 -7.60 14.45 54.88
N LYS B 411 -6.46 14.17 54.27
CA LYS B 411 -6.38 13.27 53.13
C LYS B 411 -6.98 11.91 53.49
N GLU B 412 -6.63 11.42 54.67
CA GLU B 412 -7.09 10.12 55.14
C GLU B 412 -8.54 10.17 55.60
N LYS B 413 -8.95 11.31 56.16
CA LYS B 413 -10.36 11.51 56.51
C LYS B 413 -11.21 11.42 55.25
N VAL B 414 -10.71 12.01 54.17
CA VAL B 414 -11.38 12.01 52.88
C VAL B 414 -11.50 10.59 52.32
N ALA B 415 -10.39 9.86 52.36
CA ALA B 415 -10.37 8.49 51.86
C ALA B 415 -11.29 7.58 52.66
N LYS B 416 -11.44 7.88 53.95
CA LYS B 416 -12.30 7.10 54.83
C LYS B 416 -13.77 7.37 54.51
N GLU B 417 -14.11 8.63 54.29
CA GLU B 417 -15.48 9.01 53.94
C GLU B 417 -15.89 8.38 52.61
N LEU B 418 -14.95 8.31 51.68
CA LEU B 418 -15.22 7.73 50.37
C LEU B 418 -15.37 6.22 50.45
N GLU B 419 -14.55 5.59 51.29
CA GLU B 419 -14.58 4.13 51.44
C GLU B 419 -15.85 3.67 52.17
N LEU B 420 -16.24 4.42 53.19
CA LEU B 420 -17.44 4.08 53.96
C LEU B 420 -18.70 4.27 53.13
N SER B 421 -18.63 5.15 52.13
CA SER B 421 -19.76 5.37 51.23
C SER B 421 -19.90 4.19 50.26
N ASP B 422 -18.77 3.66 49.83
CA ASP B 422 -18.77 2.50 48.95
C ASP B 422 -19.26 1.27 49.69
N SER B 423 -18.92 1.17 50.97
CA SER B 423 -19.36 0.05 51.80
C SER B 423 -20.89 -0.03 51.85
N VAL B 424 -21.55 1.12 51.78
CA VAL B 424 -23.00 1.17 51.74
C VAL B 424 -23.53 0.65 50.41
N LEU B 425 -22.86 1.02 49.32
CA LEU B 425 -23.29 0.61 47.98
C LEU B 425 -22.91 -0.83 47.66
N GLN B 426 -21.68 -1.21 47.98
CA GLN B 426 -21.19 -2.54 47.64
C GLN B 426 -21.86 -3.63 48.47
N GLY B 427 -22.10 -3.33 49.75
CA GLY B 427 -22.68 -4.30 50.66
C GLY B 427 -24.17 -4.16 50.83
N ASP B 428 -24.75 -3.12 50.23
CA ASP B 428 -26.17 -2.82 50.34
C ASP B 428 -26.58 -2.77 51.82
N LEU B 429 -25.89 -1.94 52.58
CA LEU B 429 -26.01 -1.92 54.03
C LEU B 429 -27.33 -1.37 54.55
N LEU B 430 -28.07 -0.68 53.69
CA LEU B 430 -29.35 -0.10 54.12
C LEU B 430 -30.42 -1.17 54.32
N ARG B 431 -30.10 -2.40 53.93
CA ARG B 431 -30.97 -3.53 54.21
C ARG B 431 -30.99 -3.83 55.70
N PHE B 432 -29.88 -3.53 56.37
CA PHE B 432 -29.70 -3.90 57.77
C PHE B 432 -29.93 -2.73 58.72
N TYR B 433 -30.26 -1.57 58.19
CA TYR B 433 -30.49 -0.41 59.03
C TYR B 433 -31.61 0.50 58.53
N ALA B 434 -32.27 1.15 59.48
CA ALA B 434 -33.27 2.17 59.21
C ALA B 434 -33.58 2.91 60.51
N PRO B 435 -33.83 4.23 60.42
CA PRO B 435 -34.32 4.97 61.59
C PRO B 435 -35.60 4.33 62.12
N ASP B 436 -35.80 4.38 63.44
CA ASP B 436 -36.86 3.62 64.08
C ASP B 436 -38.26 3.93 63.54
N GLY B 437 -38.49 5.19 63.17
CA GLY B 437 -39.80 5.58 62.67
C GLY B 437 -39.91 5.65 61.15
N PHE B 438 -39.00 4.99 60.46
CA PHE B 438 -38.87 5.13 59.00
C PHE B 438 -39.52 3.99 58.20
N LYS B 439 -39.76 4.22 56.91
CA LYS B 439 -40.44 3.24 56.06
C LYS B 439 -39.53 2.07 55.71
N LYS B 440 -39.98 1.40 54.65
CA LYS B 440 -39.15 0.66 53.74
C LYS B 440 -39.87 0.76 52.38
N VAL B 441 -39.21 1.36 51.40
CA VAL B 441 -39.83 1.52 50.08
C VAL B 441 -40.10 0.16 49.44
N ASP B 442 -41.33 -0.03 48.97
CA ASP B 442 -41.67 -1.24 48.22
C ASP B 442 -41.65 -0.92 46.74
N PRO B 443 -40.55 -1.26 46.05
CA PRO B 443 -40.34 -0.90 44.64
C PRO B 443 -41.36 -1.54 43.71
N SER B 444 -42.04 -2.59 44.18
CA SER B 444 -43.00 -3.31 43.34
C SER B 444 -44.32 -2.56 43.21
N LYS B 445 -44.49 -1.50 44.00
CA LYS B 445 -45.73 -0.72 43.97
C LYS B 445 -45.57 0.58 43.19
N TYR B 446 -44.72 0.56 42.16
CA TYR B 446 -44.52 1.73 41.32
C TYR B 446 -44.62 1.36 39.84
N ASN B 447 -45.29 2.21 39.08
CA ASN B 447 -45.39 2.01 37.63
C ASN B 447 -45.32 3.36 36.92
N TYR B 448 -44.39 3.48 35.98
CA TYR B 448 -44.14 4.74 35.29
C TYR B 448 -44.67 4.74 33.85
N ASN B 449 -45.29 3.64 33.44
CA ASN B 449 -45.90 3.56 32.12
C ASN B 449 -47.24 4.29 32.08
N LYS B 450 -47.80 4.46 30.89
CA LYS B 450 -49.21 4.82 30.74
C LYS B 450 -49.90 3.78 29.85
N VAL C 36 38.63 33.92 -21.35
CA VAL C 36 39.41 35.07 -21.79
C VAL C 36 40.01 35.80 -20.61
N THR C 37 39.20 36.68 -20.04
CA THR C 37 39.57 37.50 -18.91
C THR C 37 38.43 37.32 -17.91
N GLU C 38 37.37 36.70 -18.40
CA GLU C 38 36.20 36.39 -17.61
C GLU C 38 36.52 35.32 -16.57
N VAL C 39 37.50 34.49 -16.88
CA VAL C 39 37.96 33.46 -15.94
C VAL C 39 38.60 34.12 -14.73
N LEU C 40 39.41 35.15 -15.01
CA LEU C 40 40.06 35.91 -13.95
C LEU C 40 39.03 36.61 -13.06
N ASN C 41 38.02 37.19 -13.67
CA ASN C 41 36.97 37.88 -12.94
C ASN C 41 36.18 36.95 -12.04
N TYR C 42 35.95 35.73 -12.52
CA TYR C 42 35.28 34.71 -11.72
C TYR C 42 36.15 34.32 -10.54
N THR C 43 37.44 34.15 -10.80
CA THR C 43 38.41 33.75 -9.78
C THR C 43 38.51 34.76 -8.65
N LYS C 44 38.71 36.03 -9.02
CA LYS C 44 38.86 37.10 -8.03
C LYS C 44 37.65 37.23 -7.11
N SER C 45 36.46 37.11 -7.69
CA SER C 45 35.22 37.26 -6.94
C SER C 45 34.98 36.09 -6.00
N LYS C 46 35.57 34.95 -6.32
CA LYS C 46 35.40 33.74 -5.51
C LYS C 46 36.47 33.63 -4.44
N TYR C 47 37.52 34.44 -4.58
CA TYR C 47 38.67 34.41 -3.67
C TYR C 47 38.27 34.59 -2.20
N ALA C 48 38.86 33.76 -1.34
CA ALA C 48 38.62 33.83 0.09
C ALA C 48 39.84 34.37 0.82
N ALA C 49 39.66 35.47 1.54
CA ALA C 49 40.74 36.12 2.27
C ALA C 49 41.38 35.18 3.29
N PRO C 50 42.69 35.35 3.53
CA PRO C 50 43.42 34.49 4.46
C PRO C 50 42.93 34.63 5.90
N ASN C 51 43.09 33.56 6.68
CA ASN C 51 42.75 33.57 8.09
C ASN C 51 43.99 33.84 8.94
N PRO C 52 44.01 34.98 9.65
CA PRO C 52 45.15 35.44 10.47
C PRO C 52 45.76 34.37 11.36
N GLU C 53 44.94 33.45 11.83
CA GLU C 53 45.40 32.40 12.73
C GLU C 53 46.29 31.38 12.03
N TYR C 54 46.09 31.22 10.72
CA TYR C 54 46.84 30.22 9.96
C TYR C 54 47.76 30.78 8.87
N PHE C 55 47.57 32.04 8.51
CA PHE C 55 48.32 32.61 7.39
C PHE C 55 49.80 32.80 7.73
N GLY C 56 50.66 32.11 6.99
CA GLY C 56 52.09 32.26 7.14
C GLY C 56 52.67 31.47 8.30
N LYS C 57 51.85 30.64 8.93
CA LYS C 57 52.30 29.85 10.08
C LYS C 57 53.30 28.78 9.67
N ALA C 58 53.36 28.50 8.37
CA ALA C 58 54.29 27.50 7.85
C ALA C 58 55.23 28.13 6.83
N LYS C 59 55.45 29.44 6.96
CA LYS C 59 56.30 30.18 6.05
C LYS C 59 57.74 29.66 6.07
N GLY C 60 58.25 29.30 4.89
CA GLY C 60 59.61 28.82 4.76
C GLY C 60 59.77 27.35 5.09
N LYS C 61 58.67 26.69 5.46
CA LYS C 61 58.71 25.27 5.76
C LYS C 61 58.77 24.43 4.49
N ASN C 62 59.31 23.22 4.60
CA ASN C 62 59.25 22.27 3.50
C ASN C 62 57.82 21.80 3.28
N VAL C 63 57.57 21.14 2.16
CA VAL C 63 56.26 20.56 1.90
C VAL C 63 56.40 19.11 1.45
N ILE C 64 55.76 18.20 2.19
CA ILE C 64 55.80 16.80 1.83
C ILE C 64 54.40 16.23 1.63
N TYR C 65 53.99 16.08 0.38
CA TYR C 65 52.73 15.44 0.06
C TYR C 65 52.85 13.92 0.12
N ILE C 66 52.00 13.30 0.94
CA ILE C 66 51.93 11.84 0.96
C ILE C 66 50.66 11.38 0.26
N HIS C 67 50.83 10.79 -0.91
CA HIS C 67 49.72 10.39 -1.77
C HIS C 67 49.20 9.02 -1.37
N LEU C 68 48.10 8.99 -0.62
CA LEU C 68 47.46 7.73 -0.24
C LEU C 68 46.58 7.24 -1.38
N GLU C 69 47.05 6.21 -2.07
CA GLU C 69 46.37 5.72 -3.28
C GLU C 69 45.06 5.00 -2.97
N SER C 70 44.00 5.40 -3.67
CA SER C 70 42.69 4.76 -3.58
C SER C 70 42.18 4.69 -2.14
N PHE C 71 42.58 5.65 -1.32
CA PHE C 71 42.28 5.64 0.10
C PHE C 71 41.02 6.46 0.39
N GLN C 72 39.96 5.79 0.81
CA GLN C 72 38.72 6.48 1.15
C GLN C 72 38.69 6.83 2.63
N GLN C 73 37.89 7.85 2.97
CA GLN C 73 37.84 8.38 4.32
C GLN C 73 37.25 7.40 5.32
N PHE C 74 36.37 6.51 4.87
CA PHE C 74 35.71 5.58 5.78
C PHE C 74 36.69 4.58 6.40
N LEU C 75 37.90 4.53 5.85
CA LEU C 75 38.95 3.66 6.40
C LEU C 75 39.49 4.21 7.72
N VAL C 76 39.35 5.51 7.92
CA VAL C 76 39.83 6.14 9.14
C VAL C 76 39.02 5.67 10.35
N ASN C 77 39.72 5.17 11.36
CA ASN C 77 39.13 4.63 12.58
C ASN C 77 38.19 3.45 12.34
N TYR C 78 38.23 2.90 11.12
CA TYR C 78 37.44 1.72 10.81
C TYR C 78 38.08 0.50 11.45
N LYS C 79 37.26 -0.32 12.09
CA LYS C 79 37.76 -1.54 12.72
C LYS C 79 37.20 -2.77 12.03
N LEU C 80 38.11 -3.61 11.54
CA LEU C 80 37.72 -4.87 10.91
C LEU C 80 37.93 -6.02 11.90
N ASN C 81 36.81 -6.53 12.41
CA ASN C 81 36.81 -7.61 13.41
C ASN C 81 37.56 -7.21 14.67
N GLY C 82 37.16 -6.08 15.26
CA GLY C 82 37.74 -5.60 16.50
C GLY C 82 39.09 -4.92 16.35
N GLU C 83 39.72 -5.13 15.19
CA GLU C 83 41.07 -4.66 14.93
C GLU C 83 41.05 -3.41 14.05
N GLU C 84 41.87 -2.41 14.38
CA GLU C 84 41.99 -1.22 13.55
C GLU C 84 42.76 -1.54 12.26
N VAL C 85 42.15 -1.20 11.12
CA VAL C 85 42.74 -1.50 9.82
C VAL C 85 44.00 -0.67 9.57
N THR C 86 43.88 0.64 9.74
CA THR C 86 44.99 1.56 9.52
C THR C 86 45.36 2.30 10.81
N PRO C 87 46.09 1.63 11.71
CA PRO C 87 46.41 2.15 13.04
C PRO C 87 47.18 3.48 13.03
N PHE C 88 48.28 3.54 12.29
CA PHE C 88 49.12 4.73 12.29
C PHE C 88 48.41 5.96 11.73
N ILE C 89 47.74 5.79 10.59
CA ILE C 89 47.00 6.89 9.97
C ILE C 89 45.90 7.39 10.91
N ASN C 90 45.35 6.48 11.70
CA ASN C 90 44.36 6.85 12.70
C ASN C 90 44.94 7.73 13.80
N SER C 91 46.19 7.48 14.16
CA SER C 91 46.87 8.29 15.17
C SER C 91 47.24 9.65 14.61
N PHE C 92 47.75 9.65 13.37
CA PHE C 92 48.10 10.87 12.67
C PHE C 92 46.89 11.77 12.52
N PHE C 93 45.71 11.16 12.41
CA PHE C 93 44.45 11.87 12.32
C PHE C 93 44.14 12.61 13.62
N LYS C 94 44.53 12.01 14.75
CA LYS C 94 44.19 12.54 16.06
C LYS C 94 45.28 13.44 16.66
N ASP C 95 46.41 13.54 15.97
CA ASP C 95 47.56 14.26 16.50
C ASP C 95 47.23 15.72 16.80
N GLN C 96 47.95 16.27 17.77
CA GLN C 96 47.74 17.64 18.23
C GLN C 96 47.93 18.67 17.12
N ASN C 97 49.03 18.54 16.38
CA ASN C 97 49.36 19.50 15.33
C ASN C 97 48.78 19.14 13.97
N THR C 98 47.77 18.28 13.95
CA THR C 98 47.19 17.86 12.68
C THR C 98 45.80 18.43 12.43
N LEU C 99 45.66 19.14 11.32
CA LEU C 99 44.36 19.62 10.86
C LEU C 99 43.69 18.52 10.05
N SER C 100 42.77 17.80 10.67
CA SER C 100 42.11 16.67 10.03
C SER C 100 40.75 17.08 9.46
N PHE C 101 40.48 16.68 8.22
CA PHE C 101 39.22 16.98 7.57
C PHE C 101 38.35 15.72 7.45
N THR C 102 37.05 15.88 7.69
CA THR C 102 36.14 14.74 7.69
C THR C 102 35.07 14.90 6.60
N ASN C 103 35.09 16.04 5.92
CA ASN C 103 34.16 16.30 4.83
C ASN C 103 34.90 16.76 3.58
N PHE C 104 35.97 16.05 3.26
CA PHE C 104 36.82 16.37 2.13
C PHE C 104 36.59 15.39 0.99
N PHE C 105 36.13 15.90 -0.15
CA PHE C 105 35.75 15.05 -1.27
C PHE C 105 36.74 15.13 -2.43
N HIS C 106 36.96 14.00 -3.11
CA HIS C 106 37.77 13.98 -4.32
C HIS C 106 36.91 14.43 -5.49
N GLN C 107 37.54 15.01 -6.50
CA GLN C 107 36.80 15.57 -7.63
C GLN C 107 37.39 15.10 -8.95
N THR C 108 37.83 13.84 -8.98
CA THR C 108 38.45 13.27 -10.17
C THR C 108 37.40 12.76 -11.15
N GLY C 109 37.84 12.54 -12.39
CA GLY C 109 36.98 12.01 -13.43
C GLY C 109 37.54 10.73 -14.00
N GLN C 110 37.70 10.69 -15.33
CA GLN C 110 38.25 9.53 -16.00
C GLN C 110 39.77 9.50 -15.91
N GLY C 111 40.37 10.64 -15.60
CA GLY C 111 41.80 10.74 -15.47
C GLY C 111 42.32 10.09 -14.21
N LYS C 112 41.41 9.75 -13.31
CA LYS C 112 41.73 9.08 -12.05
C LYS C 112 42.79 9.83 -11.25
N ALA C 114 45.69 11.08 -12.33
CA ALA C 114 46.18 12.23 -13.07
C ALA C 114 45.32 13.47 -12.82
N ASP C 115 44.01 13.27 -12.71
CA ASP C 115 43.08 14.37 -12.43
C ASP C 115 43.29 14.93 -11.02
N SER C 116 43.67 14.06 -10.08
CA SER C 116 43.93 14.49 -8.72
C SER C 116 45.17 15.38 -8.67
N GLU C 117 46.19 15.00 -9.43
CA GLU C 117 47.42 15.79 -9.52
C GLU C 117 47.13 17.15 -10.14
N MET C 118 46.31 17.16 -11.19
CA MET C 118 45.92 18.39 -11.85
C MET C 118 45.23 19.34 -10.86
N LEU C 119 44.39 18.78 -10.01
CA LEU C 119 43.70 19.56 -8.98
C LEU C 119 44.67 20.09 -7.93
N LEU C 120 45.59 19.24 -7.50
CA LEU C 120 46.55 19.61 -6.47
C LEU C 120 47.58 20.64 -6.92
N GLU C 121 48.02 20.51 -8.17
CA GLU C 121 49.12 21.35 -8.66
C GLU C 121 48.65 22.71 -9.19
N ASN C 122 47.47 22.74 -9.79
CA ASN C 122 47.02 23.96 -10.45
C ASN C 122 45.70 24.51 -9.94
N SER C 123 45.02 23.73 -9.12
CA SER C 123 43.65 24.05 -8.69
C SER C 123 42.75 24.18 -9.92
N LEU C 124 42.94 23.26 -10.86
CA LEU C 124 42.11 23.15 -12.06
C LEU C 124 41.47 21.77 -12.11
N TYR C 125 40.22 21.71 -12.56
CA TYR C 125 39.55 20.42 -12.72
C TYR C 125 40.09 19.69 -13.93
N GLY C 126 39.92 18.36 -13.94
CA GLY C 126 40.28 17.56 -15.09
C GLY C 126 39.29 17.79 -16.22
N LEU C 127 39.50 17.09 -17.33
CA LEU C 127 38.59 17.20 -18.47
C LEU C 127 37.28 16.47 -18.20
N PRO C 128 36.20 16.88 -18.88
CA PRO C 128 34.91 16.19 -18.71
C PRO C 128 35.00 14.72 -19.06
N GLN C 129 35.67 14.42 -20.17
CA GLN C 129 35.92 13.05 -20.58
C GLN C 129 37.39 12.87 -20.94
N GLY C 130 37.96 11.72 -20.58
CA GLY C 130 39.36 11.45 -20.88
C GLY C 130 40.31 12.12 -19.92
N SER C 131 41.60 11.89 -20.11
CA SER C 131 42.64 12.43 -19.23
C SER C 131 43.22 13.73 -19.76
N ALA C 132 43.33 14.73 -18.89
CA ALA C 132 43.91 16.01 -19.27
C ALA C 132 45.43 15.90 -19.39
N PHE C 133 46.02 14.99 -18.62
CA PHE C 133 47.46 14.77 -18.64
C PHE C 133 47.94 14.30 -20.01
N THR C 134 47.19 13.39 -20.63
CA THR C 134 47.61 12.78 -21.88
C THR C 134 47.39 13.71 -23.08
N THR C 135 46.40 14.59 -22.99
CA THR C 135 46.01 15.41 -24.14
C THR C 135 46.44 16.87 -24.00
N LYS C 136 46.80 17.29 -22.79
CA LYS C 136 47.18 18.69 -22.56
C LYS C 136 48.59 18.81 -21.98
N GLY C 137 49.48 17.90 -22.39
CA GLY C 137 50.85 17.91 -21.92
C GLY C 137 51.68 19.03 -22.52
N GLN C 138 51.08 19.77 -23.46
CA GLN C 138 51.76 20.87 -24.12
C GLN C 138 51.30 22.21 -23.55
N ASN C 139 50.26 22.18 -22.73
CA ASN C 139 49.66 23.40 -22.20
C ASN C 139 50.57 24.16 -21.23
N THR C 140 50.39 25.46 -21.18
CA THR C 140 51.13 26.32 -20.25
C THR C 140 50.49 26.26 -18.87
N TYR C 141 51.29 26.01 -17.85
CA TYR C 141 50.79 25.92 -16.48
C TYR C 141 51.54 26.84 -15.52
N GLU C 142 50.84 27.26 -14.47
CA GLU C 142 51.44 28.05 -13.41
C GLU C 142 51.18 27.35 -12.08
N SER C 143 51.77 26.18 -11.93
CA SER C 143 51.47 25.28 -10.82
C SER C 143 52.24 25.61 -9.55
N ALA C 144 52.05 24.77 -8.53
CA ALA C 144 52.68 24.97 -7.23
C ALA C 144 54.19 24.93 -7.32
N SER C 145 54.71 23.99 -8.12
CA SER C 145 56.15 23.87 -8.34
C SER C 145 56.73 25.17 -8.86
N ALA C 146 56.00 25.81 -9.76
CA ALA C 146 56.42 27.08 -10.33
C ALA C 146 56.26 28.23 -9.35
N ILE C 147 55.12 28.28 -8.68
CA ILE C 147 54.81 29.35 -7.75
C ILE C 147 55.76 29.36 -6.56
N LEU C 148 55.91 28.21 -5.92
CA LEU C 148 56.81 28.08 -4.78
C LEU C 148 58.28 28.18 -5.20
N GLY C 149 58.59 27.72 -6.42
CA GLY C 149 59.95 27.72 -6.90
C GLY C 149 60.47 29.14 -7.06
N GLN C 150 59.58 30.06 -7.37
CA GLN C 150 59.90 31.48 -7.26
C GLN C 150 60.30 32.03 -5.92
N GLN C 151 60.10 31.29 -4.82
CA GLN C 151 60.66 31.73 -3.52
C GLN C 151 61.90 30.91 -3.13
N GLY C 152 62.39 30.13 -4.10
CA GLY C 152 63.61 29.35 -3.91
C GLY C 152 63.36 27.87 -3.65
N TYR C 153 62.10 27.45 -3.70
CA TYR C 153 61.76 26.05 -3.44
C TYR C 153 62.25 25.13 -4.55
N THR C 154 62.67 23.93 -4.16
CA THR C 154 63.09 22.91 -5.12
C THR C 154 62.01 21.84 -5.24
N SER C 155 61.65 21.48 -6.46
CA SER C 155 60.52 20.58 -6.68
C SER C 155 60.97 19.15 -7.00
N ALA C 156 60.18 18.18 -6.56
CA ALA C 156 60.51 16.77 -6.80
C ALA C 156 59.30 15.84 -6.63
N VAL C 157 59.17 14.87 -7.54
CA VAL C 157 58.13 13.86 -7.44
C VAL C 157 58.73 12.46 -7.35
N PHE C 158 58.28 11.69 -6.37
CA PHE C 158 58.73 10.32 -6.20
C PHE C 158 57.63 9.35 -6.61
N HIS C 159 57.98 8.37 -7.43
CA HIS C 159 57.00 7.41 -7.93
C HIS C 159 57.67 6.09 -8.34
N GLY C 160 57.17 5.00 -7.80
CA GLY C 160 57.75 3.68 -8.06
C GLY C 160 57.40 3.11 -9.42
N ASN C 161 57.10 3.98 -10.38
CA ASN C 161 56.79 3.54 -11.73
C ASN C 161 57.48 4.44 -12.75
N TYR C 162 57.53 4.01 -14.00
CA TYR C 162 58.26 4.73 -15.04
C TYR C 162 57.52 5.99 -15.49
N LYS C 163 58.29 6.99 -15.92
CA LYS C 163 57.77 8.33 -16.17
C LYS C 163 56.87 8.43 -17.41
N SER C 164 56.82 7.38 -18.21
CA SER C 164 56.03 7.41 -19.44
C SER C 164 54.53 7.28 -19.17
N PHE C 165 54.19 6.61 -18.07
CA PHE C 165 52.80 6.32 -17.71
C PHE C 165 52.08 7.57 -17.19
N TRP C 166 50.87 7.80 -17.70
CA TRP C 166 50.08 9.03 -17.48
C TRP C 166 50.72 10.28 -18.07
N ASN C 167 51.67 10.09 -18.99
CA ASN C 167 52.34 11.20 -19.65
C ASN C 167 52.96 12.18 -18.65
N ARG C 168 53.40 11.64 -17.52
CA ARG C 168 53.96 12.46 -16.45
C ARG C 168 55.27 13.11 -16.89
N ASP C 169 56.09 12.35 -17.60
CA ASP C 169 57.40 12.82 -18.06
C ASP C 169 57.31 14.13 -18.83
N GLU C 170 56.27 14.27 -19.63
CA GLU C 170 56.10 15.46 -20.46
C GLU C 170 55.50 16.62 -19.68
N ILE C 171 54.36 16.39 -19.05
CA ILE C 171 53.60 17.46 -18.44
C ILE C 171 54.27 18.03 -17.18
N TYR C 172 55.08 17.21 -16.52
CA TYR C 172 55.76 17.67 -15.31
C TYR C 172 56.74 18.80 -15.61
N LYS C 173 57.30 18.80 -16.82
CA LYS C 173 58.17 19.88 -17.26
C LYS C 173 57.40 21.18 -17.37
N GLN C 174 56.13 21.07 -17.77
CA GLN C 174 55.26 22.24 -17.85
C GLN C 174 54.91 22.75 -16.46
N PHE C 175 54.78 21.84 -15.51
CA PHE C 175 54.45 22.20 -14.13
C PHE C 175 55.61 22.91 -13.47
N GLY C 176 56.83 22.47 -13.78
CA GLY C 176 58.02 23.07 -13.23
C GLY C 176 58.67 22.22 -12.14
N TYR C 177 58.39 20.93 -12.17
CA TYR C 177 59.02 20.01 -11.23
C TYR C 177 60.49 19.85 -11.58
N ASP C 178 61.36 20.24 -10.65
CA ASP C 178 62.79 20.22 -10.88
C ASP C 178 63.34 18.81 -11.05
N ASN C 179 62.75 17.86 -10.31
CA ASN C 179 63.20 16.48 -10.37
C ASN C 179 62.04 15.50 -10.49
N PHE C 180 62.32 14.35 -11.11
CA PHE C 180 61.35 13.27 -11.17
C PHE C 180 62.06 11.94 -10.93
N PHE C 181 61.92 11.42 -9.72
CA PHE C 181 62.54 10.16 -9.36
C PHE C 181 61.60 9.00 -9.68
N ASP C 182 61.59 8.58 -10.94
CA ASP C 182 60.74 7.48 -11.38
C ASP C 182 61.34 6.14 -10.97
N ALA C 183 60.80 5.06 -11.53
CA ALA C 183 61.21 3.70 -11.17
C ALA C 183 62.67 3.42 -11.49
N SER C 184 63.23 4.17 -12.42
CA SER C 184 64.61 4.00 -12.83
C SER C 184 65.57 4.26 -11.66
N TYR C 185 65.22 5.22 -10.81
CA TYR C 185 66.02 5.55 -9.65
C TYR C 185 65.86 4.54 -8.52
N TYR C 186 65.09 3.49 -8.76
CA TYR C 186 64.83 2.48 -7.74
C TYR C 186 65.24 1.09 -8.20
N ASP C 187 65.53 0.22 -7.23
CA ASP C 187 65.88 -1.16 -7.51
C ASP C 187 64.61 -1.95 -7.85
N MET C 188 64.36 -2.12 -9.14
CA MET C 188 63.14 -2.77 -9.60
C MET C 188 63.26 -4.28 -9.70
N ASN C 189 63.82 -4.91 -8.67
CA ASN C 189 63.92 -6.36 -8.67
C ASN C 189 62.55 -7.00 -8.52
N GLU C 190 62.35 -8.07 -9.26
CA GLU C 190 61.11 -8.84 -9.28
C GLU C 190 60.43 -9.08 -7.90
N ALA C 191 61.21 -9.31 -6.84
CA ALA C 191 60.62 -9.63 -5.54
C ALA C 191 59.96 -8.42 -4.86
N ASP C 192 60.32 -7.23 -5.33
CA ASP C 192 59.84 -5.98 -4.75
C ASP C 192 58.81 -5.30 -5.65
N VAL C 193 58.41 -5.97 -6.73
CA VAL C 193 57.56 -5.34 -7.73
C VAL C 193 56.16 -5.96 -7.82
N SER C 194 55.14 -5.12 -7.68
CA SER C 194 53.75 -5.54 -7.85
C SER C 194 53.31 -5.29 -9.29
N ASN C 195 52.04 -5.53 -9.57
CA ASN C 195 51.50 -5.36 -10.91
C ASN C 195 51.71 -3.95 -11.48
N TYR C 196 51.59 -2.95 -10.61
CA TYR C 196 51.65 -1.56 -11.04
C TYR C 196 53.01 -0.91 -10.80
N GLY C 197 53.92 -1.65 -10.17
CA GLY C 197 55.26 -1.14 -9.94
C GLY C 197 55.87 -1.53 -8.61
N LEU C 198 56.81 -0.71 -8.14
CA LEU C 198 57.50 -0.96 -6.89
C LEU C 198 56.57 -0.88 -5.69
N LYS C 199 56.66 -1.86 -4.80
CA LYS C 199 55.83 -1.87 -3.59
C LYS C 199 56.17 -0.67 -2.71
N ASP C 200 55.23 -0.28 -1.85
CA ASP C 200 55.35 0.97 -1.10
C ASP C 200 56.41 0.93 0.00
N LYS C 201 56.60 -0.24 0.62
CA LYS C 201 57.60 -0.36 1.67
C LYS C 201 59.03 -0.18 1.13
N PRO C 202 59.38 -0.84 0.01
CA PRO C 202 60.70 -0.51 -0.53
C PRO C 202 60.76 0.91 -1.10
N PHE C 203 59.64 1.37 -1.63
CA PHE C 203 59.57 2.69 -2.26
C PHE C 203 60.01 3.82 -1.34
N PHE C 204 59.43 3.88 -0.14
CA PHE C 204 59.77 4.91 0.82
C PHE C 204 61.19 4.75 1.34
N LYS C 205 61.59 3.50 1.58
CA LYS C 205 62.88 3.21 2.18
C LYS C 205 64.04 3.52 1.22
N GLU C 206 63.80 3.33 -0.07
CA GLU C 206 64.82 3.56 -1.08
C GLU C 206 64.86 5.01 -1.54
N SER C 207 63.85 5.78 -1.14
CA SER C 207 63.77 7.18 -1.52
C SER C 207 64.31 8.09 -0.43
N GLU C 208 64.72 7.50 0.68
CA GLU C 208 65.32 8.24 1.78
C GLU C 208 66.65 8.85 1.33
N GLU C 209 67.33 8.14 0.44
CA GLU C 209 68.61 8.59 -0.12
C GLU C 209 68.47 9.89 -0.91
N TYR C 210 67.40 10.00 -1.68
CA TYR C 210 67.21 11.15 -2.57
C TYR C 210 66.63 12.36 -1.85
N LEU C 211 65.79 12.11 -0.85
CA LEU C 211 65.14 13.19 -0.12
C LEU C 211 66.11 13.89 0.83
N SER C 212 66.98 13.09 1.45
CA SER C 212 67.95 13.62 2.41
C SER C 212 68.94 14.57 1.74
N SER C 213 69.21 14.35 0.47
CA SER C 213 70.18 15.18 -0.26
C SER C 213 69.48 16.13 -1.23
N LEU C 214 68.18 16.35 -1.02
CA LEU C 214 67.43 17.30 -1.82
C LEU C 214 67.49 18.70 -1.19
N GLN C 215 67.79 19.69 -2.00
CA GLN C 215 68.00 21.06 -1.54
C GLN C 215 66.78 21.64 -0.84
N GLN C 216 66.96 22.09 0.40
CA GLN C 216 65.89 22.72 1.16
C GLN C 216 65.93 24.24 0.99
N PRO C 217 64.75 24.89 1.01
CA PRO C 217 63.42 24.28 1.16
C PRO C 217 62.93 23.60 -0.12
N PHE C 218 62.14 22.54 0.03
CA PHE C 218 61.65 21.82 -1.14
C PHE C 218 60.13 21.61 -1.13
N TYR C 219 59.61 21.19 -2.28
CA TYR C 219 58.20 20.88 -2.47
C TYR C 219 58.09 19.50 -3.11
N THR C 220 57.68 18.50 -2.33
CA THR C 220 57.68 17.12 -2.81
C THR C 220 56.32 16.45 -2.74
N LYS C 221 56.18 15.37 -3.51
CA LYS C 221 54.96 14.58 -3.53
C LYS C 221 55.31 13.11 -3.76
N PHE C 222 54.87 12.25 -2.84
CA PHE C 222 55.19 10.82 -2.91
C PHE C 222 54.00 9.99 -3.38
N ILE C 223 53.97 9.67 -4.68
CA ILE C 223 52.89 8.88 -5.24
C ILE C 223 53.06 7.39 -4.95
N THR C 224 52.14 6.82 -4.18
CA THR C 224 52.19 5.39 -3.85
C THR C 224 51.51 4.53 -4.92
N LEU C 225 51.72 3.23 -4.85
CA LEU C 225 51.29 2.33 -5.94
C LEU C 225 50.58 1.06 -5.50
N THR C 226 50.89 0.57 -4.30
CA THR C 226 50.44 -0.76 -3.87
C THR C 226 48.91 -0.87 -3.77
N ASN C 227 48.25 0.22 -3.41
CA ASN C 227 46.82 0.20 -3.19
C ASN C 227 46.00 0.45 -4.46
N HIS C 228 46.20 -0.37 -5.49
CA HIS C 228 45.45 -0.26 -6.73
C HIS C 228 44.48 -1.43 -6.92
N PHE C 229 43.32 -1.15 -7.48
CA PHE C 229 42.36 -2.19 -7.86
C PHE C 229 43.05 -3.23 -8.75
N PRO C 230 42.77 -4.52 -8.53
CA PRO C 230 41.83 -5.08 -7.55
C PRO C 230 42.49 -5.43 -6.21
N TYR C 231 43.48 -4.65 -5.82
CA TYR C 231 44.14 -4.78 -4.52
C TYR C 231 44.66 -6.17 -4.22
N PRO C 232 45.56 -6.68 -5.06
CA PRO C 232 46.16 -7.99 -4.75
C PRO C 232 47.30 -7.84 -3.76
N ILE C 233 47.45 -8.82 -2.87
CA ILE C 233 48.55 -8.82 -1.92
C ILE C 233 48.82 -10.26 -1.49
N ASP C 234 50.09 -10.62 -1.39
CA ASP C 234 50.46 -11.99 -1.10
C ASP C 234 51.01 -12.16 0.30
N GLU C 235 50.48 -13.14 1.03
CA GLU C 235 51.04 -13.55 2.31
C GLU C 235 52.51 -13.94 2.13
N LYS C 236 53.38 -13.44 2.99
CA LYS C 236 52.98 -12.58 4.10
C LYS C 236 53.51 -11.15 3.94
N ASP C 237 52.89 -10.40 3.05
CA ASP C 237 53.10 -8.96 3.01
C ASP C 237 51.96 -8.30 3.77
N ALA C 238 50.80 -8.95 3.74
CA ALA C 238 49.64 -8.50 4.49
C ALA C 238 49.75 -8.97 5.93
N SER C 239 49.34 -8.11 6.86
CA SER C 239 49.40 -8.42 8.29
C SER C 239 48.02 -8.29 8.93
N ILE C 240 46.99 -8.52 8.13
CA ILE C 240 45.62 -8.46 8.63
C ILE C 240 44.70 -9.37 7.80
N ALA C 241 43.74 -10.00 8.46
CA ALA C 241 42.80 -10.90 7.79
C ALA C 241 41.86 -10.11 6.88
N PRO C 242 41.60 -10.65 5.68
CA PRO C 242 40.69 -10.01 4.73
C PRO C 242 39.25 -10.03 5.22
N ALA C 243 38.43 -9.10 4.74
CA ALA C 243 37.02 -9.04 5.12
C ALA C 243 36.28 -10.27 4.60
N THR C 244 35.06 -10.47 5.08
CA THR C 244 34.29 -11.65 4.72
C THR C 244 32.94 -11.31 4.09
N THR C 245 32.97 -10.48 3.05
CA THR C 245 31.74 -10.08 2.37
C THR C 245 31.44 -10.95 1.16
N GLY C 246 32.46 -11.69 0.71
CA GLY C 246 32.31 -12.54 -0.46
C GLY C 246 32.78 -11.86 -1.73
N ASP C 247 32.92 -10.54 -1.67
CA ASP C 247 33.43 -9.77 -2.80
C ASP C 247 34.94 -9.61 -2.66
N SER C 248 35.67 -10.28 -3.55
CA SER C 248 37.13 -10.35 -3.46
C SER C 248 37.82 -8.99 -3.45
N SER C 249 37.49 -8.15 -4.43
CA SER C 249 38.12 -6.85 -4.58
C SER C 249 37.88 -5.94 -3.37
N VAL C 250 36.77 -6.16 -2.69
CA VAL C 250 36.44 -5.37 -1.51
C VAL C 250 37.11 -5.95 -0.26
N ASP C 251 37.17 -7.28 -0.18
CA ASP C 251 37.71 -7.95 0.99
C ASP C 251 39.21 -7.72 1.18
N THR C 252 39.97 -7.77 0.08
CA THR C 252 41.41 -7.61 0.16
C THR C 252 41.84 -6.14 0.13
N TYR C 253 40.86 -5.25 -0.05
CA TYR C 253 41.10 -3.82 -0.05
C TYR C 253 41.64 -3.36 1.29
N PHE C 254 41.15 -3.98 2.36
CA PHE C 254 41.58 -3.64 3.71
C PHE C 254 43.00 -4.14 3.98
N GLN C 255 43.40 -5.20 3.28
CA GLN C 255 44.73 -5.77 3.45
C GLN C 255 45.81 -4.86 2.88
N THR C 256 45.59 -4.37 1.66
CA THR C 256 46.53 -3.46 1.03
C THR C 256 46.48 -2.09 1.68
N ALA C 257 45.35 -1.80 2.33
CA ALA C 257 45.18 -0.54 3.04
C ALA C 257 46.06 -0.49 4.30
N ARG C 258 46.24 -1.64 4.94
CA ARG C 258 47.12 -1.73 6.09
C ARG C 258 48.58 -1.70 5.66
N TYR C 259 48.88 -2.41 4.56
CA TYR C 259 50.23 -2.41 4.00
C TYR C 259 50.69 -0.98 3.73
N LEU C 260 49.79 -0.17 3.18
CA LEU C 260 50.06 1.24 2.94
C LEU C 260 50.30 1.96 4.27
N ASP C 261 49.42 1.70 5.24
CA ASP C 261 49.51 2.33 6.55
C ASP C 261 50.85 2.05 7.23
N GLU C 262 51.29 0.79 7.17
CA GLU C 262 52.54 0.39 7.80
C GLU C 262 53.74 1.04 7.15
N SER C 263 53.71 1.14 5.82
CA SER C 263 54.81 1.73 5.08
C SER C 263 54.91 3.24 5.34
N VAL C 264 53.75 3.89 5.42
CA VAL C 264 53.70 5.32 5.70
C VAL C 264 54.29 5.61 7.08
N LYS C 265 53.95 4.79 8.05
CA LYS C 265 54.50 4.90 9.40
C LYS C 265 56.03 4.79 9.38
N SER C 266 56.53 3.79 8.64
CA SER C 266 57.96 3.59 8.52
C SER C 266 58.63 4.79 7.84
N PHE C 267 57.90 5.45 6.96
CA PHE C 267 58.40 6.63 6.27
C PHE C 267 58.40 7.85 7.20
N VAL C 268 57.35 7.98 8.00
CA VAL C 268 57.24 9.08 8.94
C VAL C 268 58.26 8.93 10.05
N ASP C 269 58.55 7.69 10.43
CA ASP C 269 59.61 7.40 11.40
C ASP C 269 60.94 7.96 10.91
N TYR C 270 61.19 7.80 9.62
CA TYR C 270 62.39 8.33 8.99
C TYR C 270 62.39 9.86 9.00
N LEU C 271 61.21 10.44 8.82
CA LEU C 271 61.06 11.89 8.79
C LEU C 271 61.39 12.52 10.15
N LYS C 272 61.03 11.82 11.21
CA LYS C 272 61.29 12.30 12.56
C LYS C 272 62.77 12.19 12.91
N LYS C 273 63.39 11.08 12.50
CA LYS C 273 64.81 10.85 12.75
C LYS C 273 65.69 11.89 12.07
N SER C 274 65.45 12.12 10.78
CA SER C 274 66.26 13.05 10.01
C SER C 274 65.97 14.51 10.38
N GLY C 275 64.88 14.72 11.13
CA GLY C 275 64.52 16.05 11.57
C GLY C 275 63.54 16.75 10.66
N LEU C 276 63.33 16.17 9.48
CA LEU C 276 62.43 16.75 8.48
C LEU C 276 61.01 16.93 8.99
N TYR C 277 60.60 16.08 9.94
CA TYR C 277 59.26 16.11 10.49
C TYR C 277 58.92 17.47 11.13
N ASP C 278 59.96 18.23 11.48
CA ASP C 278 59.76 19.49 12.21
C ASP C 278 59.86 20.76 11.36
N ASN C 279 60.47 20.67 10.18
CA ASN C 279 60.51 21.83 9.28
C ASN C 279 59.80 21.56 7.96
N SER C 280 58.96 20.53 7.94
CA SER C 280 58.14 20.23 6.78
C SER C 280 56.65 20.24 7.12
N VAL C 281 55.83 20.65 6.15
CA VAL C 281 54.39 20.49 6.25
C VAL C 281 54.00 19.16 5.61
N ILE C 282 53.60 18.19 6.43
CA ILE C 282 53.25 16.88 5.91
C ILE C 282 51.75 16.81 5.61
N ILE C 283 51.42 16.52 4.36
CA ILE C 283 50.03 16.46 3.92
C ILE C 283 49.67 15.09 3.36
N MET C 284 48.87 14.33 4.10
CA MET C 284 48.38 13.05 3.62
C MET C 284 47.00 13.23 3.00
N TYR C 285 46.82 12.71 1.80
CA TYR C 285 45.56 12.85 1.08
C TYR C 285 45.27 11.63 0.22
N GLY C 286 44.00 11.40 -0.08
CA GLY C 286 43.60 10.37 -1.01
C GLY C 286 43.25 11.00 -2.35
N ASP C 287 43.53 10.29 -3.43
CA ASP C 287 43.29 10.83 -4.77
C ASP C 287 41.85 10.60 -5.23
N HIS C 288 41.35 9.39 -5.02
CA HIS C 288 39.99 9.05 -5.44
C HIS C 288 39.45 7.84 -4.68
N TYR C 289 38.26 7.40 -5.08
CA TYR C 289 37.59 6.28 -4.41
C TYR C 289 38.36 4.98 -4.60
N GLY C 290 38.26 4.10 -3.61
CA GLY C 290 38.86 2.79 -3.70
C GLY C 290 37.87 1.74 -4.16
N ILE C 291 36.67 1.80 -3.59
CA ILE C 291 35.59 0.87 -3.95
C ILE C 291 34.55 1.56 -4.83
N SER C 292 34.32 0.99 -6.01
CA SER C 292 33.38 1.56 -6.96
C SER C 292 31.93 1.36 -6.50
N ASP C 293 31.00 1.80 -7.34
CA ASP C 293 29.57 1.73 -7.01
C ASP C 293 28.99 0.36 -7.38
N ASN C 294 29.84 -0.54 -7.86
CA ASN C 294 29.38 -1.85 -8.30
C ASN C 294 29.63 -2.94 -7.26
N HIS C 295 29.58 -2.56 -6.00
CA HIS C 295 29.74 -3.51 -4.90
C HIS C 295 28.79 -3.15 -3.76
N GLU C 296 27.51 -2.96 -4.10
CA GLU C 296 26.50 -2.51 -3.14
C GLU C 296 26.35 -3.45 -1.96
N GLU C 297 26.23 -4.75 -2.24
CA GLU C 297 26.04 -5.75 -1.19
C GLU C 297 27.20 -5.78 -0.20
N ALA C 298 28.42 -5.81 -0.72
CA ALA C 298 29.61 -5.84 0.11
C ALA C 298 29.71 -4.59 0.97
N MET C 299 29.44 -3.43 0.36
CA MET C 299 29.56 -2.15 1.05
C MET C 299 28.46 -1.93 2.09
N THR C 300 27.32 -2.59 1.88
CA THR C 300 26.21 -2.48 2.84
C THR C 300 26.61 -3.12 4.16
N LYS C 301 27.31 -4.26 4.09
CA LYS C 301 27.78 -4.93 5.30
C LYS C 301 28.91 -4.14 5.93
N ILE C 302 29.83 -3.64 5.10
CA ILE C 302 31.00 -2.90 5.56
C ILE C 302 30.61 -1.61 6.30
N LEU C 303 29.72 -0.83 5.69
CA LEU C 303 29.32 0.45 6.27
C LEU C 303 28.15 0.32 7.24
N GLY C 304 27.48 -0.82 7.22
CA GLY C 304 26.40 -1.10 8.15
C GLY C 304 25.02 -0.73 7.63
N LYS C 305 24.93 0.38 6.93
CA LYS C 305 23.65 0.84 6.38
C LYS C 305 23.51 0.44 4.91
N ASP C 306 22.33 0.66 4.35
CA ASP C 306 22.08 0.34 2.96
C ASP C 306 22.91 1.24 2.05
N TYR C 307 23.69 0.63 1.17
CA TYR C 307 24.58 1.37 0.29
C TYR C 307 23.85 1.79 -0.99
N ASN C 308 23.05 2.83 -0.91
CA ASN C 308 22.32 3.34 -2.07
C ASN C 308 23.13 4.40 -2.82
N THR C 309 22.46 5.08 -3.75
CA THR C 309 23.09 6.12 -4.55
C THR C 309 23.61 7.26 -3.68
N PHE C 310 22.83 7.61 -2.67
CA PHE C 310 23.19 8.68 -1.75
C PHE C 310 24.45 8.33 -0.96
N GLU C 311 24.45 7.15 -0.35
CA GLU C 311 25.57 6.72 0.47
C GLU C 311 26.84 6.49 -0.34
N ASN C 312 26.68 6.21 -1.63
CA ASN C 312 27.82 6.06 -2.51
C ASN C 312 28.50 7.39 -2.75
N ALA C 313 27.71 8.45 -2.83
CA ALA C 313 28.23 9.80 -3.00
C ALA C 313 28.94 10.25 -1.74
N GLN C 314 28.42 9.81 -0.58
CA GLN C 314 29.02 10.15 0.69
C GLN C 314 30.31 9.37 0.91
N ALA C 315 30.47 8.28 0.15
CA ALA C 315 31.65 7.44 0.25
C ALA C 315 32.80 7.99 -0.57
N GLN C 316 32.54 9.06 -1.31
CA GLN C 316 33.58 9.71 -2.12
C GLN C 316 34.48 10.58 -1.26
N ARG C 317 34.24 10.57 0.04
CA ARG C 317 35.11 11.26 0.99
C ARG C 317 36.50 10.63 1.00
N VAL C 318 37.50 11.48 0.87
CA VAL C 318 38.89 11.04 0.97
C VAL C 318 39.58 11.84 2.08
N PRO C 319 40.59 11.25 2.74
CA PRO C 319 41.23 11.93 3.86
C PRO C 319 42.05 13.15 3.47
N LEU C 320 42.13 14.11 4.37
CA LEU C 320 43.02 15.25 4.22
C LEU C 320 43.58 15.64 5.60
N MET C 321 44.84 15.31 5.83
CA MET C 321 45.47 15.58 7.12
C MET C 321 46.71 16.44 6.94
N ILE C 322 46.66 17.66 7.46
CA ILE C 322 47.74 18.61 7.32
C ILE C 322 48.48 18.81 8.64
N HIS C 323 49.70 18.32 8.73
CA HIS C 323 50.50 18.47 9.94
C HIS C 323 51.42 19.68 9.85
N VAL C 324 51.00 20.78 10.44
CA VAL C 324 51.84 21.98 10.51
C VAL C 324 52.50 22.07 11.88
N PRO C 325 53.84 21.92 11.92
CA PRO C 325 54.59 21.92 13.18
C PRO C 325 54.43 23.23 13.95
N GLY C 326 54.11 23.12 15.23
CA GLY C 326 53.94 24.29 16.08
C GLY C 326 52.63 25.01 15.85
N VAL C 327 51.63 24.27 15.35
CA VAL C 327 50.31 24.84 15.12
C VAL C 327 49.22 23.92 15.65
N GLN C 328 48.35 24.48 16.49
CA GLN C 328 47.26 23.72 17.09
C GLN C 328 46.27 23.24 16.03
N GLY C 329 46.22 21.93 15.83
CA GLY C 329 45.35 21.33 14.85
C GLY C 329 44.00 20.95 15.43
N GLY C 330 43.33 20.00 14.78
CA GLY C 330 42.02 19.55 15.22
C GLY C 330 41.15 19.13 14.05
N VAL C 331 40.01 18.53 14.36
CA VAL C 331 39.09 18.05 13.32
C VAL C 331 38.40 19.22 12.63
N GLN C 332 38.55 19.28 11.31
CA GLN C 332 37.93 20.33 10.50
C GLN C 332 36.74 19.76 9.74
N GLU C 333 35.53 20.21 10.09
CA GLU C 333 34.31 19.64 9.53
C GLU C 333 33.73 20.46 8.37
N GLN C 334 34.48 21.45 7.91
CA GLN C 334 34.00 22.25 6.78
C GLN C 334 34.11 21.44 5.48
N TYR C 335 33.11 21.60 4.62
CA TYR C 335 33.07 20.88 3.35
C TYR C 335 34.03 21.51 2.35
N GLY C 336 34.75 20.67 1.61
CA GLY C 336 35.70 21.15 0.62
C GLY C 336 36.16 20.05 -0.31
N GLY C 337 36.85 20.43 -1.39
CA GLY C 337 37.33 19.48 -2.36
C GLY C 337 38.82 19.60 -2.63
N GLN C 338 39.36 18.71 -3.46
CA GLN C 338 40.78 18.71 -3.80
C GLN C 338 41.21 19.99 -4.49
N VAL C 339 40.26 20.65 -5.15
CA VAL C 339 40.54 21.90 -5.84
C VAL C 339 40.90 22.99 -4.83
N ASP C 340 40.46 22.80 -3.59
CA ASP C 340 40.70 23.77 -2.52
C ASP C 340 42.06 23.59 -1.85
N LEU C 341 42.77 22.52 -2.22
CA LEU C 341 43.99 22.14 -1.52
C LEU C 341 45.16 23.10 -1.78
N LEU C 342 45.36 23.47 -3.04
CA LEU C 342 46.48 24.36 -3.40
C LEU C 342 46.40 25.75 -2.76
N PRO C 343 45.23 26.43 -2.86
CA PRO C 343 45.21 27.76 -2.22
C PRO C 343 45.26 27.68 -0.70
N THR C 344 44.89 26.53 -0.14
CA THR C 344 44.99 26.32 1.29
C THR C 344 46.45 26.23 1.72
N LEU C 345 47.25 25.55 0.91
CA LEU C 345 48.67 25.37 1.19
C LEU C 345 49.45 26.68 1.04
N LEU C 346 49.12 27.44 0.01
CA LEU C 346 49.82 28.69 -0.27
C LEU C 346 49.65 29.70 0.86
N HIS C 347 48.45 29.78 1.41
CA HIS C 347 48.18 30.68 2.53
C HIS C 347 48.95 30.26 3.78
N LEU C 348 49.09 28.96 3.97
CA LEU C 348 49.86 28.44 5.09
C LEU C 348 51.33 28.80 4.97
N LEU C 349 51.82 28.89 3.74
CA LEU C 349 53.22 29.20 3.48
C LEU C 349 53.45 30.70 3.39
N GLY C 350 52.40 31.48 3.59
CA GLY C 350 52.49 32.92 3.58
C GLY C 350 52.43 33.52 2.19
N VAL C 351 51.87 32.77 1.25
CA VAL C 351 51.75 33.23 -0.13
C VAL C 351 50.32 33.63 -0.48
N ASP C 352 50.14 34.89 -0.87
CA ASP C 352 48.84 35.37 -1.32
C ASP C 352 48.67 35.09 -2.80
N ASN C 353 47.61 34.33 -3.14
CA ASN C 353 47.42 33.87 -4.50
C ASN C 353 46.19 34.47 -5.18
N LYS C 354 45.92 35.74 -4.90
CA LYS C 354 44.70 36.38 -5.39
C LYS C 354 44.63 36.45 -6.92
N GLU C 355 45.75 36.77 -7.56
CA GLU C 355 45.74 37.02 -8.99
C GLU C 355 46.07 35.79 -9.84
N TYR C 356 46.20 34.63 -9.19
CA TYR C 356 46.40 33.37 -9.92
C TYR C 356 45.06 32.81 -10.40
N LEU C 357 45.08 32.07 -11.51
CA LEU C 357 43.88 31.43 -12.01
C LEU C 357 43.64 30.09 -11.32
N GLN C 358 43.04 30.16 -10.13
CA GLN C 358 42.73 28.97 -9.35
C GLN C 358 41.28 29.00 -8.90
N PHE C 359 40.61 27.85 -8.93
CA PHE C 359 39.19 27.79 -8.65
C PHE C 359 38.88 27.40 -7.21
N GLY C 360 39.90 26.93 -6.49
CA GLY C 360 39.73 26.55 -5.10
C GLY C 360 39.83 27.74 -4.17
N THR C 361 39.39 27.55 -2.93
CA THR C 361 39.49 28.58 -1.90
C THR C 361 40.12 28.02 -0.64
N ASP C 362 40.74 28.88 0.16
CA ASP C 362 41.40 28.46 1.39
C ASP C 362 40.43 27.78 2.34
N LEU C 363 40.69 26.52 2.65
CA LEU C 363 39.81 25.74 3.52
C LEU C 363 39.75 26.30 4.95
N LEU C 364 40.84 26.91 5.38
CA LEU C 364 40.93 27.47 6.72
C LEU C 364 40.41 28.91 6.76
N SER C 365 39.87 29.37 5.64
CA SER C 365 39.42 30.76 5.53
C SER C 365 37.99 30.96 6.02
N LYS C 366 37.76 32.14 6.59
CA LYS C 366 36.44 32.57 7.05
C LYS C 366 35.42 32.57 5.91
N ASP C 367 35.85 33.00 4.73
CA ASP C 367 34.95 33.18 3.60
C ASP C 367 34.93 31.98 2.64
N HIS C 368 35.37 30.83 3.13
CA HIS C 368 35.28 29.61 2.32
C HIS C 368 33.83 29.14 2.30
N LYS C 369 33.25 29.06 1.10
CA LYS C 369 31.87 28.62 0.96
C LYS C 369 31.80 27.11 0.73
N GLN C 370 31.12 26.41 1.64
CA GLN C 370 31.07 24.95 1.63
C GLN C 370 30.24 24.41 0.46
N LEU C 371 30.87 24.36 -0.71
CA LEU C 371 30.24 23.82 -1.91
C LEU C 371 31.25 22.98 -2.68
N VAL C 372 30.99 21.68 -2.77
CA VAL C 372 31.95 20.76 -3.38
C VAL C 372 31.42 20.15 -4.68
N PRO C 373 31.88 20.69 -5.82
CA PRO C 373 31.46 20.16 -7.12
C PRO C 373 32.07 18.79 -7.40
N PHE C 374 31.30 17.93 -8.09
CA PHE C 374 31.85 16.71 -8.67
C PHE C 374 32.09 16.99 -10.15
N ARG C 375 32.75 16.08 -10.84
CA ARG C 375 33.11 16.33 -12.23
C ARG C 375 31.92 16.23 -13.17
N ASN C 376 30.96 15.37 -12.83
CA ASN C 376 29.82 15.13 -13.70
C ASN C 376 28.68 16.12 -13.50
N GLY C 377 28.92 17.16 -12.71
CA GLY C 377 27.93 18.20 -12.49
C GLY C 377 27.30 18.15 -11.11
N ASP C 378 27.39 17.00 -10.45
CA ASP C 378 26.86 16.83 -9.10
C ASP C 378 27.59 17.73 -8.11
N TYR C 379 26.98 17.97 -6.95
CA TYR C 379 27.63 18.78 -5.92
C TYR C 379 27.16 18.43 -4.51
N ILE C 380 27.95 18.81 -3.51
CA ILE C 380 27.64 18.54 -2.12
C ILE C 380 27.68 19.82 -1.27
N THR C 381 26.59 20.10 -0.56
CA THR C 381 26.55 21.20 0.40
C THR C 381 26.10 20.64 1.75
N PRO C 382 26.37 21.37 2.84
CA PRO C 382 25.94 20.91 4.18
C PRO C 382 24.43 20.69 4.31
N THR C 383 23.63 21.43 3.53
CA THR C 383 22.18 21.32 3.64
C THR C 383 21.58 20.40 2.56
N TYR C 384 21.72 20.79 1.30
CA TYR C 384 21.20 20.00 0.19
C TYR C 384 22.33 19.51 -0.72
N SER C 385 22.04 18.49 -1.51
CA SER C 385 23.03 17.95 -2.45
C SER C 385 22.36 17.40 -3.70
N MET C 386 23.05 17.52 -4.83
CA MET C 386 22.59 16.91 -6.07
C MET C 386 23.45 15.70 -6.40
N ILE C 387 22.83 14.53 -6.48
CA ILE C 387 23.54 13.29 -6.78
C ILE C 387 22.82 12.54 -7.90
N GLY C 388 23.51 12.37 -9.03
CA GLY C 388 22.93 11.72 -10.18
C GLY C 388 21.87 12.58 -10.85
N GLY C 389 21.95 13.89 -10.62
CA GLY C 389 21.02 14.83 -11.20
C GLY C 389 19.77 15.02 -10.36
N ASN C 390 19.70 14.30 -9.25
CA ASN C 390 18.56 14.39 -8.35
C ASN C 390 18.94 14.98 -7.01
N MET C 391 18.01 15.73 -6.42
CA MET C 391 18.29 16.41 -5.15
C MET C 391 18.13 15.48 -3.95
N TYR C 392 18.95 15.73 -2.93
CA TYR C 392 18.92 14.95 -1.70
C TYR C 392 19.15 15.84 -0.49
N ASN C 393 18.52 15.49 0.63
CA ASN C 393 18.83 16.12 1.90
C ASN C 393 20.15 15.55 2.41
N GLN C 394 21.19 16.37 2.39
CA GLN C 394 22.53 15.94 2.77
C GLN C 394 22.58 15.38 4.19
N GLN C 395 21.75 15.92 5.07
CA GLN C 395 21.80 15.56 6.48
C GLN C 395 21.05 14.27 6.81
N THR C 396 19.98 13.99 6.07
CA THR C 396 19.13 12.84 6.37
C THR C 396 19.17 11.77 5.28
N GLY C 397 19.53 12.16 4.06
CA GLY C 397 19.69 11.20 2.98
C GLY C 397 18.42 10.93 2.21
N GLU C 398 17.31 11.53 2.64
CA GLU C 398 16.03 11.33 1.97
C GLU C 398 15.82 12.33 0.83
N PRO C 399 15.37 11.84 -0.32
CA PRO C 399 15.23 12.59 -1.57
C PRO C 399 14.38 13.84 -1.44
N ILE C 400 14.60 14.80 -2.34
CA ILE C 400 13.79 16.00 -2.41
C ILE C 400 13.07 16.03 -3.75
N ALA C 401 11.75 15.94 -3.71
CA ALA C 401 10.93 15.82 -4.91
C ALA C 401 11.11 17.01 -5.84
N THR C 402 10.69 18.19 -5.40
CA THR C 402 10.77 19.38 -6.22
C THR C 402 12.02 20.21 -5.85
N GLU C 403 12.70 20.67 -6.90
CA GLU C 403 13.94 21.41 -6.78
C GLU C 403 13.67 22.91 -6.61
N THR C 404 14.22 23.52 -5.56
CA THR C 404 13.99 24.94 -5.31
C THR C 404 14.91 25.82 -6.13
N LYS C 405 14.81 27.14 -5.93
CA LYS C 405 15.64 28.10 -6.66
C LYS C 405 17.12 27.96 -6.29
N GLU C 406 17.40 27.94 -4.99
CA GLU C 406 18.76 27.88 -4.48
C GLU C 406 19.45 26.59 -4.91
N MET C 407 18.67 25.51 -5.00
CA MET C 407 19.20 24.24 -5.47
C MET C 407 19.50 24.31 -6.96
N LYS C 408 18.71 25.12 -7.67
CA LYS C 408 18.88 25.34 -9.11
C LYS C 408 20.01 26.32 -9.35
N GLU C 409 20.16 27.28 -8.44
CA GLU C 409 21.15 28.34 -8.57
C GLU C 409 22.57 27.81 -8.40
N THR C 410 22.79 27.03 -7.34
CA THR C 410 24.11 26.46 -7.09
C THR C 410 24.48 25.43 -8.15
N LYS C 411 23.46 24.76 -8.69
CA LYS C 411 23.66 23.82 -9.79
C LYS C 411 24.30 24.53 -10.98
N GLU C 412 23.83 25.73 -11.26
CA GLU C 412 24.35 26.51 -12.38
C GLU C 412 25.70 27.13 -12.05
N LYS C 413 25.91 27.46 -10.78
CA LYS C 413 27.22 27.95 -10.34
C LYS C 413 28.27 26.87 -10.53
N VAL C 414 27.91 25.63 -10.18
CA VAL C 414 28.81 24.50 -10.32
C VAL C 414 29.15 24.24 -11.77
N ALA C 415 28.14 24.32 -12.63
CA ALA C 415 28.33 24.10 -14.06
C ALA C 415 29.23 25.16 -14.68
N LYS C 416 29.11 26.39 -14.19
CA LYS C 416 29.91 27.51 -14.68
C LYS C 416 31.37 27.34 -14.30
N GLU C 417 31.60 26.92 -13.06
CA GLU C 417 32.95 26.71 -12.56
C GLU C 417 33.66 25.63 -13.37
N LEU C 418 32.95 24.54 -13.64
CA LEU C 418 33.51 23.45 -14.43
C LEU C 418 33.72 23.87 -15.88
N GLU C 419 32.84 24.73 -16.39
CA GLU C 419 32.95 25.22 -17.75
C GLU C 419 34.15 26.16 -17.91
N LEU C 420 34.36 27.02 -16.91
CA LEU C 420 35.47 27.97 -16.94
C LEU C 420 36.81 27.28 -16.74
N SER C 421 36.79 26.16 -16.01
CA SER C 421 38.00 25.38 -15.80
C SER C 421 38.44 24.73 -17.12
N ASP C 422 37.47 24.25 -17.88
CA ASP C 422 37.75 23.62 -19.17
C ASP C 422 38.21 24.66 -20.19
N SER C 423 37.76 25.90 -20.01
CA SER C 423 38.17 27.00 -20.87
C SER C 423 39.69 27.18 -20.81
N VAL C 424 40.23 26.99 -19.62
CA VAL C 424 41.67 27.14 -19.40
C VAL C 424 42.47 26.02 -20.05
N LEU C 425 41.95 24.79 -19.98
CA LEU C 425 42.66 23.63 -20.50
C LEU C 425 42.60 23.52 -22.01
N GLN C 426 41.42 23.65 -22.59
CA GLN C 426 41.24 23.44 -24.02
C GLN C 426 41.57 24.70 -24.81
N GLY C 427 41.53 25.84 -24.14
CA GLY C 427 41.90 27.10 -24.77
C GLY C 427 43.36 27.44 -24.52
N ASP C 428 43.96 26.74 -23.56
CA ASP C 428 45.34 26.98 -23.12
C ASP C 428 45.53 28.45 -22.79
N LEU C 429 44.72 28.95 -21.87
CA LEU C 429 44.62 30.38 -21.61
C LEU C 429 45.79 30.95 -20.82
N LEU C 430 46.59 30.08 -20.20
CA LEU C 430 47.69 30.55 -19.37
C LEU C 430 48.86 31.07 -20.20
N ARG C 431 48.77 30.90 -21.51
CA ARG C 431 49.76 31.47 -22.42
C ARG C 431 49.61 32.99 -22.47
N PHE C 432 48.40 33.46 -22.21
CA PHE C 432 48.09 34.87 -22.40
C PHE C 432 47.99 35.63 -21.07
N TYR C 433 48.05 34.91 -19.96
CA TYR C 433 47.99 35.56 -18.66
C TYR C 433 49.03 35.03 -17.68
N ALA C 434 49.48 35.93 -16.81
CA ALA C 434 50.31 35.60 -15.66
C ALA C 434 50.31 36.80 -14.73
N PRO C 435 50.32 36.55 -13.41
CA PRO C 435 50.49 37.66 -12.46
C PRO C 435 51.77 38.43 -12.78
N ASP C 436 51.76 39.73 -12.52
CA ASP C 436 52.83 40.61 -13.02
C ASP C 436 54.20 40.29 -12.43
N GLY C 437 54.22 39.80 -11.20
CA GLY C 437 55.48 39.41 -10.58
C GLY C 437 55.90 38.01 -10.99
N PHE C 438 54.95 37.25 -11.52
CA PHE C 438 55.17 35.84 -11.84
C PHE C 438 56.11 35.63 -13.03
N LYS C 439 56.86 34.53 -12.99
CA LYS C 439 57.76 34.14 -14.06
C LYS C 439 57.32 32.81 -14.66
N LYS C 440 57.35 32.70 -15.99
CA LYS C 440 56.88 31.49 -16.65
C LYS C 440 57.90 30.36 -16.58
N VAL C 441 57.52 29.20 -17.09
CA VAL C 441 58.36 28.01 -17.03
C VAL C 441 58.89 27.64 -18.42
N ASP C 442 60.18 27.37 -18.51
CA ASP C 442 60.79 26.90 -19.75
C ASP C 442 60.99 25.39 -19.68
N PRO C 443 60.03 24.62 -20.22
CA PRO C 443 60.00 23.16 -20.07
C PRO C 443 61.17 22.45 -20.76
N SER C 444 61.86 23.14 -21.66
CA SER C 444 62.98 22.56 -22.39
C SER C 444 64.19 22.34 -21.49
N LYS C 445 64.23 23.04 -20.37
CA LYS C 445 65.38 23.01 -19.47
C LYS C 445 65.31 21.88 -18.44
N TYR C 446 64.53 20.85 -18.73
CA TYR C 446 64.34 19.75 -17.78
C TYR C 446 64.75 18.41 -18.35
N ASN C 447 65.33 17.57 -17.49
CA ASN C 447 65.70 16.22 -17.87
C ASN C 447 65.63 15.27 -16.68
N TYR C 448 64.67 14.34 -16.74
CA TYR C 448 64.43 13.42 -15.64
C TYR C 448 65.15 12.10 -15.83
N ASN C 449 66.10 12.08 -16.77
CA ASN C 449 66.94 10.91 -16.99
C ASN C 449 68.17 10.96 -16.09
N LYS C 450 68.74 9.80 -15.80
CA LYS C 450 69.93 9.73 -14.95
C LYS C 450 71.14 9.27 -15.76
N VAL D 36 53.89 -10.86 -46.03
CA VAL D 36 53.34 -10.18 -47.20
C VAL D 36 52.64 -11.17 -48.13
N THR D 37 53.41 -12.14 -48.64
CA THR D 37 52.85 -13.26 -49.37
C THR D 37 53.03 -14.50 -48.51
N GLU D 38 53.82 -14.35 -47.44
CA GLU D 38 54.00 -15.42 -46.48
C GLU D 38 52.77 -15.51 -45.58
N VAL D 39 51.90 -14.51 -45.68
CA VAL D 39 50.58 -14.57 -45.06
C VAL D 39 49.82 -15.73 -45.62
N LEU D 40 49.68 -15.70 -46.93
CA LEU D 40 48.99 -16.72 -47.69
C LEU D 40 49.58 -18.09 -47.39
N ASN D 41 50.90 -18.21 -47.54
CA ASN D 41 51.60 -19.48 -47.34
C ASN D 41 51.26 -20.16 -46.03
N TYR D 42 51.20 -19.36 -44.96
CA TYR D 42 50.83 -19.89 -43.66
C TYR D 42 49.37 -20.31 -43.64
N THR D 43 48.54 -19.53 -44.32
CA THR D 43 47.10 -19.71 -44.30
C THR D 43 46.68 -20.99 -45.01
N LYS D 44 47.16 -21.16 -46.24
CA LYS D 44 46.79 -22.31 -47.04
C LYS D 44 47.27 -23.60 -46.37
N SER D 45 48.46 -23.54 -45.79
CA SER D 45 49.05 -24.71 -45.17
C SER D 45 48.21 -25.15 -43.99
N LYS D 46 47.60 -24.17 -43.32
CA LYS D 46 46.80 -24.43 -42.13
C LYS D 46 45.37 -24.82 -42.50
N TYR D 47 44.99 -24.56 -43.75
CA TYR D 47 43.64 -24.82 -44.26
C TYR D 47 43.17 -26.25 -43.98
N ALA D 48 41.88 -26.38 -43.67
CA ALA D 48 41.28 -27.68 -43.40
C ALA D 48 40.19 -27.99 -44.42
N ALA D 49 40.28 -29.15 -45.06
CA ALA D 49 39.35 -29.55 -46.10
C ALA D 49 37.94 -29.76 -45.55
N PRO D 50 36.92 -29.36 -46.33
CA PRO D 50 35.50 -29.45 -45.92
C PRO D 50 35.04 -30.87 -45.60
N ASN D 51 34.11 -30.99 -44.67
CA ASN D 51 33.49 -32.27 -44.34
C ASN D 51 32.30 -32.52 -45.26
N PRO D 52 32.38 -33.58 -46.08
CA PRO D 52 31.32 -33.96 -47.03
C PRO D 52 29.94 -34.05 -46.39
N GLU D 53 29.90 -34.51 -45.15
CA GLU D 53 28.65 -34.62 -44.41
C GLU D 53 28.01 -33.26 -44.16
N TYR D 54 28.84 -32.22 -44.05
CA TYR D 54 28.34 -30.90 -43.69
C TYR D 54 28.51 -29.85 -44.78
N PHE D 55 29.35 -30.12 -45.77
CA PHE D 55 29.64 -29.12 -46.79
C PHE D 55 28.45 -28.86 -47.71
N GLY D 56 28.02 -27.60 -47.76
CA GLY D 56 26.95 -27.18 -48.65
C GLY D 56 25.56 -27.49 -48.16
N LYS D 57 25.46 -28.00 -46.94
CA LYS D 57 24.17 -28.40 -46.38
C LYS D 57 23.24 -27.22 -46.12
N ALA D 58 23.81 -26.02 -46.05
CA ALA D 58 23.03 -24.82 -45.83
C ALA D 58 23.20 -23.84 -46.98
N LYS D 59 23.42 -24.39 -48.18
CA LYS D 59 23.64 -23.57 -49.37
C LYS D 59 22.38 -22.78 -49.73
N GLY D 60 22.54 -21.47 -49.89
CA GLY D 60 21.43 -20.62 -50.27
C GLY D 60 20.61 -20.12 -49.10
N LYS D 61 20.84 -20.70 -47.93
CA LYS D 61 20.12 -20.33 -46.72
C LYS D 61 20.50 -18.93 -46.24
N ASN D 62 19.63 -18.32 -45.45
CA ASN D 62 19.96 -17.06 -44.79
C ASN D 62 20.90 -17.31 -43.62
N VAL D 63 21.54 -16.25 -43.14
CA VAL D 63 22.40 -16.33 -41.96
C VAL D 63 21.97 -15.32 -40.90
N ILE D 64 21.64 -15.82 -39.73
CA ILE D 64 21.23 -14.96 -38.62
C ILE D 64 22.12 -15.16 -37.41
N TYR D 65 23.01 -14.19 -37.17
CA TYR D 65 23.86 -14.22 -35.99
C TYR D 65 23.12 -13.62 -34.80
N ILE D 66 23.09 -14.37 -33.69
CA ILE D 66 22.53 -13.84 -32.45
C ILE D 66 23.65 -13.63 -31.44
N HIS D 67 24.01 -12.37 -31.24
CA HIS D 67 25.11 -11.99 -30.38
C HIS D 67 24.71 -11.97 -28.90
N LEU D 68 25.07 -13.02 -28.17
CA LEU D 68 24.79 -13.09 -26.75
C LEU D 68 25.85 -12.34 -25.96
N GLU D 69 25.51 -11.12 -25.54
CA GLU D 69 26.45 -10.23 -24.89
C GLU D 69 26.94 -10.77 -23.54
N SER D 70 28.27 -10.81 -23.39
CA SER D 70 28.91 -11.20 -22.13
C SER D 70 28.39 -12.54 -21.58
N PHE D 71 28.03 -13.44 -22.49
CA PHE D 71 27.43 -14.71 -22.12
C PHE D 71 28.47 -15.82 -22.10
N GLN D 72 28.73 -16.39 -20.92
CA GLN D 72 29.70 -17.47 -20.80
C GLN D 72 29.02 -18.84 -20.86
N GLN D 73 29.78 -19.86 -21.20
CA GLN D 73 29.26 -21.20 -21.44
C GLN D 73 28.73 -21.87 -20.17
N PHE D 74 29.29 -21.51 -19.01
CA PHE D 74 28.90 -22.15 -17.75
C PHE D 74 27.45 -21.82 -17.37
N LEU D 75 26.87 -20.82 -18.04
CA LEU D 75 25.47 -20.48 -17.83
C LEU D 75 24.54 -21.56 -18.39
N VAL D 76 25.01 -22.24 -19.43
CA VAL D 76 24.23 -23.30 -20.07
C VAL D 76 23.94 -24.43 -19.09
N ASN D 77 22.66 -24.73 -18.91
CA ASN D 77 22.20 -25.77 -18.00
C ASN D 77 22.57 -25.51 -16.54
N TYR D 78 22.90 -24.26 -16.23
CA TYR D 78 23.20 -23.88 -14.86
C TYR D 78 21.91 -23.60 -14.11
N LYS D 79 21.74 -24.26 -12.97
CA LYS D 79 20.55 -24.07 -12.16
C LYS D 79 20.86 -23.26 -10.91
N LEU D 80 20.21 -22.11 -10.78
CA LEU D 80 20.39 -21.26 -9.61
C LEU D 80 19.24 -21.48 -8.63
N ASN D 81 19.56 -22.11 -7.50
CA ASN D 81 18.59 -22.43 -6.46
C ASN D 81 17.46 -23.30 -6.98
N GLY D 82 17.79 -24.29 -7.81
CA GLY D 82 16.83 -25.26 -8.27
C GLY D 82 16.31 -25.09 -9.68
N GLU D 83 16.22 -23.84 -10.14
CA GLU D 83 15.65 -23.57 -11.46
C GLU D 83 16.70 -23.11 -12.48
N GLU D 84 16.45 -23.42 -13.75
CA GLU D 84 17.36 -23.06 -14.83
C GLU D 84 17.40 -21.54 -15.05
N VAL D 85 18.61 -21.01 -15.22
CA VAL D 85 18.78 -19.57 -15.43
C VAL D 85 18.37 -19.16 -16.85
N THR D 86 18.86 -19.90 -17.83
CA THR D 86 18.55 -19.62 -19.24
C THR D 86 17.84 -20.80 -19.88
N PRO D 87 16.54 -20.96 -19.57
CA PRO D 87 15.76 -22.14 -19.97
C PRO D 87 15.69 -22.35 -21.49
N PHE D 88 15.40 -21.30 -22.24
CA PHE D 88 15.24 -21.45 -23.70
C PHE D 88 16.54 -21.78 -24.41
N ILE D 89 17.59 -21.03 -24.08
CA ILE D 89 18.91 -21.26 -24.66
C ILE D 89 19.36 -22.70 -24.39
N ASN D 90 19.04 -23.19 -23.20
CA ASN D 90 19.33 -24.57 -22.83
C ASN D 90 18.59 -25.57 -23.73
N SER D 91 17.36 -25.22 -24.11
CA SER D 91 16.57 -26.07 -25.00
C SER D 91 17.10 -26.01 -26.42
N PHE D 92 17.54 -24.82 -26.82
CA PHE D 92 18.15 -24.61 -28.13
C PHE D 92 19.45 -25.41 -28.22
N PHE D 93 20.13 -25.52 -27.08
CA PHE D 93 21.37 -26.28 -26.97
C PHE D 93 21.15 -27.76 -27.25
N LYS D 94 20.06 -28.30 -26.72
CA LYS D 94 19.77 -29.73 -26.85
C LYS D 94 18.95 -30.04 -28.10
N ASP D 95 18.67 -29.02 -28.91
CA ASP D 95 17.81 -29.21 -30.08
C ASP D 95 18.39 -30.22 -31.05
N GLN D 96 17.49 -30.93 -31.74
CA GLN D 96 17.85 -32.02 -32.63
C GLN D 96 18.79 -31.58 -33.75
N ASN D 97 18.54 -30.40 -34.31
CA ASN D 97 19.32 -29.92 -35.45
C ASN D 97 20.28 -28.81 -35.06
N THR D 98 20.72 -28.79 -33.81
CA THR D 98 21.63 -27.76 -33.34
C THR D 98 23.01 -28.34 -33.04
N LEU D 99 24.02 -27.82 -33.72
CA LEU D 99 25.41 -28.15 -33.44
C LEU D 99 25.91 -27.33 -32.25
N SER D 100 26.05 -27.99 -31.11
CA SER D 100 26.40 -27.30 -29.87
C SER D 100 27.85 -27.54 -29.46
N PHE D 101 28.57 -26.46 -29.18
CA PHE D 101 29.98 -26.56 -28.82
C PHE D 101 30.20 -26.30 -27.34
N THR D 102 30.86 -27.24 -26.67
CA THR D 102 31.10 -27.14 -25.23
C THR D 102 32.53 -26.72 -24.93
N ASN D 103 33.39 -26.75 -25.94
CA ASN D 103 34.77 -26.33 -25.80
C ASN D 103 35.12 -25.18 -26.74
N PHE D 104 34.23 -24.20 -26.81
CA PHE D 104 34.40 -23.04 -27.68
C PHE D 104 34.85 -21.84 -26.86
N PHE D 105 36.02 -21.29 -27.20
CA PHE D 105 36.59 -20.19 -26.43
C PHE D 105 36.54 -18.86 -27.17
N HIS D 106 36.50 -17.77 -26.43
CA HIS D 106 36.60 -16.44 -27.01
C HIS D 106 38.07 -16.02 -27.05
N GLN D 107 38.45 -15.28 -28.08
CA GLN D 107 39.83 -14.89 -28.27
C GLN D 107 39.96 -13.37 -28.41
N THR D 108 39.17 -12.66 -27.61
CA THR D 108 39.14 -11.21 -27.66
C THR D 108 40.23 -10.59 -26.78
N GLY D 109 40.46 -9.29 -26.97
CA GLY D 109 41.43 -8.57 -26.19
C GLY D 109 40.84 -7.34 -25.53
N GLN D 110 41.48 -6.19 -25.74
CA GLN D 110 41.01 -4.94 -25.15
C GLN D 110 39.86 -4.35 -25.97
N GLY D 111 39.70 -4.80 -27.20
CA GLY D 111 38.60 -4.36 -28.04
C GLY D 111 37.31 -5.04 -27.63
N LYS D 112 37.45 -6.12 -26.85
CA LYS D 112 36.33 -6.92 -26.37
C LYS D 112 35.32 -7.25 -27.48
N ALA D 114 34.33 -5.43 -30.02
CA ALA D 114 34.86 -5.04 -31.32
C ALA D 114 35.83 -6.09 -31.87
N ASP D 115 36.61 -6.70 -30.97
CA ASP D 115 37.54 -7.74 -31.38
C ASP D 115 36.80 -9.00 -31.83
N SER D 116 35.71 -9.31 -31.13
CA SER D 116 34.90 -10.47 -31.46
C SER D 116 34.31 -10.35 -32.87
N GLU D 117 33.85 -9.15 -33.20
CA GLU D 117 33.33 -8.88 -34.54
C GLU D 117 34.43 -9.04 -35.58
N MET D 118 35.63 -8.57 -35.24
CA MET D 118 36.79 -8.69 -36.12
C MET D 118 37.10 -10.17 -36.38
N LEU D 119 36.90 -10.99 -35.35
CA LEU D 119 37.13 -12.42 -35.45
C LEU D 119 36.07 -13.12 -36.29
N LEU D 120 34.84 -12.64 -36.20
CA LEU D 120 33.72 -13.27 -36.90
C LEU D 120 33.64 -12.85 -38.37
N GLU D 121 33.96 -11.60 -38.65
CA GLU D 121 33.79 -11.05 -39.98
C GLU D 121 34.97 -11.34 -40.89
N ASN D 122 36.16 -11.43 -40.32
CA ASN D 122 37.37 -11.53 -41.14
C ASN D 122 38.28 -12.71 -40.78
N SER D 123 37.93 -13.41 -39.71
CA SER D 123 38.78 -14.47 -39.16
C SER D 123 40.17 -13.89 -38.85
N LEU D 124 40.18 -12.67 -38.34
CA LEU D 124 41.40 -11.98 -37.92
C LEU D 124 41.33 -11.67 -36.44
N TYR D 125 42.44 -11.87 -35.72
CA TYR D 125 42.50 -11.49 -34.32
C TYR D 125 42.55 -9.97 -34.20
N GLY D 126 42.22 -9.46 -33.03
CA GLY D 126 42.34 -8.04 -32.77
C GLY D 126 43.78 -7.65 -32.54
N LEU D 127 44.02 -6.40 -32.21
CA LEU D 127 45.37 -5.92 -31.91
C LEU D 127 45.82 -6.41 -30.53
N PRO D 128 47.14 -6.49 -30.32
CA PRO D 128 47.65 -6.89 -28.99
C PRO D 128 47.24 -5.89 -27.92
N GLN D 129 47.19 -4.62 -28.31
CA GLN D 129 46.81 -3.54 -27.41
C GLN D 129 45.82 -2.61 -28.11
N GLY D 130 44.88 -2.07 -27.34
CA GLY D 130 43.88 -1.18 -27.88
C GLY D 130 42.87 -1.87 -28.78
N SER D 131 41.94 -1.09 -29.32
CA SER D 131 40.89 -1.63 -30.17
C SER D 131 41.27 -1.54 -31.64
N ALA D 132 41.07 -2.64 -32.37
CA ALA D 132 41.36 -2.68 -33.80
C ALA D 132 40.32 -1.88 -34.58
N PHE D 133 39.12 -1.78 -34.04
CA PHE D 133 38.02 -1.09 -34.70
C PHE D 133 38.25 0.42 -34.78
N THR D 134 38.87 0.98 -33.75
CA THR D 134 39.04 2.43 -33.66
C THR D 134 40.25 2.93 -34.44
N THR D 135 41.28 2.09 -34.57
CA THR D 135 42.52 2.52 -35.19
C THR D 135 42.70 1.99 -36.61
N LYS D 136 41.89 1.01 -36.99
CA LYS D 136 42.00 0.41 -38.31
C LYS D 136 40.69 0.47 -39.09
N GLY D 137 40.01 1.61 -39.01
CA GLY D 137 38.76 1.80 -39.72
C GLY D 137 38.96 2.12 -41.19
N GLN D 138 40.19 2.46 -41.56
CA GLN D 138 40.52 2.82 -42.94
C GLN D 138 41.05 1.62 -43.70
N ASN D 139 41.42 0.56 -42.97
CA ASN D 139 41.92 -0.66 -43.57
C ASN D 139 40.92 -1.28 -44.54
N THR D 140 41.44 -1.95 -45.57
CA THR D 140 40.59 -2.68 -46.50
C THR D 140 40.38 -4.10 -45.99
N TYR D 141 39.14 -4.56 -46.05
CA TYR D 141 38.81 -5.88 -45.53
C TYR D 141 38.09 -6.74 -46.55
N GLU D 142 38.32 -8.04 -46.48
CA GLU D 142 37.60 -9.00 -47.31
C GLU D 142 36.72 -9.85 -46.41
N SER D 143 35.70 -9.22 -45.83
CA SER D 143 34.90 -9.83 -44.78
C SER D 143 33.74 -10.68 -45.32
N ALA D 144 33.00 -11.28 -44.40
CA ALA D 144 31.88 -12.15 -44.73
C ALA D 144 30.81 -11.42 -45.52
N SER D 145 30.60 -10.15 -45.21
CA SER D 145 29.61 -9.33 -45.90
C SER D 145 29.95 -9.23 -47.37
N ALA D 146 31.24 -9.14 -47.67
CA ALA D 146 31.71 -9.01 -49.04
C ALA D 146 31.79 -10.36 -49.73
N ILE D 147 32.26 -11.37 -49.01
CA ILE D 147 32.39 -12.71 -49.58
C ILE D 147 31.04 -13.27 -50.00
N LEU D 148 30.09 -13.28 -49.07
CA LEU D 148 28.75 -13.75 -49.35
C LEU D 148 28.02 -12.82 -50.33
N GLY D 149 28.38 -11.55 -50.29
CA GLY D 149 27.78 -10.56 -51.16
C GLY D 149 27.98 -10.85 -52.63
N GLN D 150 29.02 -11.62 -52.95
CA GLN D 150 29.31 -11.99 -54.33
C GLN D 150 28.40 -13.08 -54.83
N GLN D 151 27.63 -13.67 -53.93
CA GLN D 151 26.65 -14.68 -54.30
C GLN D 151 25.24 -14.08 -54.26
N GLY D 152 25.17 -12.78 -54.02
CA GLY D 152 23.91 -12.06 -54.02
C GLY D 152 23.31 -11.86 -52.65
N TYR D 153 24.11 -12.07 -51.61
CA TYR D 153 23.65 -11.90 -50.24
C TYR D 153 23.53 -10.43 -49.85
N THR D 154 22.52 -10.10 -49.06
CA THR D 154 22.33 -8.75 -48.55
C THR D 154 22.82 -8.69 -47.10
N SER D 155 23.51 -7.61 -46.74
CA SER D 155 24.11 -7.50 -45.42
C SER D 155 23.38 -6.49 -44.54
N ALA D 156 23.36 -6.77 -43.23
CA ALA D 156 22.72 -5.88 -42.26
C ALA D 156 23.15 -6.18 -40.83
N VAL D 157 23.34 -5.12 -40.04
CA VAL D 157 23.64 -5.26 -38.61
C VAL D 157 22.55 -4.56 -37.80
N PHE D 158 22.12 -5.21 -36.73
CA PHE D 158 21.12 -4.63 -35.84
C PHE D 158 21.73 -4.40 -34.46
N HIS D 159 21.60 -3.17 -33.95
CA HIS D 159 22.18 -2.82 -32.67
C HIS D 159 21.35 -1.73 -31.98
N GLY D 160 21.15 -1.87 -30.68
CA GLY D 160 20.34 -0.94 -29.93
C GLY D 160 21.08 0.30 -29.47
N ASN D 161 22.18 0.62 -30.16
CA ASN D 161 22.99 1.78 -29.81
C ASN D 161 23.36 2.56 -31.07
N TYR D 162 23.94 3.75 -30.88
CA TYR D 162 24.28 4.61 -32.01
C TYR D 162 25.55 4.16 -32.73
N LYS D 163 25.58 4.36 -34.04
CA LYS D 163 26.63 3.80 -34.89
C LYS D 163 28.02 4.39 -34.65
N SER D 164 28.10 5.47 -33.87
CA SER D 164 29.38 6.11 -33.58
C SER D 164 30.22 5.29 -32.60
N PHE D 165 29.54 4.50 -31.77
CA PHE D 165 30.21 3.72 -30.74
C PHE D 165 31.02 2.58 -31.37
N TRP D 166 32.23 2.38 -30.85
CA TRP D 166 33.22 1.43 -31.41
C TRP D 166 33.62 1.75 -32.85
N ASN D 167 33.32 2.96 -33.31
CA ASN D 167 33.64 3.39 -34.67
C ASN D 167 33.02 2.44 -35.71
N ARG D 168 31.87 1.87 -35.37
CA ARG D 168 31.19 0.91 -36.25
C ARG D 168 30.74 1.56 -37.55
N ASP D 169 30.40 2.84 -37.48
CA ASP D 169 29.91 3.58 -38.65
C ASP D 169 30.95 3.59 -39.77
N GLU D 170 32.22 3.66 -39.41
CA GLU D 170 33.28 3.75 -40.39
C GLU D 170 33.72 2.39 -40.91
N ILE D 171 34.07 1.49 -40.00
CA ILE D 171 34.69 0.22 -40.37
C ILE D 171 33.71 -0.74 -41.06
N TYR D 172 32.41 -0.58 -40.79
CA TYR D 172 31.42 -1.45 -41.43
C TYR D 172 31.37 -1.21 -42.93
N LYS D 173 31.60 0.03 -43.35
CA LYS D 173 31.62 0.37 -44.76
C LYS D 173 32.77 -0.36 -45.46
N GLN D 174 33.84 -0.62 -44.72
CA GLN D 174 34.97 -1.39 -45.24
C GLN D 174 34.62 -2.88 -45.27
N PHE D 175 33.81 -3.31 -44.31
CA PHE D 175 33.36 -4.70 -44.25
C PHE D 175 32.42 -5.00 -45.41
N GLY D 176 31.64 -4.01 -45.81
CA GLY D 176 30.71 -4.18 -46.91
C GLY D 176 29.28 -4.41 -46.46
N TYR D 177 29.00 -4.10 -45.19
CA TYR D 177 27.65 -4.23 -44.66
C TYR D 177 26.71 -3.27 -45.37
N ASP D 178 25.73 -3.83 -46.07
CA ASP D 178 24.79 -3.05 -46.87
C ASP D 178 23.91 -2.16 -46.01
N ASN D 179 23.58 -2.63 -44.81
CA ASN D 179 22.72 -1.87 -43.90
C ASN D 179 23.20 -1.89 -42.46
N PHE D 180 22.94 -0.80 -41.75
CA PHE D 180 23.23 -0.73 -40.32
C PHE D 180 22.06 -0.08 -39.61
N PHE D 181 21.24 -0.91 -38.97
CA PHE D 181 20.11 -0.42 -38.20
C PHE D 181 20.55 -0.13 -36.77
N ASP D 182 20.99 1.11 -36.53
CA ASP D 182 21.42 1.52 -35.20
C ASP D 182 20.26 2.14 -34.44
N ALA D 183 20.57 2.83 -33.34
CA ALA D 183 19.54 3.38 -32.45
C ALA D 183 18.63 4.39 -33.14
N SER D 184 19.07 4.92 -34.27
CA SER D 184 18.28 5.88 -35.03
C SER D 184 17.06 5.24 -35.69
N TYR D 185 17.07 3.91 -35.76
CA TYR D 185 15.98 3.16 -36.36
C TYR D 185 15.07 2.55 -35.31
N TYR D 186 15.31 2.89 -34.05
CA TYR D 186 14.50 2.36 -32.95
C TYR D 186 13.87 3.48 -32.12
N ASP D 187 12.90 3.10 -31.29
CA ASP D 187 12.25 4.04 -30.38
C ASP D 187 13.00 4.10 -29.06
N MET D 188 13.85 5.12 -28.90
CA MET D 188 14.74 5.22 -27.76
C MET D 188 14.14 5.98 -26.58
N ASN D 189 12.89 5.68 -26.25
CA ASN D 189 12.23 6.34 -25.12
C ASN D 189 12.86 5.92 -23.79
N GLU D 190 12.79 6.81 -22.81
CA GLU D 190 13.46 6.63 -21.53
C GLU D 190 13.15 5.30 -20.84
N ALA D 191 11.92 4.84 -20.98
CA ALA D 191 11.48 3.61 -20.31
C ALA D 191 12.08 2.35 -20.96
N ASP D 192 12.44 2.45 -22.23
CA ASP D 192 12.95 1.31 -22.98
C ASP D 192 14.48 1.32 -23.08
N VAL D 193 15.11 2.32 -22.47
CA VAL D 193 16.56 2.47 -22.60
C VAL D 193 17.28 2.23 -21.28
N SER D 194 18.34 1.44 -21.34
CA SER D 194 19.15 1.18 -20.18
C SER D 194 20.48 1.92 -20.24
N ASN D 195 21.42 1.42 -19.43
CA ASN D 195 22.78 1.95 -19.40
C ASN D 195 23.38 2.31 -20.76
N TYR D 196 23.61 1.31 -21.60
CA TYR D 196 24.36 1.58 -22.84
C TYR D 196 23.46 1.57 -24.07
N GLY D 197 22.15 1.59 -23.87
CA GLY D 197 21.22 1.65 -24.99
C GLY D 197 19.89 0.93 -24.80
N LEU D 198 19.26 0.59 -25.94
CA LEU D 198 17.95 -0.02 -25.94
C LEU D 198 17.96 -1.43 -25.32
N LYS D 199 16.97 -1.70 -24.47
CA LYS D 199 16.83 -3.02 -23.87
C LYS D 199 16.57 -4.07 -24.93
N ASP D 200 16.90 -5.32 -24.64
CA ASP D 200 16.87 -6.37 -25.65
C ASP D 200 15.47 -6.83 -26.05
N LYS D 201 14.53 -6.82 -25.11
CA LYS D 201 13.15 -7.17 -25.42
C LYS D 201 12.52 -6.20 -26.43
N PRO D 202 12.66 -4.87 -26.19
CA PRO D 202 12.16 -3.98 -27.26
C PRO D 202 13.01 -4.05 -28.52
N PHE D 203 14.30 -4.34 -28.37
CA PHE D 203 15.23 -4.38 -29.49
C PHE D 203 14.85 -5.42 -30.55
N PHE D 204 14.53 -6.62 -30.10
CA PHE D 204 14.17 -7.70 -31.02
C PHE D 204 12.82 -7.47 -31.67
N LYS D 205 11.86 -7.01 -30.88
CA LYS D 205 10.51 -6.80 -31.39
C LYS D 205 10.46 -5.68 -32.43
N GLU D 206 11.14 -4.58 -32.16
CA GLU D 206 11.10 -3.42 -33.05
C GLU D 206 11.87 -3.64 -34.34
N SER D 207 12.78 -4.62 -34.33
CA SER D 207 13.61 -4.90 -35.50
C SER D 207 12.98 -5.93 -36.43
N GLU D 208 11.87 -6.51 -36.00
CA GLU D 208 11.12 -7.45 -36.82
C GLU D 208 10.68 -6.74 -38.09
N GLU D 209 10.28 -5.48 -37.94
CA GLU D 209 9.89 -4.61 -39.04
C GLU D 209 10.90 -4.60 -40.19
N TYR D 210 12.18 -4.52 -39.83
CA TYR D 210 13.23 -4.37 -40.82
C TYR D 210 13.71 -5.70 -41.40
N LEU D 211 13.62 -6.76 -40.59
CA LEU D 211 14.09 -8.07 -41.03
C LEU D 211 13.12 -8.70 -42.02
N SER D 212 11.84 -8.38 -41.88
CA SER D 212 10.81 -8.94 -42.74
C SER D 212 10.89 -8.39 -44.16
N SER D 213 11.28 -7.13 -44.29
CA SER D 213 11.38 -6.48 -45.59
C SER D 213 12.83 -6.41 -46.07
N LEU D 214 13.70 -7.21 -45.47
CA LEU D 214 15.08 -7.30 -45.90
C LEU D 214 15.22 -8.36 -46.99
N GLN D 215 15.76 -7.96 -48.14
CA GLN D 215 15.90 -8.83 -49.30
C GLN D 215 16.63 -10.13 -48.99
N GLN D 216 16.03 -11.25 -49.38
CA GLN D 216 16.65 -12.56 -49.18
C GLN D 216 17.33 -13.03 -50.46
N PRO D 217 18.43 -13.80 -50.33
CA PRO D 217 19.04 -14.23 -49.07
C PRO D 217 19.83 -13.11 -48.39
N PHE D 218 19.94 -13.17 -47.06
CA PHE D 218 20.66 -12.14 -46.33
C PHE D 218 21.65 -12.68 -45.30
N TYR D 219 22.61 -11.85 -44.93
CA TYR D 219 23.59 -12.16 -43.89
C TYR D 219 23.46 -11.10 -42.80
N THR D 220 22.97 -11.50 -41.63
CA THR D 220 22.65 -10.57 -40.57
C THR D 220 23.32 -10.90 -39.24
N LYS D 221 23.50 -9.87 -38.41
CA LYS D 221 24.00 -10.05 -37.06
C LYS D 221 23.26 -9.12 -36.11
N PHE D 222 22.80 -9.67 -34.99
CA PHE D 222 22.04 -8.90 -34.01
C PHE D 222 22.84 -8.74 -32.72
N ILE D 223 23.40 -7.54 -32.51
CA ILE D 223 24.18 -7.27 -31.31
C ILE D 223 23.30 -6.82 -30.15
N THR D 224 23.22 -7.65 -29.11
CA THR D 224 22.42 -7.31 -27.93
C THR D 224 23.20 -6.37 -27.01
N LEU D 225 22.54 -5.87 -25.97
CA LEU D 225 23.14 -4.83 -25.14
C LEU D 225 22.94 -5.00 -23.63
N THR D 226 21.79 -5.56 -23.24
CA THR D 226 21.39 -5.55 -21.83
C THR D 226 22.34 -6.29 -20.90
N ASN D 227 22.79 -7.48 -21.30
CA ASN D 227 23.70 -8.25 -20.47
C ASN D 227 25.11 -7.63 -20.44
N HIS D 228 25.20 -6.44 -19.87
CA HIS D 228 26.44 -5.66 -19.87
C HIS D 228 26.86 -5.30 -18.45
N PHE D 229 28.14 -5.44 -18.14
CA PHE D 229 28.67 -5.10 -16.82
C PHE D 229 28.32 -3.65 -16.46
N PRO D 230 27.92 -3.41 -15.20
CA PRO D 230 27.83 -4.34 -14.07
C PRO D 230 26.49 -5.05 -13.96
N TYR D 231 25.84 -5.26 -15.09
CA TYR D 231 24.57 -6.01 -15.17
C TYR D 231 23.48 -5.48 -14.23
N PRO D 232 23.11 -4.20 -14.37
CA PRO D 232 22.01 -3.70 -13.55
C PRO D 232 20.66 -4.05 -14.19
N ILE D 233 19.69 -4.42 -13.38
CA ILE D 233 18.35 -4.67 -13.87
C ILE D 233 17.33 -4.32 -12.79
N ASP D 234 16.32 -3.56 -13.18
CA ASP D 234 15.31 -3.10 -12.22
C ASP D 234 14.09 -4.01 -12.27
N GLU D 235 13.62 -4.42 -11.10
CA GLU D 235 12.43 -5.26 -11.03
C GLU D 235 11.19 -4.39 -11.23
N LYS D 236 10.23 -4.90 -11.99
CA LYS D 236 10.37 -6.23 -12.57
C LYS D 236 10.59 -6.23 -14.08
N ASP D 237 11.86 -6.22 -14.48
CA ASP D 237 12.24 -6.68 -15.80
C ASP D 237 12.89 -8.04 -15.59
N ALA D 238 13.39 -8.23 -14.37
CA ALA D 238 13.98 -9.49 -13.95
C ALA D 238 12.92 -10.44 -13.46
N SER D 239 13.00 -11.69 -13.90
CA SER D 239 12.03 -12.71 -13.50
C SER D 239 12.72 -13.87 -12.78
N ILE D 240 13.79 -13.55 -12.05
CA ILE D 240 14.52 -14.56 -11.29
C ILE D 240 15.28 -13.90 -10.13
N ALA D 241 15.37 -14.61 -9.02
CA ALA D 241 16.06 -14.11 -7.84
C ALA D 241 17.57 -14.08 -8.06
N PRO D 242 18.23 -13.01 -7.61
CA PRO D 242 19.68 -12.88 -7.78
C PRO D 242 20.44 -13.88 -6.93
N ALA D 243 21.68 -14.19 -7.31
CA ALA D 243 22.50 -15.11 -6.54
C ALA D 243 22.83 -14.52 -5.18
N THR D 244 23.37 -15.35 -4.28
CA THR D 244 23.68 -14.91 -2.92
C THR D 244 25.14 -15.16 -2.57
N THR D 245 26.03 -14.42 -3.24
CA THR D 245 27.46 -14.58 -3.02
C THR D 245 28.04 -13.40 -2.23
N GLY D 246 27.35 -12.27 -2.28
CA GLY D 246 27.82 -11.06 -1.64
C GLY D 246 28.46 -10.11 -2.65
N ASP D 247 28.76 -10.65 -3.82
CA ASP D 247 29.34 -9.86 -4.91
C ASP D 247 28.23 -9.38 -5.84
N SER D 248 27.98 -8.08 -5.83
CA SER D 248 26.86 -7.49 -6.55
C SER D 248 26.88 -7.77 -8.06
N SER D 249 28.02 -7.49 -8.70
CA SER D 249 28.15 -7.66 -10.14
C SER D 249 27.99 -9.11 -10.57
N VAL D 250 28.34 -10.04 -9.69
CA VAL D 250 28.21 -11.45 -9.97
C VAL D 250 26.78 -11.95 -9.75
N ASP D 251 26.14 -11.44 -8.71
CA ASP D 251 24.81 -11.90 -8.32
C ASP D 251 23.72 -11.48 -9.30
N THR D 252 23.80 -10.26 -9.82
CA THR D 252 22.79 -9.77 -10.75
C THR D 252 23.10 -10.17 -12.19
N TYR D 253 24.24 -10.82 -12.39
CA TYR D 253 24.63 -11.30 -13.71
C TYR D 253 23.63 -12.33 -14.24
N PHE D 254 23.12 -13.15 -13.33
CA PHE D 254 22.19 -14.21 -13.68
C PHE D 254 20.81 -13.64 -14.04
N GLN D 255 20.50 -12.47 -13.48
CA GLN D 255 19.21 -11.82 -13.75
C GLN D 255 19.17 -11.24 -15.16
N THR D 256 20.24 -10.56 -15.55
CA THR D 256 20.35 -10.01 -16.89
C THR D 256 20.49 -11.14 -17.90
N ALA D 257 21.06 -12.25 -17.47
CA ALA D 257 21.22 -13.43 -18.31
C ALA D 257 19.86 -13.98 -18.73
N ARG D 258 18.95 -14.10 -17.76
CA ARG D 258 17.61 -14.61 -18.05
C ARG D 258 16.81 -13.64 -18.91
N TYR D 259 16.96 -12.34 -18.64
CA TYR D 259 16.30 -11.32 -19.45
C TYR D 259 16.68 -11.49 -20.92
N LEU D 260 17.95 -11.78 -21.16
CA LEU D 260 18.45 -12.03 -22.50
C LEU D 260 17.86 -13.32 -23.06
N ASP D 261 17.83 -14.36 -22.22
CA ASP D 261 17.28 -15.65 -22.61
C ASP D 261 15.82 -15.53 -23.04
N GLU D 262 15.04 -14.79 -22.25
CA GLU D 262 13.62 -14.59 -22.53
C GLU D 262 13.42 -13.80 -23.82
N SER D 263 14.24 -12.78 -24.02
CA SER D 263 14.12 -11.92 -25.19
C SER D 263 14.50 -12.66 -26.46
N VAL D 264 15.52 -13.52 -26.37
CA VAL D 264 15.93 -14.34 -27.50
C VAL D 264 14.83 -15.32 -27.88
N LYS D 265 14.20 -15.93 -26.88
CA LYS D 265 13.09 -16.85 -27.12
C LYS D 265 11.98 -16.16 -27.91
N SER D 266 11.64 -14.94 -27.49
CA SER D 266 10.62 -14.14 -28.14
C SER D 266 11.00 -13.84 -29.59
N PHE D 267 12.30 -13.68 -29.83
CA PHE D 267 12.80 -13.39 -31.17
C PHE D 267 12.77 -14.65 -32.04
N VAL D 268 13.06 -15.79 -31.44
CA VAL D 268 13.04 -17.06 -32.16
C VAL D 268 11.59 -17.46 -32.51
N ASP D 269 10.67 -17.18 -31.60
CA ASP D 269 9.25 -17.40 -31.88
C ASP D 269 8.80 -16.60 -33.09
N TYR D 270 9.35 -15.39 -33.23
CA TYR D 270 9.08 -14.56 -34.40
C TYR D 270 9.68 -15.18 -35.66
N LEU D 271 10.84 -15.80 -35.51
CA LEU D 271 11.53 -16.44 -36.64
C LEU D 271 10.74 -17.65 -37.15
N LYS D 272 10.11 -18.37 -36.24
CA LYS D 272 9.35 -19.55 -36.60
C LYS D 272 8.05 -19.19 -37.29
N LYS D 273 7.35 -18.18 -36.76
CA LYS D 273 6.10 -17.73 -37.34
C LYS D 273 6.28 -17.17 -38.76
N SER D 274 7.38 -16.46 -38.96
CA SER D 274 7.65 -15.82 -40.26
C SER D 274 8.26 -16.78 -41.27
N GLY D 275 8.68 -17.94 -40.80
CA GLY D 275 9.23 -18.96 -41.68
C GLY D 275 10.74 -18.83 -41.88
N LEU D 276 11.33 -17.80 -41.30
CA LEU D 276 12.77 -17.59 -41.38
C LEU D 276 13.54 -18.69 -40.67
N TYR D 277 12.91 -19.30 -39.67
CA TYR D 277 13.54 -20.35 -38.87
C TYR D 277 13.92 -21.56 -39.73
N ASP D 278 13.22 -21.75 -40.84
CA ASP D 278 13.44 -22.91 -41.69
C ASP D 278 14.28 -22.62 -42.93
N ASN D 279 14.52 -21.35 -43.22
CA ASN D 279 15.36 -21.01 -44.36
C ASN D 279 16.68 -20.37 -43.95
N SER D 280 16.93 -20.31 -42.65
CA SER D 280 18.11 -19.62 -42.14
C SER D 280 18.95 -20.47 -41.19
N VAL D 281 20.24 -20.17 -41.17
CA VAL D 281 21.14 -20.72 -40.17
C VAL D 281 21.19 -19.78 -38.98
N ILE D 282 20.66 -20.23 -37.84
CA ILE D 282 20.68 -19.40 -36.64
C ILE D 282 21.87 -19.76 -35.77
N ILE D 283 22.77 -18.80 -35.57
CA ILE D 283 23.98 -19.02 -34.80
C ILE D 283 24.00 -18.16 -33.56
N MET D 284 23.92 -18.79 -32.39
CA MET D 284 24.03 -18.07 -31.13
C MET D 284 25.43 -18.22 -30.57
N TYR D 285 26.07 -17.10 -30.27
CA TYR D 285 27.42 -17.10 -29.74
C TYR D 285 27.61 -16.03 -28.67
N GLY D 286 28.59 -16.23 -27.80
CA GLY D 286 28.98 -15.22 -26.84
C GLY D 286 30.25 -14.55 -27.32
N ASP D 287 30.37 -13.24 -27.08
CA ASP D 287 31.52 -12.50 -27.56
C ASP D 287 32.74 -12.64 -26.65
N HIS D 288 32.53 -12.50 -25.35
CA HIS D 288 33.60 -12.62 -24.37
C HIS D 288 33.07 -12.99 -23.00
N TYR D 289 33.95 -12.97 -22.00
CA TYR D 289 33.58 -13.34 -20.64
C TYR D 289 32.62 -12.31 -20.04
N GLY D 290 31.89 -12.74 -19.03
CA GLY D 290 30.98 -11.86 -18.30
C GLY D 290 31.53 -11.53 -16.93
N ILE D 291 32.14 -12.52 -16.29
CA ILE D 291 32.72 -12.34 -14.96
C ILE D 291 34.25 -12.33 -15.03
N SER D 292 34.85 -11.25 -14.56
CA SER D 292 36.30 -11.10 -14.61
C SER D 292 37.00 -12.02 -13.63
N ASP D 293 38.33 -11.94 -13.60
CA ASP D 293 39.14 -12.76 -12.71
C ASP D 293 39.19 -12.16 -11.30
N ASN D 294 38.55 -11.00 -11.14
CA ASN D 294 38.58 -10.29 -9.86
C ASN D 294 37.42 -10.63 -8.94
N HIS D 295 36.84 -11.81 -9.14
CA HIS D 295 35.73 -12.28 -8.31
C HIS D 295 35.94 -13.74 -7.92
N GLU D 296 37.07 -14.03 -7.30
CA GLU D 296 37.46 -15.40 -6.97
C GLU D 296 36.51 -16.05 -5.96
N GLU D 297 36.22 -15.33 -4.88
CA GLU D 297 35.38 -15.87 -3.80
C GLU D 297 33.97 -16.19 -4.28
N ALA D 298 33.41 -15.33 -5.11
CA ALA D 298 32.06 -15.52 -5.63
C ALA D 298 32.00 -16.68 -6.63
N MET D 299 32.96 -16.72 -7.55
CA MET D 299 32.98 -17.74 -8.59
C MET D 299 33.31 -19.12 -8.03
N THR D 300 34.01 -19.15 -6.90
CA THR D 300 34.29 -20.41 -6.23
C THR D 300 32.98 -21.03 -5.76
N LYS D 301 32.08 -20.18 -5.27
CA LYS D 301 30.76 -20.64 -4.84
C LYS D 301 29.92 -21.06 -6.04
N ILE D 302 29.90 -20.22 -7.08
CA ILE D 302 29.09 -20.45 -8.27
C ILE D 302 29.44 -21.75 -8.98
N LEU D 303 30.75 -22.00 -9.17
CA LEU D 303 31.19 -23.15 -9.93
C LEU D 303 31.43 -24.38 -9.06
N GLY D 304 31.41 -24.19 -7.74
CA GLY D 304 31.53 -25.31 -6.82
C GLY D 304 32.96 -25.69 -6.47
N LYS D 305 33.88 -25.44 -7.40
CA LYS D 305 35.28 -25.75 -7.21
C LYS D 305 36.07 -24.47 -6.94
N ASP D 306 37.30 -24.61 -6.45
CA ASP D 306 38.15 -23.45 -6.20
C ASP D 306 38.47 -22.73 -7.50
N TYR D 307 38.26 -21.41 -7.51
CA TYR D 307 38.45 -20.61 -8.71
C TYR D 307 39.85 -20.02 -8.78
N ASN D 308 40.80 -20.82 -9.27
CA ASN D 308 42.19 -20.37 -9.41
C ASN D 308 42.46 -19.84 -10.82
N THR D 309 43.73 -19.74 -11.17
CA THR D 309 44.14 -19.23 -12.48
C THR D 309 43.73 -20.18 -13.59
N PHE D 310 43.79 -21.49 -13.30
CA PHE D 310 43.43 -22.50 -14.28
C PHE D 310 41.94 -22.48 -14.59
N GLU D 311 41.12 -22.52 -13.55
CA GLU D 311 39.67 -22.56 -13.71
C GLU D 311 39.13 -21.27 -14.34
N ASN D 312 39.85 -20.18 -14.17
CA ASN D 312 39.48 -18.91 -14.80
C ASN D 312 39.62 -18.99 -16.31
N ALA D 313 40.67 -19.67 -16.77
CA ALA D 313 40.92 -19.84 -18.19
C ALA D 313 39.88 -20.77 -18.80
N GLN D 314 39.43 -21.75 -18.02
CA GLN D 314 38.38 -22.67 -18.46
C GLN D 314 37.04 -21.96 -18.52
N ALA D 315 36.92 -20.89 -17.75
CA ALA D 315 35.69 -20.11 -17.70
C ALA D 315 35.56 -19.18 -18.90
N GLN D 316 36.60 -19.16 -19.74
CA GLN D 316 36.61 -18.32 -20.93
C GLN D 316 35.84 -18.96 -22.08
N ARG D 317 35.19 -20.10 -21.78
CA ARG D 317 34.31 -20.74 -22.74
C ARG D 317 33.06 -19.92 -22.97
N VAL D 318 32.75 -19.65 -24.23
CA VAL D 318 31.51 -19.00 -24.61
C VAL D 318 30.71 -19.94 -25.51
N PRO D 319 29.37 -19.84 -25.46
CA PRO D 319 28.56 -20.79 -26.22
C PRO D 319 28.65 -20.59 -27.73
N LEU D 320 28.57 -21.69 -28.46
CA LEU D 320 28.42 -21.64 -29.92
C LEU D 320 27.40 -22.68 -30.33
N MET D 321 26.25 -22.22 -30.81
CA MET D 321 25.16 -23.11 -31.20
C MET D 321 24.70 -22.80 -32.62
N ILE D 322 24.87 -23.77 -33.50
CA ILE D 322 24.56 -23.59 -34.92
C ILE D 322 23.38 -24.45 -35.33
N HIS D 323 22.24 -23.81 -35.56
CA HIS D 323 21.05 -24.52 -35.99
C HIS D 323 20.95 -24.54 -37.51
N VAL D 324 21.23 -25.70 -38.10
CA VAL D 324 21.08 -25.88 -39.54
C VAL D 324 19.84 -26.72 -39.82
N PRO D 325 18.83 -26.12 -40.47
CA PRO D 325 17.56 -26.77 -40.75
C PRO D 325 17.72 -28.03 -41.60
N GLY D 326 17.23 -29.16 -41.09
CA GLY D 326 17.28 -30.41 -41.82
C GLY D 326 18.63 -31.10 -41.77
N VAL D 327 19.39 -30.82 -40.72
CA VAL D 327 20.70 -31.44 -40.54
C VAL D 327 20.87 -31.96 -39.11
N GLN D 328 21.25 -33.23 -39.00
CA GLN D 328 21.41 -33.87 -37.69
C GLN D 328 22.53 -33.21 -36.90
N GLY D 329 22.16 -32.53 -35.81
CA GLY D 329 23.11 -31.85 -34.96
C GLY D 329 23.62 -32.74 -33.84
N GLY D 330 23.93 -32.13 -32.70
CA GLY D 330 24.46 -32.85 -31.56
C GLY D 330 25.59 -32.09 -30.90
N VAL D 331 26.04 -32.60 -29.76
CA VAL D 331 27.12 -31.96 -29.00
C VAL D 331 28.48 -32.13 -29.69
N GLN D 332 29.15 -31.01 -29.91
CA GLN D 332 30.49 -31.02 -30.50
C GLN D 332 31.55 -30.72 -29.45
N GLU D 333 32.45 -31.67 -29.22
CA GLU D 333 33.41 -31.54 -28.13
C GLU D 333 34.83 -31.19 -28.60
N GLN D 334 34.97 -30.86 -29.88
CA GLN D 334 36.27 -30.45 -30.41
C GLN D 334 36.58 -29.03 -29.95
N TYR D 335 37.85 -28.78 -29.64
CA TYR D 335 38.28 -27.46 -29.18
C TYR D 335 38.39 -26.48 -30.35
N GLY D 336 38.01 -25.23 -30.11
CA GLY D 336 38.04 -24.21 -31.14
C GLY D 336 37.85 -22.81 -30.60
N GLY D 337 37.99 -21.81 -31.47
CA GLY D 337 37.86 -20.42 -31.06
C GLY D 337 37.06 -19.59 -32.06
N GLN D 338 36.82 -18.33 -31.72
CA GLN D 338 36.02 -17.43 -32.54
C GLN D 338 36.61 -17.20 -33.92
N VAL D 339 37.92 -17.40 -34.04
CA VAL D 339 38.60 -17.23 -35.32
C VAL D 339 38.19 -18.33 -36.29
N ASP D 340 37.72 -19.45 -35.75
CA ASP D 340 37.35 -20.60 -36.55
C ASP D 340 35.90 -20.52 -37.05
N LEU D 341 35.18 -19.49 -36.62
CA LEU D 341 33.74 -19.41 -36.89
C LEU D 341 33.43 -19.10 -38.35
N LEU D 342 34.08 -18.09 -38.91
CA LEU D 342 33.84 -17.68 -40.30
C LEU D 342 34.11 -18.80 -41.32
N PRO D 343 35.27 -19.49 -41.23
CA PRO D 343 35.45 -20.57 -42.21
C PRO D 343 34.46 -21.71 -42.01
N THR D 344 34.03 -21.94 -40.77
CA THR D 344 33.03 -22.95 -40.47
C THR D 344 31.72 -22.63 -41.18
N LEU D 345 31.33 -21.36 -41.11
CA LEU D 345 30.10 -20.90 -41.73
C LEU D 345 30.17 -21.00 -43.25
N LEU D 346 31.30 -20.63 -43.82
CA LEU D 346 31.47 -20.61 -45.27
C LEU D 346 31.38 -22.00 -45.87
N HIS D 347 31.85 -23.01 -45.15
CA HIS D 347 31.76 -24.39 -45.61
C HIS D 347 30.34 -24.91 -45.57
N LEU D 348 29.58 -24.50 -44.55
CA LEU D 348 28.17 -24.88 -44.46
C LEU D 348 27.39 -24.24 -45.59
N LEU D 349 27.85 -23.09 -46.05
CA LEU D 349 27.18 -22.36 -47.13
C LEU D 349 27.70 -22.80 -48.50
N GLY D 350 28.50 -23.86 -48.51
CA GLY D 350 29.03 -24.41 -49.75
C GLY D 350 30.04 -23.50 -50.43
N VAL D 351 30.73 -22.68 -49.65
CA VAL D 351 31.73 -21.77 -50.19
C VAL D 351 33.13 -22.22 -49.77
N ASP D 352 34.00 -22.41 -50.76
CA ASP D 352 35.38 -22.78 -50.48
C ASP D 352 36.23 -21.53 -50.28
N ASN D 353 36.98 -21.50 -49.20
CA ASN D 353 37.67 -20.30 -48.85
C ASN D 353 39.14 -20.50 -48.69
N LYS D 354 39.70 -21.43 -49.44
CA LYS D 354 41.11 -21.77 -49.28
C LYS D 354 42.04 -20.61 -49.52
N GLU D 355 41.72 -19.79 -50.49
CA GLU D 355 42.64 -18.76 -50.91
C GLU D 355 42.45 -17.46 -50.18
N TYR D 356 41.56 -17.44 -49.22
CA TYR D 356 41.28 -16.23 -48.50
C TYR D 356 42.25 -16.09 -47.36
N LEU D 357 42.55 -14.86 -46.99
CA LEU D 357 43.44 -14.70 -45.85
C LEU D 357 42.68 -14.85 -44.54
N GLN D 358 42.56 -16.09 -44.09
CA GLN D 358 41.84 -16.40 -42.85
C GLN D 358 42.62 -17.37 -41.99
N PHE D 359 42.69 -17.10 -40.70
CA PHE D 359 43.50 -17.89 -39.78
C PHE D 359 42.71 -19.00 -39.09
N GLY D 360 41.40 -19.03 -39.33
CA GLY D 360 40.55 -20.04 -38.74
C GLY D 360 40.40 -21.26 -39.63
N THR D 361 40.02 -22.38 -39.03
CA THR D 361 39.77 -23.60 -39.79
C THR D 361 38.37 -24.14 -39.48
N ASP D 362 37.81 -24.88 -40.43
CA ASP D 362 36.46 -25.42 -40.30
C ASP D 362 36.32 -26.33 -39.07
N LEU D 363 35.42 -25.96 -38.17
CA LEU D 363 35.23 -26.68 -36.93
C LEU D 363 34.64 -28.07 -37.15
N LEU D 364 33.99 -28.25 -38.29
CA LEU D 364 33.35 -29.53 -38.60
C LEU D 364 34.26 -30.42 -39.44
N SER D 365 35.38 -29.85 -39.89
CA SER D 365 36.38 -30.60 -40.64
C SER D 365 37.13 -31.54 -39.72
N LYS D 366 37.49 -32.72 -40.24
CA LYS D 366 38.24 -33.69 -39.46
C LYS D 366 39.70 -33.24 -39.34
N ASP D 367 40.12 -32.36 -40.25
CA ASP D 367 41.50 -31.86 -40.25
C ASP D 367 41.69 -30.70 -39.29
N HIS D 368 40.63 -30.33 -38.56
CA HIS D 368 40.69 -29.20 -37.64
C HIS D 368 41.66 -29.45 -36.49
N LYS D 369 42.64 -28.57 -36.36
CA LYS D 369 43.59 -28.65 -35.25
C LYS D 369 42.95 -28.13 -33.96
N GLN D 370 42.90 -28.99 -32.95
CA GLN D 370 42.32 -28.61 -31.66
C GLN D 370 43.27 -27.74 -30.86
N LEU D 371 43.60 -26.57 -31.40
CA LEU D 371 44.49 -25.62 -30.75
C LEU D 371 43.85 -24.24 -30.70
N VAL D 372 43.66 -23.71 -29.49
CA VAL D 372 42.97 -22.44 -29.31
C VAL D 372 43.87 -21.38 -28.69
N PRO D 373 44.39 -20.46 -29.52
CA PRO D 373 45.25 -19.37 -29.06
C PRO D 373 44.49 -18.24 -28.36
N PHE D 374 45.00 -17.78 -27.21
CA PHE D 374 44.49 -16.57 -26.59
C PHE D 374 45.27 -15.37 -27.11
N ARG D 375 44.73 -14.18 -26.94
CA ARG D 375 45.34 -12.98 -27.50
C ARG D 375 46.67 -12.65 -26.83
N ASN D 376 46.80 -13.01 -25.55
CA ASN D 376 47.99 -12.67 -24.79
C ASN D 376 49.12 -13.69 -24.95
N GLY D 377 48.93 -14.65 -25.85
CA GLY D 377 49.94 -15.65 -26.12
C GLY D 377 49.58 -17.01 -25.58
N ASP D 378 48.71 -17.05 -24.56
CA ASP D 378 48.26 -18.30 -23.97
C ASP D 378 47.53 -19.16 -24.99
N TYR D 379 47.41 -20.45 -24.71
CA TYR D 379 46.68 -21.36 -25.61
C TYR D 379 46.08 -22.56 -24.88
N ILE D 380 45.07 -23.17 -25.49
CA ILE D 380 44.39 -24.33 -24.92
C ILE D 380 44.37 -25.50 -25.90
N THR D 381 44.84 -26.67 -25.44
CA THR D 381 44.74 -27.90 -26.20
C THR D 381 44.10 -28.95 -25.29
N PRO D 382 43.53 -30.03 -25.87
CA PRO D 382 42.89 -31.06 -25.05
C PRO D 382 43.80 -31.70 -23.99
N THR D 383 45.10 -31.74 -24.25
CA THR D 383 46.04 -32.39 -23.33
C THR D 383 46.74 -31.40 -22.41
N TYR D 384 47.46 -30.44 -23.00
CA TYR D 384 48.18 -29.44 -22.22
C TYR D 384 47.76 -28.03 -22.61
N SER D 385 47.92 -27.09 -21.69
CA SER D 385 47.55 -25.70 -21.93
C SER D 385 48.49 -24.74 -21.20
N MET D 386 48.76 -23.60 -21.84
CA MET D 386 49.59 -22.57 -21.21
C MET D 386 48.70 -21.43 -20.71
N ILE D 387 48.73 -21.20 -19.41
CA ILE D 387 47.91 -20.17 -18.79
C ILE D 387 48.74 -19.27 -17.90
N GLY D 388 48.84 -17.99 -18.27
CA GLY D 388 49.67 -17.06 -17.54
C GLY D 388 51.15 -17.33 -17.75
N GLY D 389 51.46 -17.89 -18.92
CA GLY D 389 52.84 -18.21 -19.27
C GLY D 389 53.34 -19.48 -18.62
N ASN D 390 52.47 -20.16 -17.89
CA ASN D 390 52.83 -21.39 -17.20
C ASN D 390 52.06 -22.59 -17.74
N MET D 391 52.62 -23.78 -17.60
CA MET D 391 52.03 -24.99 -18.17
C MET D 391 51.13 -25.73 -17.18
N TYR D 392 49.99 -26.21 -17.68
CA TYR D 392 49.04 -26.96 -16.88
C TYR D 392 48.54 -28.18 -17.62
N ASN D 393 48.09 -29.19 -16.87
CA ASN D 393 47.39 -30.32 -17.45
C ASN D 393 45.94 -29.94 -17.70
N GLN D 394 45.55 -29.85 -18.96
CA GLN D 394 44.20 -29.43 -19.34
C GLN D 394 43.13 -30.32 -18.75
N GLN D 395 43.44 -31.60 -18.58
CA GLN D 395 42.44 -32.56 -18.13
C GLN D 395 42.31 -32.62 -16.61
N THR D 396 43.41 -32.36 -15.89
CA THR D 396 43.40 -32.48 -14.44
C THR D 396 43.57 -31.15 -13.73
N GLY D 397 44.06 -30.15 -14.45
CA GLY D 397 44.24 -28.82 -13.88
C GLY D 397 45.52 -28.69 -13.08
N GLU D 398 46.27 -29.78 -12.98
CA GLU D 398 47.51 -29.78 -12.21
C GLU D 398 48.64 -29.20 -13.03
N PRO D 399 49.45 -28.32 -12.40
CA PRO D 399 50.56 -27.63 -13.08
C PRO D 399 51.63 -28.60 -13.57
N ILE D 400 52.27 -28.25 -14.69
CA ILE D 400 53.40 -29.01 -15.20
C ILE D 400 54.68 -28.23 -14.92
N ALA D 401 55.56 -28.83 -14.13
CA ALA D 401 56.79 -28.16 -13.69
C ALA D 401 57.70 -27.77 -14.85
N THR D 402 58.13 -28.77 -15.61
CA THR D 402 59.05 -28.54 -16.72
C THR D 402 58.32 -28.60 -18.07
N GLU D 403 58.73 -27.73 -18.98
CA GLU D 403 58.04 -27.57 -20.26
C GLU D 403 58.73 -28.32 -21.39
N THR D 404 58.02 -29.27 -22.01
CA THR D 404 58.58 -30.12 -23.06
C THR D 404 58.71 -29.38 -24.39
N LYS D 405 59.12 -30.12 -25.42
CA LYS D 405 59.30 -29.58 -26.76
C LYS D 405 57.99 -29.17 -27.42
N GLU D 406 57.02 -30.09 -27.39
CA GLU D 406 55.74 -29.88 -28.03
C GLU D 406 54.99 -28.72 -27.38
N MET D 407 55.15 -28.59 -26.07
CA MET D 407 54.56 -27.47 -25.34
C MET D 407 55.28 -26.17 -25.70
N LYS D 408 56.53 -26.30 -26.13
CA LYS D 408 57.35 -25.16 -26.51
C LYS D 408 57.13 -24.80 -27.98
N GLU D 409 56.86 -25.81 -28.79
CA GLU D 409 56.72 -25.62 -30.22
C GLU D 409 55.33 -25.08 -30.58
N THR D 410 54.30 -25.61 -29.93
CA THR D 410 52.95 -25.07 -30.12
C THR D 410 52.89 -23.64 -29.58
N LYS D 411 53.71 -23.38 -28.56
CA LYS D 411 53.76 -22.07 -27.94
C LYS D 411 54.04 -20.98 -28.95
N GLU D 412 55.00 -21.23 -29.85
CA GLU D 412 55.38 -20.23 -30.85
C GLU D 412 54.77 -20.49 -32.22
N LYS D 413 54.07 -21.61 -32.33
CA LYS D 413 53.17 -21.79 -33.42
C LYS D 413 52.17 -20.70 -33.23
N VAL D 414 51.40 -20.76 -32.16
CA VAL D 414 50.31 -19.78 -31.95
C VAL D 414 50.81 -18.33 -31.84
N ALA D 415 51.94 -18.14 -31.18
CA ALA D 415 52.49 -16.80 -31.09
C ALA D 415 52.77 -16.32 -32.50
N LYS D 416 53.27 -17.22 -33.34
CA LYS D 416 53.49 -16.93 -34.75
C LYS D 416 52.19 -16.63 -35.50
N GLU D 417 51.13 -17.39 -35.21
CA GLU D 417 49.87 -17.23 -35.88
C GLU D 417 49.32 -15.86 -35.62
N LEU D 418 49.59 -15.32 -34.45
CA LEU D 418 49.08 -14.03 -34.12
C LEU D 418 50.01 -12.97 -34.58
N GLU D 419 51.15 -13.35 -35.13
CA GLU D 419 52.05 -12.28 -35.50
C GLU D 419 51.75 -11.80 -36.88
N LEU D 420 51.03 -12.60 -37.63
CA LEU D 420 50.78 -12.29 -38.99
C LEU D 420 49.44 -11.61 -39.09
N SER D 421 48.56 -11.92 -38.16
CA SER D 421 47.25 -11.33 -38.09
C SER D 421 47.31 -9.91 -37.65
N ASP D 422 48.38 -9.58 -36.99
CA ASP D 422 48.87 -8.24 -36.71
C ASP D 422 49.44 -7.61 -37.97
N SER D 423 50.24 -8.33 -38.73
CA SER D 423 50.84 -7.72 -39.91
C SER D 423 49.81 -7.40 -40.99
N VAL D 424 48.74 -8.20 -41.11
CA VAL D 424 47.64 -7.86 -42.02
C VAL D 424 47.00 -6.56 -41.55
N LEU D 425 46.85 -6.42 -40.24
CA LEU D 425 46.22 -5.23 -39.68
C LEU D 425 47.16 -4.02 -39.63
N GLN D 426 48.41 -4.25 -39.27
CA GLN D 426 49.36 -3.15 -39.15
C GLN D 426 49.80 -2.63 -40.52
N GLY D 427 50.05 -3.56 -41.44
CA GLY D 427 50.51 -3.18 -42.77
C GLY D 427 49.39 -2.99 -43.78
N ASP D 428 48.17 -3.34 -43.38
CA ASP D 428 46.99 -3.28 -44.26
C ASP D 428 47.26 -4.06 -45.55
N LEU D 429 47.63 -5.33 -45.40
CA LEU D 429 48.12 -6.13 -46.50
C LEU D 429 47.05 -6.52 -47.52
N LEU D 430 45.79 -6.40 -47.14
CA LEU D 430 44.69 -6.79 -48.03
C LEU D 430 44.55 -5.84 -49.21
N ARG D 431 45.26 -4.71 -49.17
CA ARG D 431 45.30 -3.77 -50.29
C ARG D 431 45.95 -4.41 -51.51
N PHE D 432 46.90 -5.31 -51.24
CA PHE D 432 47.75 -5.86 -52.29
C PHE D 432 47.35 -7.26 -52.68
N TYR D 433 46.40 -7.84 -51.95
CA TYR D 433 45.97 -9.22 -52.23
C TYR D 433 44.47 -9.35 -52.39
N ALA D 434 44.07 -10.31 -53.22
CA ALA D 434 42.67 -10.68 -53.42
C ALA D 434 42.59 -12.00 -54.19
N PRO D 435 41.71 -12.90 -53.77
CA PRO D 435 41.41 -14.08 -54.59
C PRO D 435 40.95 -13.63 -55.98
N ASP D 436 41.24 -14.44 -57.00
CA ASP D 436 41.08 -14.01 -58.39
C ASP D 436 39.65 -13.58 -58.73
N GLY D 437 38.69 -14.42 -58.38
CA GLY D 437 37.30 -14.10 -58.65
C GLY D 437 36.77 -12.99 -57.76
N PHE D 438 37.45 -12.76 -56.65
CA PHE D 438 36.96 -11.82 -55.64
C PHE D 438 37.01 -10.37 -56.12
N LYS D 439 36.20 -9.55 -55.47
CA LYS D 439 36.06 -8.14 -55.77
C LYS D 439 36.25 -7.35 -54.47
N LYS D 440 36.81 -6.15 -54.57
CA LYS D 440 37.10 -5.38 -53.36
C LYS D 440 35.99 -4.38 -53.02
N VAL D 441 35.74 -4.25 -51.72
CA VAL D 441 34.69 -3.39 -51.19
C VAL D 441 34.92 -1.93 -51.50
N ASP D 442 33.84 -1.21 -51.81
CA ASP D 442 33.88 0.25 -51.92
C ASP D 442 33.11 0.86 -50.76
N PRO D 443 33.82 1.53 -49.84
CA PRO D 443 33.20 2.08 -48.62
C PRO D 443 32.51 3.43 -48.83
N SER D 444 32.74 4.10 -49.95
CA SER D 444 32.13 5.40 -50.20
C SER D 444 30.68 5.24 -50.65
N LYS D 445 30.31 4.02 -51.01
CA LYS D 445 28.97 3.74 -51.53
C LYS D 445 28.00 3.30 -50.44
N TYR D 446 28.30 3.65 -49.18
CA TYR D 446 27.43 3.27 -48.07
C TYR D 446 26.94 4.48 -47.29
N ASN D 447 25.71 4.39 -46.81
CA ASN D 447 25.13 5.43 -45.97
C ASN D 447 24.13 4.82 -44.99
N TYR D 448 24.46 4.89 -43.70
CA TYR D 448 23.64 4.26 -42.68
C TYR D 448 22.70 5.26 -42.02
N ASN D 449 22.55 6.43 -42.65
CA ASN D 449 21.66 7.47 -42.13
C ASN D 449 20.24 7.29 -42.63
N LYS D 450 19.29 7.88 -41.90
CA LYS D 450 17.87 7.70 -42.19
C LYS D 450 17.28 8.92 -42.88
N VAL E 36 -26.86 -19.25 9.60
CA VAL E 36 -26.42 -20.55 10.08
C VAL E 36 -25.46 -21.20 9.05
N THR E 37 -25.93 -21.36 7.83
CA THR E 37 -25.12 -21.73 6.68
C THR E 37 -25.39 -20.64 5.67
N GLU E 38 -26.43 -19.88 5.99
CA GLU E 38 -26.82 -18.66 5.29
C GLU E 38 -25.64 -17.71 5.16
N VAL E 39 -24.87 -17.60 6.24
CA VAL E 39 -23.69 -16.76 6.27
C VAL E 39 -22.65 -17.24 5.27
N LEU E 40 -22.50 -18.56 5.19
CA LEU E 40 -21.51 -19.17 4.29
C LEU E 40 -21.86 -18.91 2.83
N ASN E 41 -23.15 -18.97 2.51
CA ASN E 41 -23.61 -18.69 1.15
C ASN E 41 -23.28 -17.27 0.72
N TYR E 42 -23.56 -16.32 1.61
CA TYR E 42 -23.27 -14.92 1.36
C TYR E 42 -21.77 -14.72 1.16
N THR E 43 -20.99 -15.36 2.02
CA THR E 43 -19.53 -15.27 1.97
C THR E 43 -18.98 -15.74 0.64
N LYS E 44 -19.40 -16.93 0.21
CA LYS E 44 -18.90 -17.55 -1.02
C LYS E 44 -19.23 -16.73 -2.26
N SER E 45 -20.44 -16.17 -2.31
CA SER E 45 -20.88 -15.40 -3.47
C SER E 45 -20.15 -14.07 -3.57
N LYS E 46 -19.65 -13.58 -2.44
CA LYS E 46 -18.97 -12.29 -2.39
C LYS E 46 -17.47 -12.44 -2.62
N TYR E 47 -17.00 -13.69 -2.52
CA TYR E 47 -15.57 -13.99 -2.63
C TYR E 47 -14.93 -13.46 -3.91
N ALA E 48 -13.75 -12.88 -3.76
CA ALA E 48 -13.01 -12.33 -4.91
C ALA E 48 -11.78 -13.17 -5.22
N ALA E 49 -11.74 -13.72 -6.42
CA ALA E 49 -10.64 -14.57 -6.87
C ALA E 49 -9.31 -13.82 -6.84
N PRO E 50 -8.22 -14.53 -6.49
CA PRO E 50 -6.89 -13.92 -6.36
C PRO E 50 -6.39 -13.27 -7.66
N ASN E 51 -5.45 -12.35 -7.52
CA ASN E 51 -4.79 -11.73 -8.66
C ASN E 51 -3.43 -12.39 -8.89
N PRO E 52 -3.26 -13.03 -10.05
CA PRO E 52 -2.04 -13.78 -10.41
C PRO E 52 -0.75 -12.98 -10.21
N GLU E 53 -0.84 -11.67 -10.33
CA GLU E 53 0.32 -10.79 -10.19
C GLU E 53 0.80 -10.72 -8.73
N TYR E 54 -0.12 -10.97 -7.80
CA TYR E 54 0.21 -10.81 -6.38
C TYR E 54 0.04 -12.08 -5.55
N PHE E 55 -0.69 -13.06 -6.07
CA PHE E 55 -0.97 -14.28 -5.32
C PHE E 55 0.29 -15.10 -5.07
N GLY E 56 0.58 -15.36 -3.80
CA GLY E 56 1.69 -16.20 -3.41
C GLY E 56 3.06 -15.53 -3.49
N LYS E 57 3.06 -14.23 -3.76
CA LYS E 57 4.31 -13.48 -3.90
C LYS E 57 5.06 -13.34 -2.58
N ALA E 58 4.36 -13.59 -1.48
CA ALA E 58 4.97 -13.50 -0.15
C ALA E 58 4.82 -14.82 0.59
N LYS E 59 4.72 -15.91 -0.17
CA LYS E 59 4.55 -17.24 0.41
C LYS E 59 5.73 -17.62 1.31
N GLY E 60 5.43 -17.94 2.55
CA GLY E 60 6.45 -18.38 3.49
C GLY E 60 7.11 -17.25 4.26
N LYS E 61 6.82 -16.01 3.86
CA LYS E 61 7.38 -14.83 4.53
C LYS E 61 6.77 -14.64 5.92
N ASN E 62 7.50 -13.94 6.78
CA ASN E 62 6.97 -13.56 8.08
C ASN E 62 5.90 -12.48 7.92
N VAL E 63 5.14 -12.22 8.97
CA VAL E 63 4.16 -11.14 8.96
C VAL E 63 4.35 -10.23 10.17
N ILE E 64 4.62 -8.95 9.90
CA ILE E 64 4.77 -7.97 10.97
C ILE E 64 3.75 -6.85 10.85
N TYR E 65 2.73 -6.88 11.69
CA TYR E 65 1.76 -5.79 11.76
C TYR E 65 2.30 -4.65 12.60
N ILE E 66 2.23 -3.43 12.08
CA ILE E 66 2.61 -2.26 12.86
C ILE E 66 1.39 -1.38 13.10
N HIS E 67 0.83 -1.52 14.30
CA HIS E 67 -0.40 -0.84 14.68
C HIS E 67 -0.14 0.64 14.98
N LEU E 68 -0.43 1.51 14.02
CA LEU E 68 -0.32 2.95 14.22
C LEU E 68 -1.55 3.47 14.95
N GLU E 69 -1.40 3.72 16.25
CA GLU E 69 -2.53 4.11 17.09
C GLU E 69 -3.13 5.46 16.69
N SER E 70 -4.44 5.49 16.52
CA SER E 70 -5.19 6.72 16.21
C SER E 70 -4.56 7.54 15.09
N PHE E 71 -4.04 6.85 14.09
CA PHE E 71 -3.34 7.50 12.99
C PHE E 71 -4.27 7.65 11.78
N GLN E 72 -4.53 8.88 11.36
CA GLN E 72 -5.39 9.13 10.22
C GLN E 72 -4.57 9.36 8.95
N GLN E 73 -5.18 9.08 7.80
CA GLN E 73 -4.48 9.14 6.52
C GLN E 73 -4.06 10.56 6.14
N PHE E 74 -4.82 11.56 6.58
CA PHE E 74 -4.53 12.94 6.21
C PHE E 74 -3.20 13.41 6.79
N LEU E 75 -2.63 12.63 7.71
CA LEU E 75 -1.32 12.91 8.26
C LEU E 75 -0.22 12.65 7.24
N VAL E 76 -0.45 11.68 6.36
CA VAL E 76 0.53 11.30 5.36
C VAL E 76 0.86 12.46 4.44
N ASN E 77 2.15 12.78 4.33
CA ASN E 77 2.66 13.89 3.53
C ASN E 77 2.17 15.27 4.00
N TYR E 78 1.54 15.31 5.17
CA TYR E 78 1.07 16.58 5.72
C TYR E 78 2.23 17.37 6.31
N LYS E 79 2.25 18.67 6.03
CA LYS E 79 3.30 19.53 6.53
C LYS E 79 2.73 20.58 7.48
N LEU E 80 3.27 20.61 8.70
CA LEU E 80 2.87 21.60 9.68
C LEU E 80 3.94 22.68 9.77
N ASN E 81 3.57 23.89 9.37
CA ASN E 81 4.49 25.02 9.30
C ASN E 81 5.73 24.69 8.45
N GLY E 82 5.49 24.14 7.26
CA GLY E 82 6.56 23.92 6.31
C GLY E 82 7.20 22.54 6.36
N GLU E 83 7.33 21.96 7.55
CA GLU E 83 8.00 20.67 7.69
C GLU E 83 7.03 19.50 7.86
N GLU E 84 7.45 18.34 7.36
CA GLU E 84 6.64 17.12 7.46
C GLU E 84 6.45 16.70 8.91
N VAL E 85 5.23 16.26 9.24
CA VAL E 85 4.94 15.80 10.59
C VAL E 85 5.48 14.39 10.82
N THR E 86 5.20 13.49 9.88
CA THR E 86 5.65 12.11 9.97
C THR E 86 6.55 11.75 8.79
N PRO E 87 7.81 12.19 8.83
CA PRO E 87 8.76 12.07 7.71
C PRO E 87 9.05 10.63 7.28
N PHE E 88 9.28 9.72 8.23
CA PHE E 88 9.64 8.36 7.89
C PHE E 88 8.49 7.59 7.26
N ILE E 89 7.32 7.65 7.89
CA ILE E 89 6.14 6.97 7.38
C ILE E 89 5.83 7.44 5.96
N ASN E 90 6.02 8.73 5.72
CA ASN E 90 5.85 9.30 4.38
C ASN E 90 6.77 8.66 3.36
N SER E 91 7.99 8.31 3.78
CA SER E 91 8.94 7.67 2.88
C SER E 91 8.57 6.21 2.64
N PHE E 92 8.03 5.58 3.69
CA PHE E 92 7.56 4.20 3.61
C PHE E 92 6.39 4.11 2.65
N PHE E 93 5.53 5.13 2.70
CA PHE E 93 4.38 5.26 1.80
C PHE E 93 4.84 5.33 0.35
N LYS E 94 5.98 5.96 0.12
CA LYS E 94 6.46 6.25 -1.22
C LYS E 94 7.42 5.18 -1.75
N ASP E 95 7.79 4.24 -0.89
CA ASP E 95 8.78 3.22 -1.23
C ASP E 95 8.36 2.37 -2.43
N GLN E 96 9.35 1.85 -3.14
CA GLN E 96 9.13 1.08 -4.36
C GLN E 96 8.36 -0.21 -4.13
N ASN E 97 8.66 -0.89 -3.02
CA ASN E 97 8.05 -2.19 -2.74
C ASN E 97 6.85 -2.09 -1.80
N THR E 98 6.30 -0.89 -1.66
CA THR E 98 5.18 -0.68 -0.75
C THR E 98 3.87 -0.39 -1.47
N LEU E 99 2.86 -1.22 -1.20
CA LEU E 99 1.52 -0.98 -1.71
C LEU E 99 0.80 0.00 -0.79
N SER E 100 0.63 1.23 -1.27
CA SER E 100 0.07 2.30 -0.44
C SER E 100 -1.39 2.61 -0.81
N PHE E 101 -2.25 2.58 0.20
CA PHE E 101 -3.68 2.82 0.01
C PHE E 101 -4.09 4.21 0.48
N THR E 102 -4.80 4.93 -0.38
CA THR E 102 -5.21 6.30 -0.08
C THR E 102 -6.72 6.38 0.15
N ASN E 103 -7.41 5.28 -0.09
CA ASN E 103 -8.85 5.21 0.13
C ASN E 103 -9.22 4.04 1.04
N PHE E 104 -8.44 3.88 2.10
CA PHE E 104 -8.63 2.80 3.06
C PHE E 104 -9.27 3.31 4.34
N PHE E 105 -10.49 2.87 4.62
CA PHE E 105 -11.26 3.36 5.75
C PHE E 105 -11.26 2.39 6.92
N HIS E 106 -11.40 2.94 8.13
CA HIS E 106 -11.58 2.10 9.32
C HIS E 106 -13.07 1.83 9.49
N GLN E 107 -13.40 0.68 10.10
CA GLN E 107 -14.78 0.29 10.27
C GLN E 107 -15.08 -0.09 11.71
N THR E 108 -14.44 0.61 12.64
CA THR E 108 -14.60 0.33 14.07
C THR E 108 -15.85 0.99 14.63
N GLY E 109 -16.18 0.64 15.86
CA GLY E 109 -17.32 1.22 16.54
C GLY E 109 -16.97 1.58 17.99
N GLN E 110 -17.82 1.15 18.91
CA GLN E 110 -17.61 1.45 20.32
C GLN E 110 -16.47 0.62 20.90
N GLY E 111 -16.05 -0.41 20.17
CA GLY E 111 -14.95 -1.24 20.60
C GLY E 111 -13.61 -0.61 20.33
N LYS E 112 -13.62 0.45 19.51
CA LYS E 112 -12.42 1.22 19.21
C LYS E 112 -11.28 0.34 18.67
N ALA E 114 -10.22 -2.50 19.94
CA ALA E 114 -10.63 -3.90 20.00
C ALA E 114 -11.39 -4.31 18.75
N ASP E 115 -12.17 -3.38 18.20
CA ASP E 115 -12.91 -3.64 16.97
C ASP E 115 -11.99 -3.73 15.75
N SER E 116 -10.90 -2.97 15.77
CA SER E 116 -9.94 -3.02 14.68
C SER E 116 -9.26 -4.40 14.66
N GLU E 117 -9.00 -4.95 15.83
CA GLU E 117 -8.37 -6.26 15.95
C GLU E 117 -9.33 -7.36 15.51
N MET E 118 -10.59 -7.22 15.87
CA MET E 118 -11.63 -8.17 15.46
C MET E 118 -11.71 -8.23 13.94
N LEU E 119 -11.55 -7.08 13.31
CA LEU E 119 -11.60 -6.98 11.85
C LEU E 119 -10.36 -7.58 11.19
N LEU E 120 -9.19 -7.31 11.77
CA LEU E 120 -7.93 -7.78 11.19
C LEU E 120 -7.73 -9.28 11.34
N GLU E 121 -8.18 -9.82 12.47
CA GLU E 121 -7.91 -11.22 12.79
C GLU E 121 -8.97 -12.18 12.24
N ASN E 122 -10.21 -11.73 12.17
CA ASN E 122 -11.30 -12.61 11.79
C ASN E 122 -12.10 -12.15 10.58
N SER E 123 -11.80 -10.94 10.11
CA SER E 123 -12.58 -10.30 9.05
C SER E 123 -14.06 -10.25 9.44
N LEU E 124 -14.29 -10.02 10.73
CA LEU E 124 -15.64 -9.85 11.27
C LEU E 124 -15.78 -8.45 11.86
N TYR E 125 -16.92 -7.81 11.63
CA TYR E 125 -17.18 -6.51 12.24
C TYR E 125 -17.40 -6.68 13.73
N GLY E 126 -17.33 -5.56 14.46
CA GLY E 126 -17.62 -5.58 15.88
C GLY E 126 -19.13 -5.59 16.10
N LEU E 127 -19.53 -5.47 17.37
CA LEU E 127 -20.94 -5.40 17.71
C LEU E 127 -21.48 -4.00 17.40
N PRO E 128 -22.80 -3.87 17.19
CA PRO E 128 -23.40 -2.57 16.90
C PRO E 128 -23.12 -1.56 18.02
N GLN E 129 -23.25 -2.02 19.26
CA GLN E 129 -22.85 -1.22 20.42
C GLN E 129 -22.02 -2.07 21.37
N GLY E 130 -21.14 -1.42 22.13
CA GLY E 130 -20.30 -2.12 23.08
C GLY E 130 -19.11 -2.80 22.41
N SER E 131 -18.29 -3.48 23.21
CA SER E 131 -17.12 -4.15 22.71
C SER E 131 -17.34 -5.66 22.56
N ALA E 132 -16.98 -6.19 21.40
CA ALA E 132 -17.09 -7.62 21.16
C ALA E 132 -16.01 -8.39 21.93
N PHE E 133 -14.91 -7.73 22.20
CA PHE E 133 -13.79 -8.38 22.91
C PHE E 133 -14.15 -8.74 24.34
N THR E 134 -14.94 -7.91 25.00
CA THR E 134 -15.28 -8.13 26.39
C THR E 134 -16.43 -9.12 26.56
N THR E 135 -17.41 -9.07 25.65
CA THR E 135 -18.61 -9.86 25.78
C THR E 135 -18.56 -11.18 25.00
N LYS E 136 -17.68 -11.27 24.01
CA LYS E 136 -17.57 -12.47 23.19
C LYS E 136 -16.19 -13.09 23.31
N GLY E 137 -15.63 -13.05 24.52
CA GLY E 137 -14.29 -13.54 24.75
C GLY E 137 -14.18 -15.05 24.76
N GLN E 138 -15.32 -15.74 24.80
CA GLN E 138 -15.34 -17.19 24.88
C GLN E 138 -15.93 -17.82 23.61
N ASN E 139 -16.23 -16.99 22.62
CA ASN E 139 -16.69 -17.49 21.33
C ASN E 139 -15.61 -18.30 20.64
N THR E 140 -16.02 -19.16 19.71
CA THR E 140 -15.08 -19.91 18.90
C THR E 140 -14.66 -19.05 17.71
N TYR E 141 -13.36 -18.95 17.49
CA TYR E 141 -12.85 -18.16 16.37
C TYR E 141 -11.90 -18.96 15.50
N GLU E 142 -11.86 -18.62 14.22
CA GLU E 142 -10.92 -19.22 13.28
C GLU E 142 -10.07 -18.11 12.66
N SER E 143 -9.27 -17.46 13.51
CA SER E 143 -8.56 -16.25 13.13
C SER E 143 -7.26 -16.52 12.36
N ALA E 144 -6.60 -15.44 11.97
CA ALA E 144 -5.38 -15.49 11.16
C ALA E 144 -4.28 -16.31 11.85
N SER E 145 -4.17 -16.17 13.17
CA SER E 145 -3.19 -16.91 13.93
C SER E 145 -3.38 -18.41 13.78
N ALA E 146 -4.64 -18.84 13.81
CA ALA E 146 -4.97 -20.25 13.68
C ALA E 146 -4.80 -20.74 12.25
N ILE E 147 -5.23 -19.92 11.29
CA ILE E 147 -5.14 -20.28 9.88
C ILE E 147 -3.69 -20.43 9.44
N LEU E 148 -2.88 -19.41 9.73
CA LEU E 148 -1.46 -19.45 9.39
C LEU E 148 -0.73 -20.47 10.27
N GLY E 149 -1.26 -20.71 11.46
CA GLY E 149 -0.68 -21.69 12.37
C GLY E 149 -0.72 -23.09 11.80
N GLN E 150 -1.64 -23.32 10.88
CA GLN E 150 -1.78 -24.63 10.24
C GLN E 150 -0.79 -24.79 9.09
N GLN E 151 0.12 -23.83 8.97
CA GLN E 151 1.22 -23.94 8.03
C GLN E 151 2.55 -23.83 8.77
N GLY E 152 2.46 -23.82 10.10
CA GLY E 152 3.63 -23.79 10.94
C GLY E 152 4.05 -22.40 11.38
N TYR E 153 3.12 -21.45 11.33
CA TYR E 153 3.41 -20.08 11.76
C TYR E 153 3.30 -19.94 13.27
N THR E 154 4.21 -19.16 13.84
CA THR E 154 4.21 -18.90 15.28
C THR E 154 3.61 -17.52 15.56
N SER E 155 2.60 -17.48 16.42
CA SER E 155 1.87 -16.25 16.69
C SER E 155 2.46 -15.47 17.87
N ALA E 156 2.35 -14.15 17.82
CA ALA E 156 2.81 -13.29 18.90
C ALA E 156 2.23 -11.88 18.83
N VAL E 157 1.82 -11.35 19.98
CA VAL E 157 1.35 -9.97 20.06
C VAL E 157 2.20 -9.17 21.05
N PHE E 158 2.68 -8.01 20.61
CA PHE E 158 3.47 -7.15 21.48
C PHE E 158 2.67 -5.91 21.86
N HIS E 159 2.60 -5.63 23.16
CA HIS E 159 1.82 -4.50 23.66
C HIS E 159 2.43 -3.96 24.95
N GLY E 160 2.54 -2.65 25.05
CA GLY E 160 3.14 -2.02 26.21
C GLY E 160 2.18 -1.79 27.36
N ASN E 161 1.14 -2.62 27.43
CA ASN E 161 0.15 -2.53 28.49
C ASN E 161 -0.23 -3.91 28.99
N TYR E 162 -0.95 -3.97 30.10
CA TYR E 162 -1.28 -5.25 30.73
C TYR E 162 -2.38 -6.00 29.99
N LYS E 163 -2.27 -7.32 29.96
CA LYS E 163 -3.13 -8.17 29.14
C LYS E 163 -4.60 -8.18 29.56
N SER E 164 -4.90 -7.64 30.74
CA SER E 164 -6.27 -7.60 31.22
C SER E 164 -7.09 -6.54 30.49
N PHE E 165 -6.39 -5.55 29.93
CA PHE E 165 -7.03 -4.46 29.20
C PHE E 165 -7.71 -4.97 27.94
N TRP E 166 -8.94 -4.54 27.72
CA TRP E 166 -9.78 -4.99 26.59
C TRP E 166 -10.02 -6.49 26.58
N ASN E 167 -9.82 -7.14 27.73
CA ASN E 167 -10.01 -8.59 27.86
C ASN E 167 -9.18 -9.38 26.85
N ARG E 168 -8.07 -8.78 26.42
CA ARG E 168 -7.20 -9.42 25.43
C ARG E 168 -6.70 -10.78 25.89
N ASP E 169 -6.43 -10.88 27.19
CA ASP E 169 -5.89 -12.10 27.77
C ASP E 169 -6.78 -13.31 27.52
N GLU E 170 -8.09 -13.08 27.49
CA GLU E 170 -9.05 -14.17 27.32
C GLU E 170 -9.27 -14.51 25.85
N ILE E 171 -9.56 -13.50 25.04
CA ILE E 171 -9.98 -13.73 23.66
C ILE E 171 -8.81 -14.10 22.74
N TYR E 172 -7.58 -13.75 23.13
CA TYR E 172 -6.42 -14.10 22.33
C TYR E 172 -6.20 -15.61 22.32
N LYS E 173 -6.54 -16.26 23.43
CA LYS E 173 -6.44 -17.71 23.51
C LYS E 173 -7.43 -18.35 22.55
N GLN E 174 -8.57 -17.69 22.33
CA GLN E 174 -9.56 -18.16 21.38
C GLN E 174 -9.09 -17.90 19.96
N PHE E 175 -8.39 -16.78 19.77
CA PHE E 175 -7.78 -16.47 18.48
C PHE E 175 -6.66 -17.45 18.19
N GLY E 176 -6.01 -17.91 19.26
CA GLY E 176 -4.92 -18.86 19.13
C GLY E 176 -3.58 -18.19 18.97
N TYR E 177 -3.37 -17.10 19.71
CA TYR E 177 -2.07 -16.44 19.72
C TYR E 177 -1.11 -17.21 20.63
N ASP E 178 -0.01 -17.69 20.05
CA ASP E 178 0.95 -18.50 20.80
C ASP E 178 1.58 -17.73 21.95
N ASN E 179 1.91 -16.46 21.70
CA ASN E 179 2.53 -15.63 22.72
C ASN E 179 1.85 -14.27 22.84
N PHE E 180 1.82 -13.74 24.06
CA PHE E 180 1.34 -12.39 24.29
C PHE E 180 2.32 -11.68 25.22
N PHE E 181 3.17 -10.86 24.64
CA PHE E 181 4.13 -10.09 25.41
C PHE E 181 3.50 -8.78 25.87
N ASP E 182 2.82 -8.82 27.01
CA ASP E 182 2.21 -7.62 27.59
C ASP E 182 3.24 -6.85 28.42
N ALA E 183 2.76 -5.95 29.26
CA ALA E 183 3.64 -5.07 30.04
C ALA E 183 4.55 -5.84 31.00
N SER E 184 4.14 -7.05 31.36
CA SER E 184 4.92 -7.89 32.26
C SER E 184 6.29 -8.24 31.68
N TYR E 185 6.39 -8.19 30.36
CA TYR E 185 7.64 -8.51 29.67
C TYR E 185 8.46 -7.26 29.38
N TYR E 186 8.05 -6.13 29.95
CA TYR E 186 8.75 -4.87 29.72
C TYR E 186 9.11 -4.16 31.03
N ASP E 187 10.08 -3.25 30.94
CA ASP E 187 10.53 -2.49 32.10
C ASP E 187 9.67 -1.24 32.30
N MET E 188 8.63 -1.36 33.11
CA MET E 188 7.64 -0.31 33.28
C MET E 188 8.00 0.72 34.34
N ASN E 189 9.21 1.27 34.26
CA ASN E 189 9.61 2.36 35.16
C ASN E 189 8.82 3.62 34.83
N GLU E 190 8.63 4.48 35.81
CA GLU E 190 7.73 5.63 35.67
C GLU E 190 8.19 6.61 34.59
N ALA E 191 9.50 6.71 34.37
CA ALA E 191 10.04 7.61 33.36
C ALA E 191 9.66 7.17 31.95
N ASP E 192 9.47 5.87 31.76
CA ASP E 192 9.17 5.32 30.45
C ASP E 192 7.68 5.06 30.22
N VAL E 193 6.85 5.45 31.18
CA VAL E 193 5.44 5.10 31.12
C VAL E 193 4.55 6.35 31.13
N SER E 194 3.79 6.54 30.06
CA SER E 194 2.72 7.53 30.05
C SER E 194 1.53 6.98 30.83
N ASN E 195 0.34 7.52 30.63
CA ASN E 195 -0.82 7.09 31.42
C ASN E 195 -1.59 5.92 30.83
N TYR E 196 -1.37 5.64 29.55
CA TYR E 196 -1.97 4.46 28.91
C TYR E 196 -1.04 3.27 28.89
N GLY E 197 0.24 3.50 29.20
CA GLY E 197 1.20 2.42 29.24
C GLY E 197 2.58 2.82 28.77
N LEU E 198 3.40 1.82 28.44
CA LEU E 198 4.78 2.05 28.02
C LEU E 198 4.86 2.94 26.78
N LYS E 199 5.76 3.92 26.81
CA LYS E 199 5.98 4.78 25.66
C LYS E 199 6.50 3.94 24.49
N ASP E 200 6.26 4.41 23.27
CA ASP E 200 6.51 3.60 22.08
C ASP E 200 7.99 3.39 21.79
N LYS E 201 8.82 4.41 22.01
CA LYS E 201 10.24 4.29 21.75
C LYS E 201 10.90 3.19 22.60
N PRO E 202 10.62 3.14 23.91
CA PRO E 202 11.17 2.00 24.64
C PRO E 202 10.47 0.69 24.29
N PHE E 203 9.19 0.78 23.94
CA PHE E 203 8.38 -0.40 23.62
C PHE E 203 8.96 -1.21 22.47
N PHE E 204 9.38 -0.52 21.41
CA PHE E 204 9.93 -1.18 20.23
C PHE E 204 11.32 -1.73 20.51
N LYS E 205 12.13 -0.98 21.22
CA LYS E 205 13.52 -1.36 21.48
C LYS E 205 13.61 -2.51 22.47
N GLU E 206 12.69 -2.56 23.43
CA GLU E 206 12.69 -3.61 24.44
C GLU E 206 12.09 -4.90 23.91
N SER E 207 11.38 -4.81 22.78
CA SER E 207 10.73 -5.98 22.19
C SER E 207 11.58 -6.60 21.09
N GLU E 208 12.75 -6.01 20.83
CA GLU E 208 13.69 -6.58 19.87
C GLU E 208 14.18 -7.94 20.38
N GLU E 209 14.39 -8.02 21.68
CA GLU E 209 14.89 -9.23 22.33
C GLU E 209 13.99 -10.44 22.09
N TYR E 210 12.68 -10.23 22.18
CA TYR E 210 11.72 -11.31 22.05
C TYR E 210 11.47 -11.69 20.58
N LEU E 211 11.49 -10.69 19.71
CA LEU E 211 11.23 -10.93 18.29
C LEU E 211 12.36 -11.71 17.63
N SER E 212 13.59 -11.41 18.05
CA SER E 212 14.77 -12.05 17.46
C SER E 212 14.84 -13.54 17.77
N SER E 213 14.35 -13.92 18.95
CA SER E 213 14.38 -15.31 19.37
C SER E 213 13.04 -16.01 19.11
N LEU E 214 12.15 -15.31 18.40
CA LEU E 214 10.85 -15.87 18.05
C LEU E 214 10.96 -16.77 16.83
N GLN E 215 10.47 -17.99 16.94
CA GLN E 215 10.56 -18.99 15.88
C GLN E 215 9.96 -18.52 14.56
N GLN E 216 10.75 -18.62 13.50
CA GLN E 216 10.28 -18.27 12.15
C GLN E 216 9.84 -19.53 11.40
N PRO E 217 8.84 -19.38 10.51
CA PRO E 217 8.11 -18.16 10.17
C PRO E 217 7.09 -17.77 11.25
N PHE E 218 6.84 -16.47 11.40
CA PHE E 218 5.92 -16.01 12.44
C PHE E 218 4.89 -14.98 11.95
N TYR E 219 3.83 -14.84 12.74
CA TYR E 219 2.77 -13.88 12.48
C TYR E 219 2.63 -12.98 13.70
N THR E 220 3.04 -11.73 13.57
CA THR E 220 3.10 -10.83 14.72
C THR E 220 2.36 -9.51 14.54
N LYS E 221 2.03 -8.88 15.66
CA LYS E 221 1.37 -7.59 15.66
C LYS E 221 1.92 -6.74 16.80
N PHE E 222 2.25 -5.49 16.50
CA PHE E 222 2.78 -4.57 17.50
C PHE E 222 1.80 -3.44 17.78
N ILE E 223 1.08 -3.54 18.89
CA ILE E 223 0.11 -2.50 19.26
C ILE E 223 0.78 -1.35 20.02
N THR E 224 0.78 -0.17 19.42
CA THR E 224 1.38 1.01 20.06
C THR E 224 0.38 1.68 21.00
N LEU E 225 0.85 2.66 21.76
CA LEU E 225 0.04 3.25 22.83
C LEU E 225 0.10 4.77 22.92
N THR E 226 1.27 5.33 22.60
CA THR E 226 1.54 6.75 22.87
C THR E 226 0.59 7.70 22.16
N ASN E 227 0.23 7.37 20.92
CA ASN E 227 -0.69 8.22 20.19
C ASN E 227 -2.16 7.97 20.54
N HIS E 228 -2.55 8.12 21.81
CA HIS E 228 -4.00 8.09 22.18
C HIS E 228 -4.47 9.44 22.71
N PHE E 229 -5.73 9.78 22.46
CA PHE E 229 -6.39 10.94 23.09
C PHE E 229 -6.22 11.07 24.61
N PRO E 230 -5.94 12.29 25.12
CA PRO E 230 -5.91 13.55 24.38
C PRO E 230 -4.52 13.93 23.88
N TYR E 231 -3.70 12.92 23.61
CA TYR E 231 -2.37 13.11 23.03
C TYR E 231 -1.47 14.06 23.82
N PRO E 232 -1.19 13.72 25.09
CA PRO E 232 -0.24 14.56 25.83
C PRO E 232 1.19 14.10 25.60
N ILE E 233 2.11 15.04 25.47
CA ILE E 233 3.52 14.71 25.36
C ILE E 233 4.36 15.77 26.06
N ASP E 234 5.26 15.32 26.93
CA ASP E 234 6.04 16.25 27.74
C ASP E 234 7.33 16.67 27.04
N GLU E 235 7.62 17.95 27.10
CA GLU E 235 8.81 18.52 26.50
C GLU E 235 10.09 18.01 27.17
N LYS E 236 10.97 17.39 26.38
CA LYS E 236 10.66 17.12 24.99
C LYS E 236 10.99 15.67 24.63
N ASP E 237 9.92 14.88 24.57
CA ASP E 237 9.93 13.63 23.84
C ASP E 237 9.47 14.03 22.45
N ALA E 238 8.83 15.20 22.41
CA ALA E 238 8.30 15.78 21.18
C ALA E 238 9.36 16.61 20.48
N SER E 239 9.55 16.35 19.19
CA SER E 239 10.56 17.06 18.41
C SER E 239 9.91 17.94 17.35
N ILE E 240 8.68 18.38 17.60
CA ILE E 240 8.00 19.28 16.68
C ILE E 240 7.07 20.23 17.44
N ALA E 241 6.95 21.46 16.94
CA ALA E 241 6.09 22.45 17.55
C ALA E 241 4.62 22.06 17.38
N PRO E 242 3.80 22.30 18.41
CA PRO E 242 2.37 21.97 18.31
C PRO E 242 1.65 22.90 17.35
N ALA E 243 0.54 22.45 16.79
CA ALA E 243 -0.23 23.27 15.86
C ALA E 243 -0.83 24.48 16.59
N THR E 244 -1.37 25.42 15.82
CA THR E 244 -1.89 26.66 16.42
C THR E 244 -3.34 26.91 16.04
N THR E 245 -4.22 26.02 16.47
CA THR E 245 -5.65 26.16 16.17
C THR E 245 -6.42 26.66 17.38
N GLY E 246 -5.83 26.51 18.57
CA GLY E 246 -6.49 26.89 19.80
C GLY E 246 -7.14 25.69 20.48
N ASP E 247 -7.20 24.58 19.74
CA ASP E 247 -7.76 23.34 20.27
C ASP E 247 -6.63 22.44 20.75
N SER E 248 -6.49 22.30 22.07
CA SER E 248 -5.36 21.61 22.67
C SER E 248 -5.16 20.18 22.19
N SER E 249 -6.24 19.40 22.16
CA SER E 249 -6.15 18.01 21.75
C SER E 249 -5.77 17.88 20.28
N VAL E 250 -6.19 18.84 19.46
CA VAL E 250 -5.85 18.85 18.05
C VAL E 250 -4.42 19.31 17.83
N ASP E 251 -3.98 20.29 18.63
CA ASP E 251 -2.67 20.90 18.46
C ASP E 251 -1.51 20.00 18.88
N THR E 252 -1.74 19.13 19.86
CA THR E 252 -0.69 18.25 20.34
C THR E 252 -0.76 16.88 19.67
N TYR E 253 -1.77 16.69 18.83
CA TYR E 253 -1.93 15.45 18.07
C TYR E 253 -0.72 15.22 17.17
N PHE E 254 -0.27 16.28 16.52
CA PHE E 254 0.86 16.22 15.60
C PHE E 254 2.17 15.89 16.32
N GLN E 255 2.29 16.34 17.55
CA GLN E 255 3.50 16.08 18.34
C GLN E 255 3.64 14.61 18.66
N THR E 256 2.56 14.00 19.14
CA THR E 256 2.55 12.57 19.45
C THR E 256 2.62 11.76 18.17
N ALA E 257 2.14 12.33 17.08
CA ALA E 257 2.19 11.68 15.77
C ALA E 257 3.64 11.49 15.32
N ARG E 258 4.45 12.54 15.49
CA ARG E 258 5.85 12.46 15.12
C ARG E 258 6.62 11.52 16.04
N TYR E 259 6.29 11.55 17.33
CA TYR E 259 6.92 10.65 18.30
C TYR E 259 6.73 9.21 17.86
N LEU E 260 5.53 8.89 17.39
CA LEU E 260 5.24 7.56 16.87
C LEU E 260 6.06 7.30 15.61
N ASP E 261 6.07 8.28 14.71
CA ASP E 261 6.80 8.18 13.45
C ASP E 261 8.28 7.90 13.69
N GLU E 262 8.87 8.60 14.65
CA GLU E 262 10.28 8.42 14.98
C GLU E 262 10.51 7.04 15.59
N SER E 263 9.61 6.60 16.45
CA SER E 263 9.73 5.31 17.11
C SER E 263 9.63 4.16 16.10
N VAL E 264 8.78 4.33 15.10
CA VAL E 264 8.60 3.31 14.07
C VAL E 264 9.85 3.19 13.20
N LYS E 265 10.44 4.32 12.84
CA LYS E 265 11.68 4.33 12.06
C LYS E 265 12.78 3.56 12.78
N SER E 266 12.90 3.82 14.09
CA SER E 266 13.90 3.14 14.92
C SER E 266 13.65 1.64 14.92
N PHE E 267 12.38 1.25 14.84
CA PHE E 267 12.01 -0.17 14.82
C PHE E 267 12.33 -0.81 13.48
N VAL E 268 12.06 -0.08 12.40
CA VAL E 268 12.33 -0.56 11.05
C VAL E 268 13.84 -0.65 10.80
N ASP E 269 14.59 0.29 11.38
CA ASP E 269 16.05 0.25 11.31
C ASP E 269 16.57 -1.04 11.93
N TYR E 270 15.93 -1.46 13.03
CA TYR E 270 16.27 -2.72 13.67
C TYR E 270 15.93 -3.90 12.76
N LEU E 271 14.81 -3.80 12.05
CA LEU E 271 14.37 -4.86 11.16
C LEU E 271 15.34 -5.06 10.00
N LYS E 272 15.85 -3.97 9.46
CA LYS E 272 16.80 -4.04 8.35
C LYS E 272 18.11 -4.66 8.78
N LYS E 273 18.57 -4.30 9.98
CA LYS E 273 19.82 -4.82 10.51
C LYS E 273 19.76 -6.33 10.77
N SER E 274 18.64 -6.78 11.34
CA SER E 274 18.48 -8.18 11.72
C SER E 274 18.08 -9.05 10.53
N GLY E 275 17.82 -8.43 9.39
CA GLY E 275 17.49 -9.16 8.18
C GLY E 275 16.01 -9.46 8.03
N LEU E 276 15.23 -9.11 9.05
CA LEU E 276 13.79 -9.37 9.05
C LEU E 276 13.06 -8.54 8.00
N TYR E 277 13.62 -7.40 7.63
CA TYR E 277 12.99 -6.50 6.68
C TYR E 277 12.82 -7.14 5.30
N ASP E 278 13.67 -8.10 4.98
CA ASP E 278 13.64 -8.76 3.68
C ASP E 278 12.86 -10.07 3.71
N ASN E 279 12.72 -10.66 4.89
CA ASN E 279 12.04 -11.93 5.04
C ASN E 279 10.60 -11.79 5.51
N SER E 280 10.14 -10.55 5.68
CA SER E 280 8.83 -10.32 6.25
C SER E 280 7.98 -9.34 5.45
N VAL E 281 6.67 -9.51 5.53
CA VAL E 281 5.73 -8.53 5.01
C VAL E 281 5.41 -7.53 6.12
N ILE E 282 5.83 -6.28 5.94
CA ILE E 282 5.59 -5.26 6.94
C ILE E 282 4.31 -4.49 6.59
N ILE E 283 3.36 -4.50 7.52
CA ILE E 283 2.08 -3.86 7.29
C ILE E 283 1.78 -2.79 8.32
N MET E 284 1.78 -1.53 7.88
CA MET E 284 1.44 -0.42 8.76
C MET E 284 0.00 0.00 8.52
N TYR E 285 -0.75 0.18 9.60
CA TYR E 285 -2.16 0.52 9.48
C TYR E 285 -2.64 1.35 10.67
N GLY E 286 -3.63 2.21 10.41
CA GLY E 286 -4.29 2.95 11.48
C GLY E 286 -5.54 2.20 11.89
N ASP E 287 -5.83 2.18 13.19
CA ASP E 287 -6.97 1.42 13.70
C ASP E 287 -8.27 2.20 13.60
N HIS E 288 -8.24 3.46 14.01
CA HIS E 288 -9.41 4.32 13.95
C HIS E 288 -9.00 5.78 13.94
N TYR E 289 -9.98 6.67 13.94
CA TYR E 289 -9.72 8.10 13.82
C TYR E 289 -8.95 8.64 15.03
N GLY E 290 -8.29 9.78 14.82
CA GLY E 290 -7.58 10.44 15.90
C GLY E 290 -8.34 11.65 16.40
N ILE E 291 -8.85 12.44 15.47
CA ILE E 291 -9.62 13.64 15.79
C ILE E 291 -11.10 13.41 15.58
N SER E 292 -11.90 13.58 16.63
CA SER E 292 -13.34 13.36 16.54
C SER E 292 -14.02 14.46 15.73
N ASP E 293 -15.35 14.36 15.64
CA ASP E 293 -16.13 15.33 14.89
C ASP E 293 -16.43 16.58 15.72
N ASN E 294 -15.89 16.62 16.94
CA ASN E 294 -16.16 17.72 17.85
C ASN E 294 -15.06 18.77 17.85
N HIS E 295 -14.37 18.90 16.71
CA HIS E 295 -13.31 19.88 16.56
C HIS E 295 -13.39 20.51 15.17
N GLU E 296 -14.58 20.94 14.79
CA GLU E 296 -14.85 21.47 13.46
C GLU E 296 -13.97 22.68 13.11
N GLU E 297 -13.91 23.65 14.01
CA GLU E 297 -13.17 24.88 13.77
C GLU E 297 -11.68 24.63 13.53
N ALA E 298 -11.11 23.72 14.32
CA ALA E 298 -9.69 23.42 14.22
C ALA E 298 -9.36 22.66 12.94
N MET E 299 -10.18 21.64 12.64
CA MET E 299 -9.95 20.82 11.46
C MET E 299 -10.16 21.60 10.16
N THR E 300 -11.01 22.62 10.22
CA THR E 300 -11.22 23.51 9.09
C THR E 300 -9.92 24.23 8.76
N LYS E 301 -9.17 24.60 9.79
CA LYS E 301 -7.88 25.24 9.62
C LYS E 301 -6.82 24.24 9.14
N ILE E 302 -6.87 23.04 9.71
CA ILE E 302 -5.89 22.00 9.40
C ILE E 302 -6.00 21.50 7.96
N LEU E 303 -7.22 21.18 7.54
CA LEU E 303 -7.43 20.57 6.22
C LEU E 303 -7.58 21.59 5.09
N GLY E 304 -7.88 22.85 5.45
CA GLY E 304 -7.97 23.91 4.47
C GLY E 304 -9.37 24.19 3.98
N LYS E 305 -10.24 23.19 4.05
CA LYS E 305 -11.63 23.35 3.64
C LYS E 305 -12.56 23.34 4.85
N ASP E 306 -13.83 23.66 4.62
CA ASP E 306 -14.82 23.57 5.68
C ASP E 306 -14.99 22.12 6.10
N TYR E 307 -14.98 21.89 7.41
CA TYR E 307 -15.07 20.53 7.93
C TYR E 307 -16.52 20.17 8.30
N ASN E 308 -17.33 19.90 7.30
CA ASN E 308 -18.72 19.52 7.51
C ASN E 308 -18.87 18.02 7.74
N THR E 309 -20.10 17.54 7.67
CA THR E 309 -20.40 16.12 7.90
C THR E 309 -19.73 15.25 6.83
N PHE E 310 -19.67 15.75 5.61
CA PHE E 310 -19.08 15.01 4.50
C PHE E 310 -17.58 14.85 4.70
N GLU E 311 -16.89 15.95 4.95
CA GLU E 311 -15.44 15.94 5.10
C GLU E 311 -15.00 15.12 6.31
N ASN E 312 -15.86 15.06 7.32
CA ASN E 312 -15.58 14.25 8.50
C ASN E 312 -15.53 12.77 8.16
N ALA E 313 -16.48 12.35 7.32
CA ALA E 313 -16.54 10.96 6.88
C ALA E 313 -15.32 10.62 6.02
N GLN E 314 -14.87 11.58 5.23
CA GLN E 314 -13.70 11.39 4.38
C GLN E 314 -12.42 11.33 5.21
N ALA E 315 -12.46 11.93 6.39
CA ALA E 315 -11.31 11.97 7.29
C ALA E 315 -11.17 10.66 8.05
N GLN E 316 -12.12 9.75 7.87
CA GLN E 316 -12.07 8.45 8.52
C GLN E 316 -11.08 7.52 7.82
N ARG E 317 -10.48 8.01 6.74
CA ARG E 317 -9.42 7.29 6.06
C ARG E 317 -8.24 7.06 7.00
N VAL E 318 -7.81 5.81 7.11
CA VAL E 318 -6.61 5.46 7.86
C VAL E 318 -5.59 4.86 6.90
N PRO E 319 -4.30 4.99 7.23
CA PRO E 319 -3.28 4.50 6.29
C PRO E 319 -3.21 2.98 6.23
N LEU E 320 -2.96 2.45 5.03
CA LEU E 320 -2.64 1.04 4.86
C LEU E 320 -1.44 0.91 3.93
N MET E 321 -0.33 0.43 4.47
CA MET E 321 0.90 0.31 3.70
C MET E 321 1.48 -1.08 3.82
N ILE E 322 1.49 -1.81 2.71
CA ILE E 322 1.98 -3.18 2.69
C ILE E 322 3.29 -3.29 1.93
N HIS E 323 4.39 -3.45 2.66
CA HIS E 323 5.69 -3.63 2.03
C HIS E 323 5.96 -5.11 1.81
N VAL E 324 6.00 -5.52 0.54
CA VAL E 324 6.33 -6.89 0.18
C VAL E 324 7.66 -6.94 -0.55
N PRO E 325 8.68 -7.51 0.10
CA PRO E 325 10.05 -7.58 -0.43
C PRO E 325 10.11 -8.24 -1.81
N GLY E 326 10.70 -7.54 -2.78
CA GLY E 326 10.86 -8.05 -4.12
C GLY E 326 9.59 -8.00 -4.94
N VAL E 327 8.70 -7.07 -4.61
CA VAL E 327 7.44 -6.91 -5.35
C VAL E 327 7.18 -5.44 -5.65
N GLN E 328 6.88 -5.14 -6.91
CA GLN E 328 6.60 -3.78 -7.33
C GLN E 328 5.30 -3.28 -6.71
N GLY E 329 5.41 -2.22 -5.91
CA GLY E 329 4.25 -1.65 -5.23
C GLY E 329 3.66 -0.48 -6.00
N GLY E 330 3.14 0.50 -5.27
CA GLY E 330 2.55 1.67 -5.88
C GLY E 330 1.29 2.11 -5.16
N VAL E 331 0.86 3.34 -5.43
CA VAL E 331 -0.34 3.89 -4.80
C VAL E 331 -1.60 3.17 -5.26
N GLN E 332 -2.34 2.60 -4.31
CA GLN E 332 -3.58 1.89 -4.61
C GLN E 332 -4.78 2.78 -4.29
N GLU E 333 -5.53 3.14 -5.32
CA GLU E 333 -6.65 4.07 -5.16
C GLU E 333 -8.01 3.39 -5.07
N GLN E 334 -8.02 2.06 -5.00
CA GLN E 334 -9.29 1.34 -4.87
C GLN E 334 -9.80 1.42 -3.43
N TYR E 335 -11.11 1.65 -3.30
CA TYR E 335 -11.73 1.79 -1.98
C TYR E 335 -11.82 0.45 -1.25
N GLY E 336 -11.60 0.49 0.06
CA GLY E 336 -11.64 -0.70 0.88
C GLY E 336 -11.65 -0.38 2.36
N GLY E 337 -11.85 -1.40 3.20
CA GLY E 337 -11.88 -1.22 4.64
C GLY E 337 -11.03 -2.24 5.37
N GLN E 338 -11.00 -2.12 6.69
CA GLN E 338 -10.20 -3.02 7.52
C GLN E 338 -10.66 -4.48 7.40
N VAL E 339 -11.93 -4.67 7.09
CA VAL E 339 -12.49 -6.00 6.93
C VAL E 339 -11.87 -6.72 5.73
N ASP E 340 -11.32 -5.94 4.81
CA ASP E 340 -10.73 -6.47 3.59
C ASP E 340 -9.25 -6.80 3.77
N LEU E 341 -8.73 -6.59 4.96
CA LEU E 341 -7.29 -6.72 5.19
C LEU E 341 -6.85 -8.18 5.29
N LEU E 342 -7.52 -8.96 6.13
CA LEU E 342 -7.18 -10.37 6.31
C LEU E 342 -7.18 -11.18 5.00
N PRO E 343 -8.26 -11.09 4.19
CA PRO E 343 -8.21 -11.87 2.96
C PRO E 343 -7.17 -11.33 1.97
N THR E 344 -6.80 -10.06 2.10
CA THR E 344 -5.77 -9.48 1.26
C THR E 344 -4.41 -10.08 1.61
N LEU E 345 -4.15 -10.22 2.89
CA LEU E 345 -2.89 -10.79 3.38
C LEU E 345 -2.76 -12.26 3.02
N LEU E 346 -3.83 -13.01 3.23
CA LEU E 346 -3.82 -14.45 2.99
C LEU E 346 -3.48 -14.79 1.54
N HIS E 347 -4.04 -14.03 0.61
CA HIS E 347 -3.76 -14.24 -0.81
C HIS E 347 -2.30 -13.93 -1.14
N LEU E 348 -1.74 -12.93 -0.47
CA LEU E 348 -0.33 -12.59 -0.65
C LEU E 348 0.55 -13.73 -0.14
N LEU E 349 0.08 -14.44 0.87
CA LEU E 349 0.82 -15.55 1.46
C LEU E 349 0.53 -16.86 0.72
N GLY E 350 -0.25 -16.78 -0.35
CA GLY E 350 -0.57 -17.94 -1.16
C GLY E 350 -1.58 -18.87 -0.53
N VAL E 351 -2.37 -18.34 0.40
CA VAL E 351 -3.39 -19.13 1.07
C VAL E 351 -4.78 -18.80 0.53
N ASP E 352 -5.47 -19.80 0.01
CA ASP E 352 -6.83 -19.60 -0.49
C ASP E 352 -7.82 -19.67 0.66
N ASN E 353 -8.72 -18.70 0.73
CA ASN E 353 -9.62 -18.56 1.88
C ASN E 353 -11.10 -18.60 1.52
N LYS E 354 -11.45 -19.28 0.43
CA LYS E 354 -12.82 -19.30 -0.04
C LYS E 354 -13.79 -19.95 0.95
N GLU E 355 -13.31 -20.96 1.66
CA GLU E 355 -14.18 -21.74 2.54
C GLU E 355 -14.31 -21.17 3.94
N TYR E 356 -13.63 -20.05 4.20
CA TYR E 356 -13.68 -19.42 5.52
C TYR E 356 -14.83 -18.43 5.63
N LEU E 357 -15.32 -18.23 6.85
CA LEU E 357 -16.37 -17.24 7.09
C LEU E 357 -15.78 -15.84 7.26
N GLN E 358 -15.50 -15.19 6.13
CA GLN E 358 -14.92 -13.85 6.15
C GLN E 358 -15.72 -12.92 5.23
N PHE E 359 -15.92 -11.68 5.68
CA PHE E 359 -16.79 -10.75 4.96
C PHE E 359 -16.02 -9.78 4.08
N GLY E 360 -14.69 -9.82 4.16
CA GLY E 360 -13.86 -8.97 3.33
C GLY E 360 -13.40 -9.68 2.07
N THR E 361 -12.88 -8.92 1.12
CA THR E 361 -12.33 -9.48 -0.11
C THR E 361 -10.92 -8.95 -0.37
N ASP E 362 -10.19 -9.64 -1.24
CA ASP E 362 -8.82 -9.25 -1.59
C ASP E 362 -8.78 -7.87 -2.24
N LEU E 363 -8.00 -6.97 -1.65
CA LEU E 363 -7.91 -5.59 -2.14
C LEU E 363 -7.17 -5.50 -3.48
N LEU E 364 -6.37 -6.51 -3.78
CA LEU E 364 -5.58 -6.50 -5.01
C LEU E 364 -6.30 -7.27 -6.11
N SER E 365 -7.38 -7.96 -5.75
CA SER E 365 -8.20 -8.67 -6.73
C SER E 365 -8.91 -7.69 -7.64
N LYS E 366 -9.09 -8.08 -8.90
CA LYS E 366 -9.79 -7.24 -9.86
C LYS E 366 -11.30 -7.38 -9.70
N ASP E 367 -11.70 -8.33 -8.85
CA ASP E 367 -13.11 -8.56 -8.59
C ASP E 367 -13.56 -7.90 -7.28
N HIS E 368 -12.65 -7.18 -6.64
CA HIS E 368 -12.95 -6.50 -5.39
C HIS E 368 -13.98 -5.40 -5.58
N LYS E 369 -15.08 -5.49 -4.84
CA LYS E 369 -16.13 -4.47 -4.88
C LYS E 369 -15.71 -3.24 -4.08
N GLN E 370 -15.76 -2.08 -4.73
CA GLN E 370 -15.40 -0.83 -4.06
C GLN E 370 -16.56 -0.29 -3.23
N LEU E 371 -16.85 -0.98 -2.13
CA LEU E 371 -17.93 -0.58 -1.23
C LEU E 371 -17.49 -0.74 0.22
N VAL E 372 -17.43 0.37 0.94
CA VAL E 372 -16.92 0.36 2.31
C VAL E 372 -18.00 0.68 3.33
N PRO E 373 -18.52 -0.35 4.02
CA PRO E 373 -19.53 -0.15 5.05
C PRO E 373 -18.96 0.44 6.33
N PHE E 374 -19.64 1.43 6.90
CA PHE E 374 -19.32 1.89 8.25
C PHE E 374 -20.18 1.09 9.22
N ARG E 375 -19.81 1.07 10.50
CA ARG E 375 -20.50 0.23 11.46
C ARG E 375 -21.95 0.69 11.69
N ASN E 376 -22.18 1.99 11.61
CA ASN E 376 -23.52 2.53 11.89
C ASN E 376 -24.45 2.46 10.69
N GLY E 377 -24.05 1.73 9.66
CA GLY E 377 -24.89 1.53 8.49
C GLY E 377 -24.49 2.39 7.30
N ASP E 378 -23.74 3.45 7.55
CA ASP E 378 -23.24 4.31 6.48
C ASP E 378 -22.29 3.55 5.56
N TYR E 379 -22.08 4.06 4.36
CA TYR E 379 -21.15 3.43 3.43
C TYR E 379 -20.50 4.42 2.47
N ILE E 380 -19.36 4.02 1.92
CA ILE E 380 -18.62 4.85 0.98
C ILE E 380 -18.37 4.12 -0.34
N THR E 381 -18.79 4.72 -1.45
CA THR E 381 -18.50 4.20 -2.78
C THR E 381 -17.87 5.31 -3.61
N PRO E 382 -17.09 4.96 -4.64
CA PRO E 382 -16.42 5.96 -5.48
C PRO E 382 -17.35 7.01 -6.12
N THR E 383 -18.64 6.70 -6.23
CA THR E 383 -19.58 7.62 -6.87
C THR E 383 -20.50 8.30 -5.84
N TYR E 384 -21.34 7.52 -5.19
CA TYR E 384 -22.24 8.06 -4.17
C TYR E 384 -21.93 7.46 -2.79
N SER E 385 -22.23 8.22 -1.74
CA SER E 385 -22.01 7.74 -0.37
C SER E 385 -23.17 8.11 0.53
N MET E 386 -23.39 7.29 1.56
CA MET E 386 -24.37 7.62 2.59
C MET E 386 -23.66 7.98 3.88
N ILE E 387 -23.89 9.21 4.34
CA ILE E 387 -23.25 9.70 5.55
C ILE E 387 -24.29 10.30 6.49
N GLY E 388 -24.46 9.69 7.65
CA GLY E 388 -25.45 10.13 8.61
C GLY E 388 -26.86 9.81 8.15
N GLY E 389 -26.98 8.84 7.24
CA GLY E 389 -28.27 8.44 6.71
C GLY E 389 -28.71 9.30 5.55
N ASN E 390 -27.81 10.16 5.08
CA ASN E 390 -28.12 11.05 3.97
C ASN E 390 -27.16 10.84 2.80
N MET E 391 -27.59 11.20 1.61
CA MET E 391 -26.83 10.88 0.40
C MET E 391 -25.93 12.03 -0.07
N TYR E 392 -24.72 11.67 -0.48
CA TYR E 392 -23.74 12.64 -0.95
C TYR E 392 -23.02 12.15 -2.21
N ASN E 393 -22.73 13.08 -3.12
CA ASN E 393 -21.82 12.79 -4.21
C ASN E 393 -20.42 12.65 -3.64
N GLN E 394 -19.84 11.46 -3.74
CA GLN E 394 -18.53 11.19 -3.17
C GLN E 394 -17.44 12.04 -3.81
N GLN E 395 -17.63 12.39 -5.08
CA GLN E 395 -16.61 13.10 -5.83
C GLN E 395 -16.66 14.61 -5.61
N THR E 396 -17.86 15.16 -5.40
CA THR E 396 -18.02 16.60 -5.29
C THR E 396 -18.41 17.06 -3.89
N GLY E 397 -18.95 16.13 -3.09
CA GLY E 397 -19.33 16.44 -1.73
C GLY E 397 -20.71 17.03 -1.60
N GLU E 398 -21.31 17.38 -2.73
CA GLU E 398 -22.63 18.01 -2.73
C GLU E 398 -23.74 16.98 -2.52
N PRO E 399 -24.70 17.33 -1.65
CA PRO E 399 -25.80 16.43 -1.24
C PRO E 399 -26.66 15.94 -2.40
N ILE E 400 -27.21 14.75 -2.26
CA ILE E 400 -28.14 14.21 -3.24
C ILE E 400 -29.55 14.22 -2.66
N ALA E 401 -30.41 15.05 -3.24
CA ALA E 401 -31.75 15.30 -2.70
C ALA E 401 -32.60 14.04 -2.60
N THR E 402 -32.75 13.34 -3.72
CA THR E 402 -33.56 12.13 -3.74
C THR E 402 -32.71 10.89 -3.96
N GLU E 403 -33.09 9.82 -3.26
CA GLU E 403 -32.32 8.58 -3.25
C GLU E 403 -32.80 7.60 -4.32
N THR E 404 -31.89 7.22 -5.21
CA THR E 404 -32.23 6.31 -6.31
C THR E 404 -32.29 4.86 -5.85
N LYS E 405 -32.58 3.95 -6.77
CA LYS E 405 -32.67 2.52 -6.46
C LYS E 405 -31.33 1.94 -6.02
N GLU E 406 -30.29 2.23 -6.80
CA GLU E 406 -28.96 1.70 -6.55
C GLU E 406 -28.42 2.19 -5.21
N MET E 407 -28.76 3.42 -4.86
CA MET E 407 -28.38 3.99 -3.58
C MET E 407 -29.14 3.29 -2.45
N LYS E 408 -30.34 2.83 -2.78
CA LYS E 408 -31.17 2.10 -1.83
C LYS E 408 -30.75 0.64 -1.76
N GLU E 409 -30.34 0.10 -2.90
CA GLU E 409 -29.95 -1.30 -3.00
C GLU E 409 -28.66 -1.58 -2.24
N THR E 410 -27.64 -0.75 -2.44
CA THR E 410 -26.37 -0.92 -1.75
C THR E 410 -26.54 -0.67 -0.26
N LYS E 411 -27.48 0.22 0.08
CA LYS E 411 -27.80 0.50 1.47
C LYS E 411 -28.23 -0.77 2.19
N GLU E 412 -29.00 -1.60 1.50
CA GLU E 412 -29.53 -2.82 2.09
C GLU E 412 -28.52 -3.96 2.03
N LYS E 413 -27.63 -3.92 1.04
CA LYS E 413 -26.53 -4.88 0.97
C LYS E 413 -25.62 -4.68 2.18
N VAL E 414 -25.36 -3.42 2.49
CA VAL E 414 -24.51 -3.06 3.63
C VAL E 414 -25.13 -3.54 4.94
N ALA E 415 -26.44 -3.31 5.10
CA ALA E 415 -27.15 -3.71 6.31
C ALA E 415 -27.16 -5.22 6.48
N LYS E 416 -27.25 -5.94 5.36
CA LYS E 416 -27.28 -7.40 5.38
C LYS E 416 -25.93 -7.97 5.83
N GLU E 417 -24.85 -7.41 5.29
CA GLU E 417 -23.50 -7.82 5.64
C GLU E 417 -23.24 -7.62 7.13
N LEU E 418 -23.69 -6.47 7.64
CA LEU E 418 -23.46 -6.12 9.04
C LEU E 418 -24.22 -7.05 9.99
N GLU E 419 -25.42 -7.46 9.60
CA GLU E 419 -26.23 -8.31 10.46
C GLU E 419 -25.79 -9.76 10.39
N LEU E 420 -25.21 -10.16 9.26
CA LEU E 420 -24.69 -11.51 9.11
C LEU E 420 -23.40 -11.67 9.91
N SER E 421 -22.64 -10.59 10.02
CA SER E 421 -21.44 -10.58 10.85
C SER E 421 -21.83 -10.66 12.32
N ASP E 422 -22.94 -10.03 12.66
CA ASP E 422 -23.45 -10.09 14.03
C ASP E 422 -23.98 -11.49 14.33
N SER E 423 -24.56 -12.13 13.31
CA SER E 423 -25.08 -13.49 13.44
C SER E 423 -23.99 -14.44 13.93
N VAL E 424 -22.78 -14.24 13.42
CA VAL E 424 -21.64 -15.07 13.80
C VAL E 424 -21.25 -14.83 15.25
N LEU E 425 -21.22 -13.57 15.67
CA LEU E 425 -20.80 -13.22 17.02
C LEU E 425 -21.85 -13.54 18.07
N GLN E 426 -23.11 -13.24 17.78
CA GLN E 426 -24.18 -13.43 18.75
C GLN E 426 -24.50 -14.91 18.96
N GLY E 427 -24.71 -15.63 17.87
CA GLY E 427 -25.04 -17.04 17.95
C GLY E 427 -23.84 -17.95 18.11
N ASP E 428 -22.64 -17.36 18.06
CA ASP E 428 -21.38 -18.10 18.12
C ASP E 428 -21.37 -19.23 17.10
N LEU E 429 -21.51 -18.86 15.83
CA LEU E 429 -21.75 -19.83 14.76
C LEU E 429 -20.51 -20.64 14.37
N LEU E 430 -19.32 -20.20 14.79
CA LEU E 430 -18.10 -20.89 14.41
C LEU E 430 -17.90 -22.18 15.19
N ARG E 431 -18.83 -22.48 16.09
CA ARG E 431 -18.82 -23.75 16.79
C ARG E 431 -19.33 -24.86 15.87
N PHE E 432 -20.20 -24.48 14.93
CA PHE E 432 -20.88 -25.45 14.09
C PHE E 432 -20.30 -25.50 12.68
N TYR E 433 -19.20 -24.78 12.44
CA TYR E 433 -18.59 -24.79 11.12
C TYR E 433 -17.07 -24.67 11.15
N ALA E 434 -16.43 -25.29 10.17
CA ALA E 434 -15.01 -25.17 9.91
C ALA E 434 -14.71 -25.80 8.56
N PRO E 435 -13.81 -25.19 7.77
CA PRO E 435 -13.35 -25.85 6.54
C PRO E 435 -12.79 -27.23 6.88
N ASP E 436 -13.06 -28.23 6.06
CA ASP E 436 -12.76 -29.62 6.41
C ASP E 436 -11.29 -29.85 6.75
N GLY E 437 -10.39 -29.09 6.15
CA GLY E 437 -8.97 -29.20 6.45
C GLY E 437 -8.60 -28.56 7.76
N PHE E 438 -9.44 -27.63 8.22
CA PHE E 438 -9.14 -26.80 9.39
C PHE E 438 -9.13 -27.58 10.70
N LYS E 439 -8.22 -27.22 11.59
CA LYS E 439 -8.14 -27.77 12.94
C LYS E 439 -8.41 -26.68 13.97
N LYS E 440 -9.42 -26.90 14.81
CA LYS E 440 -9.86 -25.87 15.76
C LYS E 440 -8.84 -25.62 16.87
N VAL E 441 -9.03 -24.52 17.58
CA VAL E 441 -8.09 -24.09 18.62
C VAL E 441 -8.55 -24.54 20.01
N ASP E 442 -7.60 -25.01 20.81
CA ASP E 442 -7.88 -25.38 22.20
C ASP E 442 -7.35 -24.29 23.14
N PRO E 443 -8.24 -23.35 23.53
CA PRO E 443 -7.86 -22.17 24.29
C PRO E 443 -7.29 -22.45 25.69
N SER E 444 -7.43 -23.68 26.15
CA SER E 444 -6.92 -24.04 27.48
C SER E 444 -5.41 -24.23 27.46
N LYS E 445 -4.86 -24.50 26.29
CA LYS E 445 -3.45 -24.81 26.14
C LYS E 445 -2.55 -23.58 26.07
N TYR E 446 -3.09 -22.43 26.45
CA TYR E 446 -2.34 -21.18 26.34
C TYR E 446 -2.10 -20.52 27.69
N ASN E 447 -0.92 -19.93 27.85
CA ASN E 447 -0.58 -19.19 29.06
C ASN E 447 0.38 -18.05 28.75
N TYR E 448 -0.06 -16.82 29.00
CA TYR E 448 0.74 -15.64 28.69
C TYR E 448 1.44 -15.11 29.94
N ASN E 449 1.51 -15.92 30.98
CA ASN E 449 2.18 -15.54 32.21
C ASN E 449 3.66 -15.89 32.17
N LYS E 450 4.46 -15.14 32.92
CA LYS E 450 5.90 -15.27 32.89
C LYS E 450 6.41 -16.19 34.00
#